data_6Z1M
#
_entry.id   6Z1M
#
_cell.length_a   58.934
_cell.length_b   89.496
_cell.length_c   141.120
_cell.angle_alpha   90.000
_cell.angle_beta   94.211
_cell.angle_gamma   90.000
#
_symmetry.space_group_name_H-M   'P 1 21 1'
#
loop_
_entity.id
_entity.type
_entity.pdbx_description
1 polymer 'Ancestral reconstructed glycosidase'
2 non-polymer 'PROTOPORPHYRIN IX CONTAINING FE'
3 non-polymer GLYCEROL
4 non-polymer 1,2-ETHANEDIOL
5 non-polymer 'MAGNESIUM ION'
6 water water
#
_entity_poly.entity_id   1
_entity_poly.type   'polypeptide(L)'
_entity_poly.pdbx_seq_one_letter_code
;MTQTAAKSLKFPKDFLWGAATAAYQIEGAANEDGRGPSIWDTFSHTPGKVHNGDNGDVACDHYHRYKEDVELMKELGLNA
YRFSISWPRILPEGEGKVNQKGLDFYNNLIDELLENGIEPFVTLYHWDLPQALQDKGGWENRETVDAFAEYARVCFERFG
DRVKYWITFNEPNVFAVLGYLSGVHPPGMKDLKKAFRAAHNLLLAHARAVKAYREISQNGQIGITLNLSPVYPASDNEEE
DKAAAERADQFNNWFLDPIFKGKYEHMLERLGEQIAANGGELPEITDEMEILSASLDFIGLNYYTSNLVRANPNSGSSSV
KPPDLPRTDMGWEIYPEGLYDLLKRIHEKYNLPIYITENGMAVDDEVEDGAVHDTNRIDYLKEHLEAVHKAIEEGVNVRG
YFVWSLMDNFEWANGYSKRFGLIYVDYKTQKRTPKKSAYWYREVIKSNGLELEHHHHHH
;
_entity_poly.pdbx_strand_id   A,B,C
#
# COMPACT_ATOMS: atom_id res chain seq x y z
N LEU A 9 -10.45 -22.63 -35.15
CA LEU A 9 -9.11 -23.20 -34.99
C LEU A 9 -8.99 -23.98 -33.69
N LYS A 10 -9.32 -25.28 -33.73
CA LYS A 10 -9.21 -26.13 -32.56
C LYS A 10 -7.85 -26.81 -32.51
N PHE A 11 -7.44 -27.14 -31.30
CA PHE A 11 -6.12 -27.69 -31.04
C PHE A 11 -6.20 -29.18 -30.71
N PRO A 12 -5.06 -29.91 -30.76
CA PRO A 12 -5.08 -31.34 -30.43
C PRO A 12 -5.78 -31.69 -29.13
N LYS A 13 -6.13 -32.99 -29.00
N LYS A 13 -6.13 -32.98 -28.97
CA LYS A 13 -6.97 -33.46 -27.90
CA LYS A 13 -7.00 -33.40 -27.88
C LYS A 13 -6.36 -33.15 -26.54
C LYS A 13 -6.37 -33.16 -26.51
N ASP A 14 -5.14 -33.63 -26.30
CA ASP A 14 -4.48 -33.52 -25.01
C ASP A 14 -3.38 -32.45 -25.03
N PHE A 15 -3.64 -31.34 -25.71
CA PHE A 15 -2.67 -30.26 -25.82
C PHE A 15 -2.42 -29.63 -24.45
N LEU A 16 -1.18 -29.22 -24.20
CA LEU A 16 -0.83 -28.61 -22.93
C LEU A 16 -1.02 -27.10 -23.02
N TRP A 17 -1.93 -26.57 -22.21
CA TRP A 17 -2.18 -25.14 -22.08
C TRP A 17 -1.58 -24.68 -20.76
N GLY A 18 -0.51 -23.87 -20.83
CA GLY A 18 0.16 -23.49 -19.60
C GLY A 18 0.76 -22.11 -19.68
N ALA A 19 1.44 -21.75 -18.59
CA ALA A 19 2.28 -20.57 -18.50
C ALA A 19 3.56 -20.95 -17.78
N ALA A 20 4.60 -20.17 -17.99
CA ALA A 20 5.94 -20.52 -17.53
C ALA A 20 6.51 -19.42 -16.65
N THR A 21 7.31 -19.82 -15.67
CA THR A 21 8.08 -18.93 -14.81
C THR A 21 9.46 -19.54 -14.57
N ALA A 22 10.26 -18.89 -13.72
CA ALA A 22 11.56 -19.42 -13.33
C ALA A 22 11.83 -19.03 -11.88
N ALA A 23 12.62 -19.87 -11.21
CA ALA A 23 12.72 -19.79 -9.75
C ALA A 23 13.21 -18.42 -9.29
N TYR A 24 14.33 -17.94 -9.84
CA TYR A 24 14.85 -16.67 -9.34
C TYR A 24 14.00 -15.48 -9.74
N GLN A 25 13.16 -15.62 -10.77
CA GLN A 25 12.38 -14.49 -11.21
C GLN A 25 11.14 -14.26 -10.36
N ILE A 26 10.66 -15.27 -9.63
CA ILE A 26 9.39 -15.12 -8.93
C ILE A 26 9.46 -15.50 -7.45
N GLU A 27 10.39 -16.39 -7.08
CA GLU A 27 10.27 -17.04 -5.78
C GLU A 27 10.47 -16.06 -4.64
N GLY A 28 11.50 -15.23 -4.70
CA GLY A 28 11.85 -14.49 -3.51
C GLY A 28 12.43 -15.44 -2.47
N ALA A 29 12.31 -15.03 -1.20
CA ALA A 29 12.88 -15.76 -0.07
C ALA A 29 14.32 -16.19 -0.39
N ALA A 30 15.10 -15.23 -0.90
CA ALA A 30 16.43 -15.56 -1.41
C ALA A 30 17.36 -16.01 -0.30
N ASN A 31 17.18 -15.48 0.90
CA ASN A 31 18.07 -15.72 2.03
C ASN A 31 17.32 -16.29 3.22
N GLU A 32 16.25 -17.05 2.96
CA GLU A 32 15.50 -17.73 4.00
C GLU A 32 15.58 -19.24 3.80
N ASP A 33 15.33 -19.95 4.89
CA ASP A 33 15.07 -21.39 4.85
C ASP A 33 16.17 -22.14 4.13
N GLY A 34 17.41 -21.83 4.50
CA GLY A 34 18.56 -22.60 4.04
C GLY A 34 18.93 -22.47 2.58
N ARG A 35 18.37 -21.51 1.85
CA ARG A 35 18.74 -21.36 0.45
C ARG A 35 20.11 -20.71 0.34
N GLY A 36 21.00 -21.33 -0.43
CA GLY A 36 22.28 -20.75 -0.72
C GLY A 36 22.16 -19.72 -1.82
N PRO A 37 23.18 -18.88 -1.97
CA PRO A 37 23.13 -17.86 -3.02
C PRO A 37 23.46 -18.43 -4.38
N SER A 38 22.76 -17.93 -5.40
CA SER A 38 23.10 -18.21 -6.79
C SER A 38 23.89 -17.04 -7.34
N ILE A 39 24.49 -17.26 -8.52
CA ILE A 39 25.25 -16.18 -9.16
C ILE A 39 24.36 -14.99 -9.46
N TRP A 40 23.04 -15.18 -9.53
CA TRP A 40 22.14 -14.05 -9.73
C TRP A 40 21.88 -13.27 -8.45
N ASP A 41 21.95 -13.92 -7.28
CA ASP A 41 22.01 -13.17 -6.02
C ASP A 41 23.25 -12.31 -5.98
N THR A 42 24.41 -12.90 -6.26
CA THR A 42 25.66 -12.17 -6.31
C THR A 42 25.58 -11.03 -7.32
N PHE A 43 25.04 -11.31 -8.51
CA PHE A 43 25.03 -10.36 -9.60
C PHE A 43 24.12 -9.17 -9.29
N SER A 44 22.91 -9.45 -8.79
CA SER A 44 21.93 -8.39 -8.56
C SER A 44 22.21 -7.58 -7.30
N HIS A 45 23.19 -7.99 -6.49
CA HIS A 45 23.64 -7.19 -5.37
C HIS A 45 24.99 -6.54 -5.62
N THR A 46 25.47 -6.59 -6.86
CA THR A 46 26.62 -5.83 -7.32
C THR A 46 26.13 -4.56 -8.01
N PRO A 47 26.67 -3.39 -7.65
CA PRO A 47 26.21 -2.14 -8.26
C PRO A 47 26.43 -2.13 -9.77
N GLY A 48 25.45 -1.57 -10.48
CA GLY A 48 25.57 -1.34 -11.90
C GLY A 48 25.36 -2.53 -12.79
N LYS A 49 24.80 -3.63 -12.27
CA LYS A 49 24.58 -4.83 -13.07
C LYS A 49 23.12 -5.08 -13.43
N VAL A 50 22.18 -4.55 -12.66
CA VAL A 50 20.75 -4.76 -12.87
C VAL A 50 20.06 -3.41 -12.87
N HIS A 51 19.09 -3.23 -13.77
CA HIS A 51 18.36 -1.98 -13.88
C HIS A 51 17.81 -1.53 -12.53
N ASN A 52 18.00 -0.25 -12.22
CA ASN A 52 17.42 0.40 -11.03
C ASN A 52 17.88 -0.25 -9.72
N GLY A 53 18.97 -1.02 -9.73
CA GLY A 53 19.38 -1.74 -8.55
C GLY A 53 18.42 -2.83 -8.10
N ASP A 54 17.60 -3.35 -9.00
CA ASP A 54 16.65 -4.37 -8.61
C ASP A 54 17.37 -5.67 -8.28
N ASN A 55 16.75 -6.46 -7.40
CA ASN A 55 17.22 -7.81 -7.12
C ASN A 55 16.01 -8.71 -6.95
N GLY A 56 16.27 -9.99 -6.78
CA GLY A 56 15.18 -10.93 -6.59
C GLY A 56 15.08 -11.48 -5.18
N ASP A 57 15.45 -10.67 -4.17
CA ASP A 57 15.34 -11.15 -2.79
C ASP A 57 13.89 -11.43 -2.42
N VAL A 58 12.99 -10.54 -2.80
CA VAL A 58 11.56 -10.75 -2.58
C VAL A 58 10.84 -11.18 -3.84
N ALA A 59 11.16 -10.56 -4.99
CA ALA A 59 10.56 -10.88 -6.29
C ALA A 59 9.04 -10.92 -6.13
N CYS A 60 8.36 -11.98 -6.54
CA CYS A 60 6.92 -12.09 -6.38
C CYS A 60 6.52 -12.74 -5.07
N ASP A 61 7.50 -13.05 -4.21
CA ASP A 61 7.27 -13.77 -2.97
C ASP A 61 6.46 -15.05 -3.22
N HIS A 62 6.74 -15.66 -4.38
CA HIS A 62 6.02 -16.88 -4.74
C HIS A 62 6.31 -18.02 -3.78
N TYR A 63 7.49 -18.01 -3.16
CA TYR A 63 7.83 -19.04 -2.18
C TYR A 63 6.79 -19.11 -1.06
N HIS A 64 6.26 -17.94 -0.67
CA HIS A 64 5.24 -17.89 0.38
C HIS A 64 3.82 -17.87 -0.15
N ARG A 65 3.61 -17.48 -1.40
CA ARG A 65 2.28 -17.22 -1.92
C ARG A 65 1.87 -18.20 -3.01
N TYR A 66 2.49 -19.39 -3.04
CA TYR A 66 2.27 -20.30 -4.15
C TYR A 66 0.84 -20.85 -4.18
N LYS A 67 0.22 -21.06 -3.02
CA LYS A 67 -1.15 -21.57 -3.02
C LYS A 67 -2.12 -20.57 -3.67
N GLU A 68 -1.91 -19.27 -3.40
CA GLU A 68 -2.72 -18.25 -4.06
C GLU A 68 -2.41 -18.19 -5.55
N ASP A 69 -1.15 -18.37 -5.93
CA ASP A 69 -0.78 -18.36 -7.33
C ASP A 69 -1.34 -19.58 -8.07
N VAL A 70 -1.32 -20.75 -7.42
CA VAL A 70 -1.88 -21.94 -8.05
C VAL A 70 -3.39 -21.80 -8.20
N GLU A 71 -4.05 -21.18 -7.21
CA GLU A 71 -5.48 -20.91 -7.32
C GLU A 71 -5.80 -20.07 -8.55
N LEU A 72 -4.96 -19.06 -8.83
CA LEU A 72 -5.14 -18.27 -10.05
C LEU A 72 -4.88 -19.10 -11.30
N MET A 73 -3.90 -20.01 -11.25
CA MET A 73 -3.71 -20.94 -12.35
C MET A 73 -4.96 -21.74 -12.63
N LYS A 74 -5.61 -22.24 -11.56
CA LYS A 74 -6.85 -22.99 -11.71
C LYS A 74 -7.95 -22.12 -12.30
N GLU A 75 -8.01 -20.84 -11.90
CA GLU A 75 -8.99 -19.93 -12.47
C GLU A 75 -8.74 -19.73 -13.96
N LEU A 76 -7.47 -19.69 -14.36
CA LEU A 76 -7.13 -19.63 -15.78
C LEU A 76 -7.41 -20.94 -16.50
N GLY A 77 -7.47 -22.06 -15.77
CA GLY A 77 -7.67 -23.36 -16.38
C GLY A 77 -6.44 -23.93 -17.05
N LEU A 78 -5.28 -23.79 -16.43
CA LEU A 78 -4.05 -24.26 -17.05
C LEU A 78 -3.96 -25.78 -17.03
N ASN A 79 -3.69 -26.37 -18.19
CA ASN A 79 -3.32 -27.79 -18.25
C ASN A 79 -2.06 -28.06 -17.46
N ALA A 80 -1.02 -27.26 -17.71
CA ALA A 80 0.30 -27.47 -17.15
C ALA A 80 0.83 -26.12 -16.66
N TYR A 81 1.94 -26.19 -15.93
CA TYR A 81 2.60 -24.99 -15.42
C TYR A 81 4.09 -25.27 -15.47
N ARG A 82 4.82 -24.45 -16.20
CA ARG A 82 6.26 -24.64 -16.32
C ARG A 82 6.97 -23.75 -15.30
N PHE A 83 7.83 -24.36 -14.50
CA PHE A 83 8.62 -23.64 -13.51
C PHE A 83 9.98 -24.30 -13.39
N SER A 84 10.89 -23.65 -12.68
CA SER A 84 12.21 -24.22 -12.45
C SER A 84 12.43 -24.45 -10.96
N ILE A 85 13.30 -25.40 -10.66
CA ILE A 85 13.76 -25.64 -9.30
C ILE A 85 15.00 -24.80 -9.08
N SER A 86 15.08 -24.14 -7.92
CA SER A 86 16.26 -23.37 -7.54
C SER A 86 17.32 -24.33 -7.04
N TRP A 87 18.36 -24.54 -7.86
CA TRP A 87 19.49 -25.37 -7.44
C TRP A 87 20.05 -24.99 -6.07
N PRO A 88 20.37 -23.72 -5.78
CA PRO A 88 20.92 -23.41 -4.45
C PRO A 88 19.90 -23.46 -3.33
N ARG A 89 18.61 -23.67 -3.63
CA ARG A 89 17.62 -23.93 -2.58
C ARG A 89 17.53 -25.40 -2.22
N ILE A 90 17.93 -26.29 -3.11
CA ILE A 90 17.99 -27.72 -2.85
C ILE A 90 19.35 -28.11 -2.29
N LEU A 91 20.41 -27.60 -2.93
CA LEU A 91 21.79 -27.84 -2.52
C LEU A 91 22.48 -26.49 -2.39
N PRO A 92 22.50 -25.93 -1.18
CA PRO A 92 23.02 -24.56 -1.00
C PRO A 92 24.45 -24.37 -1.49
N GLU A 93 25.28 -25.41 -1.42
CA GLU A 93 26.61 -25.38 -2.02
C GLU A 93 26.64 -26.07 -3.38
N GLY A 94 25.47 -26.33 -3.98
CA GLY A 94 25.40 -27.05 -5.23
C GLY A 94 25.62 -28.54 -5.15
N GLU A 95 25.97 -29.07 -3.97
CA GLU A 95 26.28 -30.48 -3.80
C GLU A 95 26.35 -30.77 -2.31
N GLY A 96 26.25 -32.03 -1.98
CA GLY A 96 26.36 -32.47 -0.58
C GLY A 96 25.02 -32.39 0.14
N LYS A 97 25.00 -31.65 1.25
CA LYS A 97 23.82 -31.61 2.12
C LYS A 97 22.63 -31.02 1.38
N VAL A 98 21.49 -31.72 1.49
CA VAL A 98 20.26 -31.28 0.84
C VAL A 98 19.46 -30.44 1.83
N ASN A 99 19.00 -29.28 1.37
CA ASN A 99 18.21 -28.38 2.19
C ASN A 99 16.79 -28.91 2.30
N GLN A 100 16.38 -29.31 3.50
CA GLN A 100 15.10 -29.99 3.67
C GLN A 100 13.94 -29.05 3.35
N LYS A 101 13.98 -27.83 3.88
CA LYS A 101 12.90 -26.88 3.62
C LYS A 101 12.76 -26.55 2.14
N GLY A 102 13.84 -26.71 1.37
CA GLY A 102 13.73 -26.50 -0.06
C GLY A 102 13.00 -27.62 -0.76
N LEU A 103 13.26 -28.87 -0.35
CA LEU A 103 12.49 -29.99 -0.85
C LEU A 103 11.02 -29.85 -0.50
N ASP A 104 10.73 -29.44 0.75
CA ASP A 104 9.34 -29.32 1.18
C ASP A 104 8.57 -28.36 0.27
N PHE A 105 9.18 -27.24 -0.07
CA PHE A 105 8.49 -26.22 -0.87
C PHE A 105 8.09 -26.77 -2.23
N TYR A 106 9.05 -27.36 -2.95
CA TYR A 106 8.75 -27.91 -4.28
C TYR A 106 7.82 -29.11 -4.19
N ASN A 107 7.99 -29.95 -3.18
CA ASN A 107 7.02 -31.02 -2.95
C ASN A 107 5.62 -30.44 -2.71
N ASN A 108 5.54 -29.34 -1.97
CA ASN A 108 4.25 -28.70 -1.73
C ASN A 108 3.69 -28.06 -3.00
N LEU A 109 4.56 -27.41 -3.77
CA LEU A 109 4.10 -26.82 -5.03
C LEU A 109 3.56 -27.88 -5.98
N ILE A 110 4.25 -29.01 -6.08
CA ILE A 110 3.85 -30.06 -7.01
C ILE A 110 2.53 -30.69 -6.59
N ASP A 111 2.37 -30.97 -5.29
CA ASP A 111 1.10 -31.53 -4.82
C ASP A 111 -0.04 -30.54 -5.04
N GLU A 112 0.20 -29.26 -4.80
CA GLU A 112 -0.82 -28.24 -5.00
C GLU A 112 -1.20 -28.11 -6.48
N LEU A 113 -0.22 -28.22 -7.37
CA LEU A 113 -0.53 -28.21 -8.80
C LEU A 113 -1.36 -29.42 -9.20
N LEU A 114 -0.94 -30.61 -8.75
CA LEU A 114 -1.67 -31.82 -9.12
C LEU A 114 -3.05 -31.83 -8.50
N GLU A 115 -3.19 -31.31 -7.29
CA GLU A 115 -4.49 -31.25 -6.63
C GLU A 115 -5.50 -30.47 -7.48
N ASN A 116 -5.03 -29.45 -8.21
CA ASN A 116 -5.87 -28.63 -9.05
C ASN A 116 -5.80 -29.04 -10.52
N GLY A 117 -5.19 -30.18 -10.84
CA GLY A 117 -5.16 -30.66 -12.20
C GLY A 117 -4.22 -29.93 -13.12
N ILE A 118 -3.09 -29.46 -12.61
CA ILE A 118 -2.07 -28.77 -13.40
C ILE A 118 -0.82 -29.64 -13.40
N GLU A 119 -0.32 -29.97 -14.59
CA GLU A 119 0.82 -30.86 -14.71
C GLU A 119 2.13 -30.07 -14.56
N PRO A 120 3.05 -30.50 -13.69
CA PRO A 120 4.34 -29.82 -13.61
C PRO A 120 5.18 -30.05 -14.86
N PHE A 121 5.83 -28.99 -15.31
CA PHE A 121 6.75 -29.00 -16.44
C PHE A 121 8.01 -28.32 -15.90
N VAL A 122 9.00 -29.10 -15.50
CA VAL A 122 10.01 -28.66 -14.52
C VAL A 122 11.36 -28.49 -15.19
N THR A 123 11.92 -27.29 -15.07
CA THR A 123 13.27 -27.02 -15.55
C THR A 123 14.28 -27.23 -14.42
N LEU A 124 15.31 -28.03 -14.71
CA LEU A 124 16.38 -28.24 -13.74
C LEU A 124 17.20 -26.98 -13.53
N TYR A 125 17.63 -26.37 -14.62
CA TYR A 125 18.58 -25.25 -14.60
C TYR A 125 17.97 -24.09 -15.38
N HIS A 126 17.48 -23.08 -14.65
CA HIS A 126 17.08 -21.84 -15.29
C HIS A 126 17.98 -20.70 -14.83
N TRP A 127 19.29 -20.89 -14.91
CA TRP A 127 20.35 -19.88 -14.83
C TRP A 127 20.79 -19.54 -13.41
N ASP A 128 20.22 -20.15 -12.36
CA ASP A 128 20.61 -19.82 -11.00
C ASP A 128 21.66 -20.81 -10.47
N LEU A 129 22.81 -20.81 -11.13
CA LEU A 129 23.94 -21.65 -10.72
C LEU A 129 24.37 -21.27 -9.30
N PRO A 130 24.52 -22.23 -8.39
CA PRO A 130 24.93 -21.88 -7.03
C PRO A 130 26.30 -21.20 -7.02
N GLN A 131 26.38 -20.07 -6.30
CA GLN A 131 27.62 -19.30 -6.25
C GLN A 131 28.80 -20.13 -5.76
N ALA A 132 28.56 -21.07 -4.84
CA ALA A 132 29.65 -21.92 -4.36
C ALA A 132 30.31 -22.67 -5.51
N LEU A 133 29.51 -23.19 -6.44
CA LEU A 133 30.08 -23.85 -7.62
C LEU A 133 30.77 -22.83 -8.53
N GLN A 134 30.22 -21.63 -8.64
CA GLN A 134 30.89 -20.59 -9.42
C GLN A 134 32.21 -20.16 -8.78
N ASP A 135 32.34 -20.29 -7.46
CA ASP A 135 33.57 -19.89 -6.79
C ASP A 135 34.75 -20.75 -7.24
N LYS A 136 34.49 -22.00 -7.62
N LYS A 136 34.49 -22.00 -7.63
CA LYS A 136 35.54 -22.89 -8.10
CA LYS A 136 35.54 -22.89 -8.10
C LYS A 136 35.52 -23.05 -9.62
C LYS A 136 35.56 -23.03 -9.62
N GLY A 137 34.89 -22.13 -10.33
CA GLY A 137 34.92 -22.10 -11.78
C GLY A 137 33.60 -22.14 -12.52
N GLY A 138 32.51 -22.51 -11.86
CA GLY A 138 31.24 -22.66 -12.56
C GLY A 138 31.35 -23.68 -13.70
N TRP A 139 30.71 -23.36 -14.81
CA TRP A 139 30.70 -24.28 -15.95
C TRP A 139 32.05 -24.40 -16.64
N GLU A 140 33.02 -23.55 -16.30
CA GLU A 140 34.39 -23.79 -16.75
C GLU A 140 35.03 -24.97 -16.05
N ASN A 141 34.43 -25.46 -14.97
CA ASN A 141 34.99 -26.52 -14.14
C ASN A 141 34.17 -27.78 -14.34
N ARG A 142 34.85 -28.88 -14.64
N ARG A 142 34.85 -28.88 -14.66
CA ARG A 142 34.15 -30.14 -14.90
CA ARG A 142 34.18 -30.15 -14.88
C ARG A 142 33.53 -30.73 -13.63
C ARG A 142 33.45 -30.65 -13.64
N GLU A 143 33.88 -30.23 -12.45
CA GLU A 143 33.20 -30.66 -11.23
C GLU A 143 31.76 -30.15 -11.18
N THR A 144 31.50 -29.01 -11.81
CA THR A 144 30.12 -28.53 -11.91
C THR A 144 29.25 -29.50 -12.69
N VAL A 145 29.83 -30.25 -13.62
CA VAL A 145 29.09 -31.32 -14.28
C VAL A 145 28.74 -32.39 -13.28
N ASP A 146 29.72 -32.80 -12.46
CA ASP A 146 29.46 -33.76 -11.40
C ASP A 146 28.34 -33.30 -10.48
N ALA A 147 28.35 -32.01 -10.11
CA ALA A 147 27.34 -31.49 -9.20
C ALA A 147 25.98 -31.40 -9.87
N PHE A 148 25.94 -31.06 -11.16
CA PHE A 148 24.64 -31.01 -11.84
C PHE A 148 24.06 -32.40 -12.00
N ALA A 149 24.91 -33.42 -12.15
CA ALA A 149 24.42 -34.79 -12.24
C ALA A 149 23.77 -35.22 -10.93
N GLU A 150 24.42 -34.92 -9.80
N GLU A 150 24.44 -34.93 -9.81
CA GLU A 150 23.84 -35.29 -8.52
CA GLU A 150 23.88 -35.25 -8.50
C GLU A 150 22.59 -34.46 -8.23
C GLU A 150 22.59 -34.48 -8.25
N TYR A 151 22.59 -33.18 -8.58
CA TYR A 151 21.43 -32.34 -8.36
C TYR A 151 20.25 -32.77 -9.23
N ALA A 152 20.53 -33.22 -10.45
CA ALA A 152 19.46 -33.74 -11.31
C ALA A 152 18.89 -35.03 -10.74
N ARG A 153 19.76 -35.95 -10.31
CA ARG A 153 19.30 -37.19 -9.70
C ARG A 153 18.48 -36.94 -8.44
N VAL A 154 18.82 -35.89 -7.67
CA VAL A 154 18.11 -35.62 -6.43
C VAL A 154 16.66 -35.19 -6.72
N CYS A 155 16.45 -34.32 -7.71
CA CYS A 155 15.09 -33.92 -8.05
C CYS A 155 14.31 -35.09 -8.65
N PHE A 156 14.99 -35.94 -9.42
CA PHE A 156 14.30 -37.08 -10.02
C PHE A 156 13.83 -38.05 -8.95
N GLU A 157 14.62 -38.22 -7.88
CA GLU A 157 14.24 -39.13 -6.83
C GLU A 157 13.19 -38.54 -5.90
N ARG A 158 13.27 -37.23 -5.62
CA ARG A 158 12.32 -36.65 -4.67
C ARG A 158 11.02 -36.24 -5.35
N PHE A 159 11.10 -35.74 -6.58
CA PHE A 159 9.92 -35.26 -7.28
C PHE A 159 9.53 -36.07 -8.51
N GLY A 160 10.42 -36.92 -9.04
CA GLY A 160 10.16 -37.57 -10.31
C GLY A 160 8.97 -38.49 -10.32
N ASP A 161 8.49 -38.92 -9.14
CA ASP A 161 7.30 -39.75 -9.07
C ASP A 161 6.03 -39.00 -9.45
N ARG A 162 6.06 -37.66 -9.43
CA ARG A 162 4.89 -36.85 -9.76
C ARG A 162 5.11 -35.91 -10.93
N VAL A 163 6.35 -35.66 -11.33
CA VAL A 163 6.64 -34.83 -12.50
C VAL A 163 6.81 -35.73 -13.71
N LYS A 164 6.07 -35.41 -14.78
N LYS A 164 6.09 -35.43 -14.80
CA LYS A 164 6.12 -36.14 -16.02
CA LYS A 164 6.27 -36.23 -16.00
C LYS A 164 7.00 -35.49 -17.07
C LYS A 164 6.92 -35.47 -17.14
N TYR A 165 7.25 -34.19 -16.97
CA TYR A 165 7.99 -33.43 -17.97
C TYR A 165 9.16 -32.71 -17.31
N TRP A 166 10.37 -32.99 -17.77
CA TRP A 166 11.58 -32.36 -17.27
C TRP A 166 12.32 -31.65 -18.40
N ILE A 167 12.89 -30.49 -18.08
CA ILE A 167 13.81 -29.79 -18.98
C ILE A 167 15.14 -29.64 -18.25
N THR A 168 16.22 -30.06 -18.90
CA THR A 168 17.52 -29.95 -18.25
C THR A 168 17.97 -28.50 -18.15
N PHE A 169 18.24 -27.87 -19.29
CA PHE A 169 18.72 -26.50 -19.33
C PHE A 169 17.74 -25.63 -20.10
N ASN A 170 17.50 -24.43 -19.58
CA ASN A 170 16.72 -23.43 -20.31
C ASN A 170 17.67 -22.56 -21.11
N GLU A 171 17.56 -22.63 -22.44
CA GLU A 171 18.34 -21.81 -23.37
C GLU A 171 19.85 -21.81 -23.06
N PRO A 172 20.50 -22.97 -23.08
CA PRO A 172 21.96 -22.98 -22.90
C PRO A 172 22.68 -22.15 -23.97
N ASN A 173 22.06 -21.94 -25.13
CA ASN A 173 22.68 -21.10 -26.15
C ASN A 173 22.67 -19.63 -25.74
N VAL A 174 21.60 -19.19 -25.09
CA VAL A 174 21.51 -17.80 -24.66
C VAL A 174 22.40 -17.54 -23.44
N PHE A 175 22.33 -18.42 -22.44
CA PHE A 175 23.17 -18.25 -21.25
C PHE A 175 24.65 -18.21 -21.63
N ALA A 176 25.08 -19.11 -22.51
CA ALA A 176 26.47 -19.09 -22.95
C ALA A 176 26.85 -17.74 -23.55
N VAL A 177 25.98 -17.17 -24.36
CA VAL A 177 26.33 -15.92 -25.05
C VAL A 177 26.31 -14.76 -24.05
N LEU A 178 25.27 -14.68 -23.24
CA LEU A 178 25.12 -13.53 -22.34
C LEU A 178 26.14 -13.57 -21.21
N GLY A 179 26.37 -14.76 -20.64
CA GLY A 179 27.24 -14.89 -19.48
C GLY A 179 28.71 -15.06 -19.80
N TYR A 180 29.05 -15.48 -21.03
CA TYR A 180 30.44 -15.77 -21.36
C TYR A 180 30.98 -15.01 -22.56
N LEU A 181 30.14 -14.32 -23.32
CA LEU A 181 30.58 -13.64 -24.54
C LEU A 181 30.35 -12.14 -24.49
N SER A 182 29.14 -11.70 -24.13
CA SER A 182 28.89 -10.28 -23.95
C SER A 182 29.01 -9.84 -22.51
N GLY A 183 28.90 -10.78 -21.56
CA GLY A 183 29.13 -10.45 -20.17
C GLY A 183 28.04 -9.66 -19.51
N VAL A 184 26.84 -9.61 -20.11
CA VAL A 184 25.73 -8.88 -19.52
C VAL A 184 25.02 -9.69 -18.43
N HIS A 185 25.22 -10.99 -18.40
CA HIS A 185 24.70 -11.88 -17.37
C HIS A 185 25.86 -12.52 -16.62
N PRO A 186 25.65 -12.95 -15.39
CA PRO A 186 26.73 -13.65 -14.68
C PRO A 186 27.07 -14.94 -15.40
N PRO A 187 28.35 -15.35 -15.40
CA PRO A 187 29.50 -14.80 -14.66
C PRO A 187 30.20 -13.60 -15.29
N GLY A 188 29.57 -12.99 -16.29
CA GLY A 188 30.06 -11.73 -16.81
C GLY A 188 31.35 -11.81 -17.61
N MET A 189 31.64 -12.95 -18.20
CA MET A 189 32.83 -13.07 -19.04
C MET A 189 32.58 -12.54 -20.45
N LYS A 190 33.65 -12.06 -21.09
CA LYS A 190 33.65 -11.69 -22.50
C LYS A 190 34.81 -12.45 -23.17
N ASP A 191 34.67 -13.77 -23.26
CA ASP A 191 35.78 -14.63 -23.67
C ASP A 191 35.23 -15.82 -24.46
N LEU A 192 35.65 -15.95 -25.72
CA LEU A 192 35.09 -16.99 -26.59
C LEU A 192 35.62 -18.36 -26.22
N LYS A 193 36.92 -18.48 -25.95
CA LYS A 193 37.47 -19.77 -25.57
C LYS A 193 36.86 -20.30 -24.28
N LYS A 194 36.51 -19.40 -23.36
CA LYS A 194 35.83 -19.83 -22.14
C LYS A 194 34.41 -20.28 -22.46
N ALA A 195 33.76 -19.62 -23.41
CA ALA A 195 32.39 -19.99 -23.75
C ALA A 195 32.33 -21.39 -24.33
N PHE A 196 33.29 -21.75 -25.18
CA PHE A 196 33.29 -23.11 -25.74
C PHE A 196 33.54 -24.15 -24.66
N ARG A 197 34.41 -23.81 -23.71
N ARG A 197 34.40 -23.81 -23.69
CA ARG A 197 34.67 -24.68 -22.58
CA ARG A 197 34.64 -24.75 -22.60
C ARG A 197 33.43 -24.90 -21.73
C ARG A 197 33.41 -24.91 -21.73
N ALA A 198 32.70 -23.80 -21.45
CA ALA A 198 31.47 -23.91 -20.67
C ALA A 198 30.41 -24.68 -21.43
N ALA A 199 30.24 -24.37 -22.72
CA ALA A 199 29.29 -25.11 -23.55
C ALA A 199 29.60 -26.60 -23.52
N HIS A 200 30.88 -26.96 -23.54
CA HIS A 200 31.26 -28.37 -23.50
C HIS A 200 30.80 -29.02 -22.21
N ASN A 201 31.06 -28.36 -21.07
CA ASN A 201 30.63 -28.91 -19.79
C ASN A 201 29.12 -28.93 -19.69
N LEU A 202 28.45 -27.90 -20.23
CA LEU A 202 27.00 -27.90 -20.24
C LEU A 202 26.48 -29.12 -21.02
N LEU A 203 27.14 -29.46 -22.12
CA LEU A 203 26.74 -30.61 -22.91
C LEU A 203 26.86 -31.89 -22.10
N LEU A 204 28.03 -32.12 -21.48
CA LEU A 204 28.20 -33.28 -20.62
C LEU A 204 27.14 -33.32 -19.53
N ALA A 205 26.85 -32.17 -18.92
CA ALA A 205 25.88 -32.11 -17.85
C ALA A 205 24.50 -32.55 -18.32
N HIS A 206 24.09 -32.09 -19.51
CA HIS A 206 22.80 -32.50 -20.04
C HIS A 206 22.74 -34.01 -20.21
N ALA A 207 23.77 -34.58 -20.84
CA ALA A 207 23.77 -36.02 -21.09
C ALA A 207 23.77 -36.82 -19.79
N ARG A 208 24.55 -36.37 -18.80
N ARG A 208 24.55 -36.38 -18.80
CA ARG A 208 24.58 -37.06 -17.52
CA ARG A 208 24.57 -37.10 -17.53
C ARG A 208 23.23 -36.98 -16.82
C ARG A 208 23.24 -36.98 -16.80
N ALA A 209 22.55 -35.84 -16.94
CA ALA A 209 21.19 -35.74 -16.40
C ALA A 209 20.24 -36.67 -17.13
N VAL A 210 20.36 -36.74 -18.45
CA VAL A 210 19.56 -37.67 -19.25
C VAL A 210 19.87 -39.11 -18.85
N LYS A 211 21.16 -39.44 -18.71
CA LYS A 211 21.54 -40.75 -18.22
C LYS A 211 20.91 -41.03 -16.87
N ALA A 212 21.12 -40.13 -15.90
CA ALA A 212 20.54 -40.31 -14.57
C ALA A 212 19.04 -40.51 -14.62
N TYR A 213 18.36 -39.83 -15.54
CA TYR A 213 16.91 -39.93 -15.62
C TYR A 213 16.48 -41.32 -16.08
N ARG A 214 17.20 -41.89 -17.05
CA ARG A 214 16.82 -43.21 -17.55
C ARG A 214 17.18 -44.30 -16.56
N GLU A 215 18.17 -44.08 -15.72
CA GLU A 215 18.52 -45.09 -14.72
C GLU A 215 17.47 -45.18 -13.62
N ILE A 216 16.83 -44.06 -13.29
CA ILE A 216 15.74 -44.10 -12.33
C ILE A 216 14.46 -44.66 -12.96
N SER A 217 14.33 -44.54 -14.28
CA SER A 217 13.30 -45.26 -15.05
C SER A 217 11.89 -44.87 -14.65
N GLN A 218 11.66 -43.57 -14.44
CA GLN A 218 10.32 -43.06 -14.30
C GLN A 218 9.68 -42.89 -15.68
N ASN A 219 8.37 -43.06 -15.73
N ASN A 219 8.37 -43.06 -15.74
CA ASN A 219 7.63 -43.02 -17.00
CA ASN A 219 7.66 -43.03 -17.03
C ASN A 219 7.27 -41.58 -17.37
C ASN A 219 7.27 -41.60 -17.41
N GLY A 220 8.30 -40.78 -17.60
CA GLY A 220 8.13 -39.40 -18.01
C GLY A 220 9.12 -39.03 -19.09
N GLN A 221 9.00 -37.79 -19.56
CA GLN A 221 9.82 -37.29 -20.67
C GLN A 221 10.77 -36.20 -20.21
N ILE A 222 11.98 -36.21 -20.77
CA ILE A 222 12.98 -35.20 -20.48
C ILE A 222 13.47 -34.61 -21.80
N GLY A 223 13.63 -33.29 -21.83
CA GLY A 223 14.09 -32.60 -23.02
C GLY A 223 14.97 -31.41 -22.70
N ILE A 224 15.12 -30.50 -23.67
CA ILE A 224 15.91 -29.29 -23.51
C ILE A 224 15.12 -28.14 -24.09
N THR A 225 15.51 -26.92 -23.72
CA THR A 225 14.86 -25.70 -24.18
C THR A 225 15.84 -24.83 -24.94
N LEU A 226 15.42 -24.34 -26.11
CA LEU A 226 16.27 -23.49 -26.93
C LEU A 226 15.52 -22.25 -27.37
N ASN A 227 16.27 -21.17 -27.56
CA ASN A 227 15.76 -19.93 -28.13
C ASN A 227 16.57 -19.72 -29.41
N LEU A 228 16.06 -20.27 -30.52
CA LEU A 228 16.78 -20.21 -31.78
C LEU A 228 16.66 -18.86 -32.47
N SER A 229 16.01 -17.89 -31.83
CA SER A 229 15.81 -16.57 -32.42
C SER A 229 16.21 -15.46 -31.44
N PRO A 230 17.42 -15.51 -30.88
CA PRO A 230 17.75 -14.58 -29.79
C PRO A 230 17.99 -13.17 -30.29
N VAL A 231 17.55 -12.19 -29.51
CA VAL A 231 17.70 -10.77 -29.84
C VAL A 231 18.33 -10.08 -28.65
N TYR A 232 19.50 -9.44 -28.88
CA TYR A 232 20.24 -8.76 -27.82
C TYR A 232 20.27 -7.26 -28.07
N PRO A 233 20.04 -6.44 -27.04
CA PRO A 233 19.96 -4.98 -27.23
C PRO A 233 21.30 -4.32 -27.50
N ALA A 234 21.31 -2.98 -27.51
CA ALA A 234 22.43 -2.21 -28.05
C ALA A 234 23.21 -1.43 -27.00
N SER A 235 23.17 -1.86 -25.74
CA SER A 235 24.06 -1.31 -24.71
C SER A 235 24.03 0.21 -24.63
N ASP A 236 25.20 0.83 -24.43
CA ASP A 236 25.33 2.27 -24.63
C ASP A 236 26.75 2.66 -25.04
N ASN A 237 27.56 1.73 -25.54
CA ASN A 237 28.76 2.07 -26.30
C ASN A 237 28.96 0.99 -27.36
N GLU A 238 29.12 1.44 -28.61
CA GLU A 238 29.03 0.54 -29.76
C GLU A 238 30.25 -0.34 -29.92
N GLU A 239 31.39 0.06 -29.35
CA GLU A 239 32.62 -0.72 -29.53
C GLU A 239 32.48 -2.10 -28.90
N GLU A 240 31.92 -2.16 -27.69
CA GLU A 240 31.78 -3.45 -27.02
C GLU A 240 30.70 -4.31 -27.67
N ASP A 241 29.61 -3.69 -28.14
CA ASP A 241 28.59 -4.47 -28.82
C ASP A 241 29.14 -5.08 -30.10
N LYS A 242 29.96 -4.33 -30.84
N LYS A 242 29.97 -4.35 -30.83
CA LYS A 242 30.64 -4.88 -32.00
CA LYS A 242 30.62 -4.91 -32.01
C LYS A 242 31.46 -6.10 -31.61
C LYS A 242 31.49 -6.10 -31.64
N ALA A 243 32.31 -5.96 -30.58
CA ALA A 243 33.14 -7.07 -30.14
C ALA A 243 32.29 -8.21 -29.57
N ALA A 244 31.16 -7.89 -28.94
CA ALA A 244 30.30 -8.95 -28.42
C ALA A 244 29.51 -9.61 -29.55
N ALA A 245 29.08 -8.83 -30.53
CA ALA A 245 28.37 -9.40 -31.67
C ALA A 245 29.28 -10.33 -32.46
N GLU A 246 30.54 -9.95 -32.65
N GLU A 246 30.54 -9.93 -32.66
CA GLU A 246 31.45 -10.76 -33.44
CA GLU A 246 31.47 -10.75 -33.43
C GLU A 246 31.83 -12.05 -32.71
C GLU A 246 31.80 -12.04 -32.71
N ARG A 247 31.98 -11.98 -31.39
CA ARG A 247 32.20 -13.21 -30.62
C ARG A 247 30.97 -14.11 -30.68
N ALA A 248 29.77 -13.51 -30.63
CA ALA A 248 28.55 -14.31 -30.66
C ALA A 248 28.38 -15.01 -32.00
N ASP A 249 28.68 -14.32 -33.10
CA ASP A 249 28.54 -14.94 -34.43
C ASP A 249 29.50 -16.12 -34.57
N GLN A 250 30.73 -15.99 -34.07
CA GLN A 250 31.65 -17.11 -34.10
C GLN A 250 31.10 -18.28 -33.30
N PHE A 251 30.47 -18.00 -32.16
CA PHE A 251 29.94 -19.06 -31.31
C PHE A 251 28.71 -19.70 -31.93
N ASN A 252 27.77 -18.88 -32.42
CA ASN A 252 26.55 -19.42 -33.01
C ASN A 252 26.84 -20.15 -34.31
N ASN A 253 27.68 -19.58 -35.17
CA ASN A 253 27.98 -20.26 -36.43
C ASN A 253 28.62 -21.62 -36.20
N TRP A 254 29.37 -21.76 -35.10
CA TRP A 254 29.98 -23.05 -34.81
C TRP A 254 28.91 -24.12 -34.59
N PHE A 255 27.84 -23.77 -33.89
CA PHE A 255 26.76 -24.70 -33.61
C PHE A 255 25.77 -24.82 -34.76
N LEU A 256 25.82 -23.92 -35.74
CA LEU A 256 24.95 -23.97 -36.91
C LEU A 256 25.69 -24.53 -38.13
N ASP A 257 26.62 -25.45 -37.91
CA ASP A 257 27.42 -25.96 -39.00
C ASP A 257 26.58 -26.83 -39.93
N PRO A 258 26.63 -26.59 -41.25
CA PRO A 258 25.64 -27.22 -42.15
C PRO A 258 25.57 -28.73 -42.07
N ILE A 259 26.69 -29.42 -41.86
CA ILE A 259 26.68 -30.88 -41.91
C ILE A 259 26.55 -31.52 -40.54
N PHE A 260 26.76 -30.78 -39.45
CA PHE A 260 26.65 -31.32 -38.11
C PHE A 260 25.90 -30.32 -37.21
N LYS A 261 24.73 -29.89 -37.66
CA LYS A 261 23.98 -28.86 -36.96
C LYS A 261 23.32 -29.42 -35.69
N GLY A 262 22.41 -30.36 -35.84
CA GLY A 262 21.74 -30.92 -34.68
C GLY A 262 22.28 -32.24 -34.20
N LYS A 263 23.36 -32.76 -34.79
N LYS A 263 23.43 -32.68 -34.73
CA LYS A 263 23.89 -34.05 -34.38
CA LYS A 263 24.04 -33.97 -34.40
C LYS A 263 24.91 -33.81 -33.27
C LYS A 263 24.99 -33.79 -33.22
N TYR A 264 24.42 -33.85 -32.02
CA TYR A 264 25.23 -33.54 -30.84
C TYR A 264 26.13 -34.69 -30.42
N GLU A 265 25.98 -35.87 -31.01
CA GLU A 265 27.00 -36.90 -30.87
C GLU A 265 28.33 -36.40 -31.42
N HIS A 266 28.33 -35.85 -32.65
CA HIS A 266 29.54 -35.33 -33.25
C HIS A 266 29.91 -33.96 -32.69
N MET A 267 28.92 -33.20 -32.21
N MET A 267 28.93 -33.19 -32.22
CA MET A 267 29.21 -31.87 -31.66
CA MET A 267 29.22 -31.87 -31.66
C MET A 267 30.13 -31.96 -30.45
C MET A 267 30.15 -31.97 -30.46
N LEU A 268 29.89 -32.92 -29.56
CA LEU A 268 30.73 -33.07 -28.38
C LEU A 268 32.16 -33.41 -28.75
N GLU A 269 32.34 -34.32 -29.71
CA GLU A 269 33.67 -34.68 -30.17
C GLU A 269 34.37 -33.48 -30.80
N ARG A 270 33.70 -32.82 -31.74
CA ARG A 270 34.30 -31.65 -32.39
C ARG A 270 34.56 -30.53 -31.39
N LEU A 271 33.67 -30.36 -30.41
CA LEU A 271 33.88 -29.35 -29.39
C LEU A 271 35.12 -29.67 -28.56
N GLY A 272 35.19 -30.89 -28.03
CA GLY A 272 36.35 -31.30 -27.26
C GLY A 272 37.63 -31.27 -28.07
N GLU A 273 37.52 -31.51 -29.38
CA GLU A 273 38.70 -31.38 -30.25
C GLU A 273 39.02 -29.92 -30.49
N GLN A 274 37.99 -29.07 -30.65
CA GLN A 274 38.22 -27.64 -30.77
C GLN A 274 38.80 -27.07 -29.49
N ILE A 275 38.30 -27.53 -28.33
CA ILE A 275 38.96 -27.21 -27.06
C ILE A 275 40.38 -27.74 -27.07
N ALA A 276 40.57 -28.96 -27.55
CA ALA A 276 41.91 -29.54 -27.66
C ALA A 276 42.78 -28.74 -28.61
N ALA A 277 42.18 -28.10 -29.62
CA ALA A 277 42.95 -27.34 -30.59
C ALA A 277 43.68 -26.17 -29.93
N ASN A 278 42.93 -25.30 -29.25
CA ASN A 278 43.49 -24.08 -28.68
C ASN A 278 44.02 -24.26 -27.26
N GLY A 279 43.44 -25.18 -26.47
CA GLY A 279 43.84 -25.33 -25.09
C GLY A 279 44.18 -26.74 -24.64
N GLY A 280 43.71 -27.74 -25.37
CA GLY A 280 43.92 -29.12 -24.94
C GLY A 280 42.99 -29.46 -23.81
N GLU A 281 43.54 -30.07 -22.76
N GLU A 281 43.54 -30.10 -22.77
CA GLU A 281 42.90 -30.25 -21.45
CA GLU A 281 42.89 -30.26 -21.47
C GLU A 281 41.49 -30.83 -21.56
C GLU A 281 41.47 -30.81 -21.61
N LEU A 282 41.41 -32.10 -21.94
CA LEU A 282 40.11 -32.77 -22.10
C LEU A 282 40.07 -34.14 -21.42
N PRO A 283 39.27 -34.31 -20.35
CA PRO A 283 39.18 -35.60 -19.67
C PRO A 283 38.22 -36.58 -20.35
N GLU A 284 38.34 -37.85 -19.92
CA GLU A 284 37.66 -38.98 -20.55
C GLU A 284 36.15 -38.77 -20.60
N ILE A 285 35.52 -39.38 -21.61
CA ILE A 285 34.08 -39.32 -21.81
C ILE A 285 33.52 -40.74 -21.70
N THR A 286 32.67 -40.96 -20.69
CA THR A 286 32.18 -42.30 -20.38
C THR A 286 31.39 -42.91 -21.53
N ASP A 287 30.27 -42.28 -21.88
CA ASP A 287 29.36 -42.79 -22.90
C ASP A 287 28.45 -41.67 -23.37
N GLU A 288 28.83 -40.43 -23.06
CA GLU A 288 28.01 -39.26 -23.36
C GLU A 288 27.61 -39.20 -24.83
N MET A 289 28.54 -39.53 -25.73
CA MET A 289 28.27 -39.43 -27.17
C MET A 289 27.07 -40.28 -27.56
N GLU A 290 27.01 -41.53 -27.10
CA GLU A 290 25.90 -42.39 -27.45
C GLU A 290 24.63 -41.96 -26.73
N ILE A 291 24.74 -41.25 -25.60
CA ILE A 291 23.57 -40.62 -25.01
C ILE A 291 23.11 -39.45 -25.88
N LEU A 292 24.03 -38.54 -26.19
CA LEU A 292 23.69 -37.37 -27.00
C LEU A 292 23.28 -37.74 -28.42
N SER A 293 23.49 -38.98 -28.84
CA SER A 293 22.95 -39.45 -30.11
C SER A 293 21.43 -39.28 -30.14
N ALA A 294 20.75 -39.63 -29.04
CA ALA A 294 19.29 -39.44 -28.89
C ALA A 294 19.03 -38.93 -27.47
N SER A 295 19.24 -37.64 -27.26
CA SER A 295 19.25 -37.06 -25.92
C SER A 295 17.93 -36.41 -25.52
N LEU A 296 16.91 -36.45 -26.38
CA LEU A 296 15.69 -35.68 -26.14
C LEU A 296 14.44 -36.49 -26.45
N ASP A 297 13.47 -36.44 -25.54
CA ASP A 297 12.11 -36.90 -25.85
C ASP A 297 11.32 -35.82 -26.58
N PHE A 298 11.56 -34.56 -26.25
CA PHE A 298 10.96 -33.43 -26.95
C PHE A 298 11.99 -32.32 -27.04
N ILE A 299 11.68 -31.32 -27.86
CA ILE A 299 12.44 -30.08 -27.91
C ILE A 299 11.50 -28.95 -27.54
N GLY A 300 11.93 -28.11 -26.58
CA GLY A 300 11.18 -26.93 -26.20
C GLY A 300 11.73 -25.71 -26.92
N LEU A 301 10.82 -24.92 -27.48
CA LEU A 301 11.18 -23.69 -28.19
C LEU A 301 10.73 -22.48 -27.40
N ASN A 302 11.64 -21.53 -27.23
CA ASN A 302 11.33 -20.24 -26.62
C ASN A 302 11.34 -19.21 -27.75
N TYR A 303 10.17 -18.72 -28.11
CA TYR A 303 10.06 -17.76 -29.21
C TYR A 303 9.53 -16.45 -28.69
N TYR A 304 10.25 -15.37 -28.99
CA TYR A 304 9.79 -14.01 -28.69
C TYR A 304 9.73 -13.14 -29.93
N THR A 305 10.77 -13.13 -30.75
CA THR A 305 10.83 -12.28 -31.93
C THR A 305 11.70 -12.98 -32.98
N SER A 306 11.99 -12.28 -34.08
CA SER A 306 12.73 -12.88 -35.18
C SER A 306 13.90 -12.00 -35.61
N ASN A 307 14.91 -12.63 -36.21
CA ASN A 307 16.07 -11.95 -36.77
C ASN A 307 15.90 -11.91 -38.30
N LEU A 308 15.74 -10.71 -38.84
CA LEU A 308 15.59 -10.55 -40.28
C LEU A 308 16.52 -9.48 -40.83
N THR A 328 17.04 -2.06 -36.01
CA THR A 328 16.27 -2.24 -34.79
C THR A 328 14.77 -2.11 -35.05
N ASP A 329 13.95 -2.62 -34.13
CA ASP A 329 12.50 -2.52 -34.23
C ASP A 329 12.02 -1.13 -33.83
N MET A 330 10.80 -0.81 -34.25
CA MET A 330 10.15 0.44 -33.85
C MET A 330 9.26 0.27 -32.62
N GLY A 331 8.93 -0.97 -32.26
CA GLY A 331 8.18 -1.24 -31.04
C GLY A 331 6.94 -2.07 -31.25
N TRP A 332 6.31 -1.94 -32.41
CA TRP A 332 5.03 -2.58 -32.70
C TRP A 332 5.15 -3.88 -33.47
N GLU A 333 6.32 -4.18 -34.05
CA GLU A 333 6.43 -5.30 -34.97
C GLU A 333 6.46 -6.61 -34.20
N ILE A 334 5.47 -7.48 -34.47
CA ILE A 334 5.48 -8.86 -34.02
C ILE A 334 5.70 -9.75 -35.24
N TYR A 335 6.35 -10.90 -35.02
CA TYR A 335 6.74 -11.81 -36.09
C TYR A 335 6.16 -13.20 -35.82
N PRO A 336 4.82 -13.35 -35.85
CA PRO A 336 4.24 -14.69 -35.70
C PRO A 336 4.51 -15.58 -36.89
N GLU A 337 4.80 -15.01 -38.06
N GLU A 337 4.81 -15.01 -38.06
CA GLU A 337 5.18 -15.81 -39.22
CA GLU A 337 5.16 -15.85 -39.21
C GLU A 337 6.50 -16.54 -38.99
C GLU A 337 6.50 -16.55 -38.99
N GLY A 338 7.42 -15.92 -38.25
CA GLY A 338 8.70 -16.56 -37.98
C GLY A 338 8.59 -17.74 -37.04
N LEU A 339 7.61 -17.72 -36.13
CA LEU A 339 7.40 -18.88 -35.26
C LEU A 339 6.89 -20.07 -36.06
N TYR A 340 6.01 -19.82 -37.04
CA TYR A 340 5.58 -20.89 -37.94
C TYR A 340 6.75 -21.45 -38.73
N ASP A 341 7.59 -20.57 -39.28
CA ASP A 341 8.72 -21.03 -40.09
C ASP A 341 9.67 -21.88 -39.26
N LEU A 342 9.94 -21.45 -38.02
CA LEU A 342 10.81 -22.21 -37.15
C LEU A 342 10.21 -23.57 -36.83
N LEU A 343 8.89 -23.62 -36.61
CA LEU A 343 8.26 -24.89 -36.26
C LEU A 343 8.37 -25.90 -37.39
N LYS A 344 8.15 -25.47 -38.63
CA LYS A 344 8.26 -26.41 -39.75
C LYS A 344 9.67 -26.98 -39.85
N ARG A 345 10.68 -26.11 -39.84
CA ARG A 345 12.02 -26.57 -40.17
C ARG A 345 12.61 -27.41 -39.04
N ILE A 346 12.28 -27.11 -37.79
CA ILE A 346 12.70 -27.99 -36.69
C ILE A 346 12.02 -29.35 -36.83
N HIS A 347 10.72 -29.35 -37.08
CA HIS A 347 9.99 -30.61 -37.24
C HIS A 347 10.55 -31.42 -38.40
N GLU A 348 10.79 -30.76 -39.54
CA GLU A 348 11.22 -31.48 -40.73
C GLU A 348 12.63 -32.04 -40.59
N LYS A 349 13.47 -31.39 -39.78
CA LYS A 349 14.85 -31.84 -39.66
C LYS A 349 15.06 -32.84 -38.54
N TYR A 350 14.40 -32.65 -37.39
CA TYR A 350 14.68 -33.48 -36.22
C TYR A 350 13.58 -34.46 -35.87
N ASN A 351 12.36 -34.22 -36.34
CA ASN A 351 11.23 -35.14 -36.18
C ASN A 351 11.07 -35.60 -34.74
N LEU A 352 10.90 -34.61 -33.87
CA LEU A 352 10.67 -34.80 -32.44
C LEU A 352 9.48 -33.95 -32.01
N PRO A 353 8.75 -34.38 -30.98
CA PRO A 353 7.67 -33.53 -30.46
C PRO A 353 8.21 -32.18 -30.02
N ILE A 354 7.41 -31.13 -30.26
CA ILE A 354 7.81 -29.75 -29.97
C ILE A 354 6.85 -29.18 -28.94
N TYR A 355 7.39 -28.56 -27.91
CA TYR A 355 6.63 -27.75 -26.97
C TYR A 355 7.08 -26.30 -27.11
N ILE A 356 6.14 -25.38 -27.33
CA ILE A 356 6.47 -23.96 -27.21
C ILE A 356 6.54 -23.67 -25.70
N THR A 357 7.73 -23.81 -25.14
CA THR A 357 7.96 -23.67 -23.71
C THR A 357 7.92 -22.23 -23.25
N GLU A 358 7.98 -21.27 -24.16
CA GLU A 358 7.94 -19.86 -23.80
C GLU A 358 7.49 -19.07 -25.01
N ASN A 359 6.55 -18.16 -24.79
CA ASN A 359 6.13 -17.20 -25.81
C ASN A 359 5.37 -16.09 -25.11
N GLY A 360 5.72 -14.85 -25.39
CA GLY A 360 5.03 -13.74 -24.77
C GLY A 360 5.66 -12.43 -25.15
N MET A 361 5.09 -11.37 -24.57
CA MET A 361 5.42 -9.99 -24.95
C MET A 361 5.45 -9.11 -23.71
N ALA A 362 6.41 -8.20 -23.66
CA ALA A 362 6.48 -7.21 -22.59
C ALA A 362 5.66 -5.99 -22.97
N VAL A 363 4.91 -5.47 -22.00
CA VAL A 363 4.02 -4.34 -22.23
C VAL A 363 4.13 -3.41 -21.03
N ASP A 364 4.16 -2.10 -21.30
N ASP A 364 4.15 -2.10 -21.29
CA ASP A 364 4.11 -1.08 -20.25
CA ASP A 364 4.16 -1.12 -20.22
C ASP A 364 2.75 -1.11 -19.57
C ASP A 364 2.80 -1.08 -19.52
N ASP A 365 2.50 -2.11 -18.73
CA ASP A 365 1.19 -2.28 -18.14
C ASP A 365 0.98 -1.37 -16.93
N GLU A 366 -0.22 -0.82 -16.83
N GLU A 366 -0.25 -0.87 -16.79
CA GLU A 366 -0.66 -0.06 -15.67
CA GLU A 366 -0.65 -0.06 -15.66
C GLU A 366 -2.00 -0.64 -15.21
C GLU A 366 -2.05 -0.45 -15.23
N VAL A 367 -2.28 -0.49 -13.92
CA VAL A 367 -3.59 -0.87 -13.37
C VAL A 367 -4.46 0.37 -13.31
N GLU A 368 -5.56 0.37 -14.06
N GLU A 368 -5.57 0.35 -14.04
CA GLU A 368 -6.50 1.48 -14.08
CA GLU A 368 -6.50 1.48 -14.07
C GLU A 368 -7.86 0.95 -13.64
C GLU A 368 -7.87 0.97 -13.65
N ASP A 369 -8.29 1.35 -12.45
CA ASP A 369 -9.55 0.93 -11.84
C ASP A 369 -9.70 -0.60 -11.84
N GLY A 370 -8.71 -1.26 -11.25
CA GLY A 370 -8.75 -2.70 -11.07
C GLY A 370 -8.58 -3.51 -12.33
N ALA A 371 -8.12 -2.91 -13.43
CA ALA A 371 -7.99 -3.62 -14.70
C ALA A 371 -6.69 -3.25 -15.39
N VAL A 372 -6.26 -4.13 -16.29
CA VAL A 372 -5.09 -3.91 -17.14
C VAL A 372 -5.49 -4.35 -18.55
N HIS A 373 -5.76 -3.38 -19.43
CA HIS A 373 -6.15 -3.66 -20.81
C HIS A 373 -4.91 -3.82 -21.68
N ASP A 374 -4.28 -4.98 -21.60
CA ASP A 374 -3.10 -5.27 -22.43
C ASP A 374 -3.51 -5.93 -23.75
N THR A 375 -4.35 -5.20 -24.50
CA THR A 375 -4.88 -5.74 -25.76
C THR A 375 -3.78 -6.06 -26.75
N ASN A 376 -2.68 -5.29 -26.75
CA ASN A 376 -1.59 -5.61 -27.66
C ASN A 376 -0.92 -6.94 -27.30
N ARG A 377 -0.94 -7.32 -26.02
CA ARG A 377 -0.47 -8.65 -25.66
C ARG A 377 -1.44 -9.73 -26.11
N ILE A 378 -2.74 -9.44 -26.06
CA ILE A 378 -3.73 -10.36 -26.61
C ILE A 378 -3.51 -10.55 -28.10
N ASP A 379 -3.23 -9.47 -28.82
CA ASP A 379 -2.97 -9.57 -30.26
C ASP A 379 -1.69 -10.36 -30.53
N TYR A 380 -0.68 -10.20 -29.66
CA TYR A 380 0.57 -10.94 -29.83
C TYR A 380 0.34 -12.43 -29.70
N LEU A 381 -0.29 -12.85 -28.60
CA LEU A 381 -0.50 -14.28 -28.38
C LEU A 381 -1.47 -14.87 -29.39
N LYS A 382 -2.51 -14.12 -29.76
CA LYS A 382 -3.48 -14.60 -30.72
C LYS A 382 -2.82 -14.92 -32.05
N GLU A 383 -1.99 -14.01 -32.56
CA GLU A 383 -1.35 -14.23 -33.85
C GLU A 383 -0.35 -15.38 -33.80
N HIS A 384 0.37 -15.52 -32.68
CA HIS A 384 1.34 -16.61 -32.56
C HIS A 384 0.66 -17.95 -32.40
N LEU A 385 -0.52 -17.98 -31.79
CA LEU A 385 -1.24 -19.26 -31.65
C LEU A 385 -1.80 -19.73 -32.98
N GLU A 386 -2.33 -18.82 -33.80
CA GLU A 386 -2.78 -19.25 -35.11
C GLU A 386 -1.62 -19.62 -36.01
N ALA A 387 -0.41 -19.14 -35.72
CA ALA A 387 0.76 -19.66 -36.40
C ALA A 387 1.10 -21.06 -35.92
N VAL A 388 0.95 -21.31 -34.61
CA VAL A 388 1.15 -22.65 -34.07
C VAL A 388 0.13 -23.61 -34.65
N HIS A 389 -1.13 -23.18 -34.72
CA HIS A 389 -2.18 -24.01 -35.30
C HIS A 389 -1.91 -24.29 -36.78
N LYS A 390 -1.30 -23.35 -37.49
CA LYS A 390 -0.96 -23.57 -38.88
C LYS A 390 0.07 -24.68 -39.02
N ALA A 391 1.12 -24.64 -38.18
CA ALA A 391 2.11 -25.70 -38.18
C ALA A 391 1.48 -27.04 -37.83
N ILE A 392 0.62 -27.06 -36.80
CA ILE A 392 -0.05 -28.29 -36.39
C ILE A 392 -0.87 -28.86 -37.54
N GLU A 393 -1.54 -27.99 -38.29
CA GLU A 393 -2.35 -28.46 -39.41
C GLU A 393 -1.50 -29.07 -40.51
N GLU A 394 -0.28 -28.54 -40.72
CA GLU A 394 0.66 -29.08 -41.68
C GLU A 394 1.55 -30.17 -41.10
N GLY A 395 1.17 -30.78 -39.98
CA GLY A 395 1.81 -31.99 -39.51
C GLY A 395 2.82 -31.81 -38.40
N VAL A 396 3.19 -30.58 -38.05
CA VAL A 396 4.15 -30.37 -36.98
C VAL A 396 3.55 -30.87 -35.66
N ASN A 397 4.33 -31.65 -34.91
CA ASN A 397 3.83 -32.30 -33.70
C ASN A 397 4.07 -31.41 -32.48
N VAL A 398 3.31 -30.32 -32.43
CA VAL A 398 3.35 -29.40 -31.29
C VAL A 398 2.41 -29.92 -30.23
N ARG A 399 2.96 -30.28 -29.06
N ARG A 399 2.96 -30.28 -29.07
CA ARG A 399 2.19 -30.90 -27.99
CA ARG A 399 2.19 -30.91 -27.99
C ARG A 399 1.78 -29.93 -26.90
C ARG A 399 1.80 -29.93 -26.88
N GLY A 400 2.35 -28.73 -26.84
CA GLY A 400 2.00 -27.80 -25.79
C GLY A 400 2.41 -26.38 -26.08
N TYR A 401 1.80 -25.46 -25.33
CA TYR A 401 2.05 -24.03 -25.43
C TYR A 401 2.07 -23.43 -24.04
N PHE A 402 3.09 -22.63 -23.75
CA PHE A 402 3.24 -21.98 -22.45
C PHE A 402 3.46 -20.49 -22.67
N VAL A 403 2.59 -19.67 -22.11
CA VAL A 403 2.81 -18.24 -22.12
C VAL A 403 3.93 -17.88 -21.16
N TRP A 404 4.86 -17.04 -21.61
CA TRP A 404 5.74 -16.31 -20.71
C TRP A 404 5.22 -14.88 -20.58
N SER A 405 4.82 -14.50 -19.37
CA SER A 405 4.93 -15.34 -18.19
C SER A 405 3.58 -15.46 -17.52
N LEU A 406 3.47 -16.30 -16.49
CA LEU A 406 2.25 -16.35 -15.69
C LEU A 406 2.02 -15.04 -14.94
N MET A 407 3.10 -14.41 -14.48
CA MET A 407 2.98 -13.16 -13.74
C MET A 407 4.22 -12.32 -14.02
N ASP A 408 4.05 -11.00 -13.89
CA ASP A 408 5.20 -10.11 -13.93
C ASP A 408 6.22 -10.54 -12.88
N ASN A 409 7.49 -10.45 -13.23
CA ASN A 409 8.53 -10.97 -12.37
C ASN A 409 9.82 -10.21 -12.61
N PHE A 410 10.91 -10.71 -12.02
CA PHE A 410 12.26 -10.16 -12.14
C PHE A 410 12.83 -10.57 -13.50
N GLU A 411 12.84 -9.63 -14.45
CA GLU A 411 13.28 -9.92 -15.81
C GLU A 411 14.79 -9.74 -15.92
N TRP A 412 15.51 -10.51 -15.10
CA TRP A 412 16.97 -10.56 -15.06
C TRP A 412 17.59 -9.17 -15.04
N ALA A 413 18.46 -8.86 -16.01
CA ALA A 413 19.16 -7.58 -15.91
C ALA A 413 18.26 -6.39 -16.18
N ASN A 414 17.04 -6.61 -16.65
CA ASN A 414 16.08 -5.52 -16.76
C ASN A 414 15.37 -5.25 -15.44
N GLY A 415 15.59 -6.08 -14.44
CA GLY A 415 14.83 -5.93 -13.21
C GLY A 415 13.35 -6.04 -13.48
N TYR A 416 12.58 -5.29 -12.70
CA TYR A 416 11.12 -5.30 -12.79
C TYR A 416 10.60 -4.28 -13.79
N SER A 417 11.47 -3.72 -14.62
CA SER A 417 11.08 -2.74 -15.61
C SER A 417 10.42 -3.37 -16.85
N LYS A 418 10.18 -4.69 -16.83
CA LYS A 418 9.66 -5.42 -17.99
C LYS A 418 8.59 -6.38 -17.49
N ARG A 419 7.33 -6.10 -17.82
CA ARG A 419 6.22 -6.91 -17.36
C ARG A 419 5.78 -7.84 -18.49
N PHE A 420 5.99 -9.14 -18.29
CA PHE A 420 5.62 -10.17 -19.25
C PHE A 420 4.38 -10.95 -18.84
N GLY A 421 3.85 -10.70 -17.65
CA GLY A 421 2.88 -11.61 -17.08
C GLY A 421 1.52 -11.54 -17.73
N LEU A 422 0.80 -12.67 -17.66
CA LEU A 422 -0.65 -12.66 -17.77
C LEU A 422 -1.30 -12.00 -16.56
N ILE A 423 -0.57 -11.90 -15.45
CA ILE A 423 -1.08 -11.38 -14.20
C ILE A 423 -0.16 -10.25 -13.76
N TYR A 424 -0.75 -9.10 -13.44
CA TYR A 424 0.01 -7.96 -12.92
C TYR A 424 0.34 -8.19 -11.45
N VAL A 425 1.56 -7.85 -11.06
CA VAL A 425 1.99 -7.92 -9.67
C VAL A 425 2.41 -6.53 -9.23
N ASP A 426 1.74 -6.00 -8.22
CA ASP A 426 2.14 -4.75 -7.59
C ASP A 426 3.13 -5.09 -6.49
N TYR A 427 4.41 -4.76 -6.72
CA TYR A 427 5.48 -5.26 -5.87
C TYR A 427 5.49 -4.64 -4.47
N LYS A 428 4.78 -3.55 -4.23
CA LYS A 428 4.73 -3.00 -2.87
C LYS A 428 3.71 -3.73 -2.00
N THR A 429 2.63 -4.22 -2.60
CA THR A 429 1.60 -4.96 -1.87
C THR A 429 1.58 -6.44 -2.22
N GLN A 430 2.30 -6.85 -3.25
CA GLN A 430 2.31 -8.22 -3.75
C GLN A 430 0.95 -8.67 -4.29
N LYS A 431 0.06 -7.72 -4.58
CA LYS A 431 -1.26 -8.06 -5.08
C LYS A 431 -1.19 -8.55 -6.53
N ARG A 432 -1.90 -9.62 -6.82
CA ARG A 432 -2.02 -10.14 -8.18
C ARG A 432 -3.32 -9.62 -8.79
N THR A 433 -3.21 -9.01 -9.97
CA THR A 433 -4.37 -8.58 -10.74
C THR A 433 -4.31 -9.22 -12.12
N PRO A 434 -5.15 -10.20 -12.43
CA PRO A 434 -5.14 -10.81 -13.76
C PRO A 434 -5.43 -9.76 -14.83
N LYS A 435 -4.48 -9.59 -15.75
CA LYS A 435 -4.68 -8.68 -16.86
C LYS A 435 -5.77 -9.21 -17.81
N LYS A 436 -6.20 -8.35 -18.73
CA LYS A 436 -7.18 -8.75 -19.72
C LYS A 436 -6.70 -9.96 -20.51
N SER A 437 -5.40 -10.03 -20.78
CA SER A 437 -4.84 -11.21 -21.45
C SER A 437 -5.11 -12.49 -20.68
N ALA A 438 -5.22 -12.41 -19.35
CA ALA A 438 -5.50 -13.62 -18.58
C ALA A 438 -6.91 -14.13 -18.83
N TYR A 439 -7.88 -13.22 -18.87
CA TYR A 439 -9.26 -13.64 -19.14
C TYR A 439 -9.42 -14.16 -20.55
N TRP A 440 -8.73 -13.53 -21.51
CA TRP A 440 -8.77 -14.01 -22.89
C TRP A 440 -8.17 -15.41 -22.99
N TYR A 441 -7.03 -15.62 -22.34
CA TYR A 441 -6.39 -16.93 -22.38
C TYR A 441 -7.26 -18.00 -21.72
N ARG A 442 -7.99 -17.63 -20.68
CA ARG A 442 -8.93 -18.59 -20.08
C ARG A 442 -9.97 -19.04 -21.08
N GLU A 443 -10.51 -18.09 -21.87
CA GLU A 443 -11.46 -18.44 -22.91
C GLU A 443 -10.79 -19.26 -24.01
N VAL A 444 -9.51 -19.01 -24.30
CA VAL A 444 -8.81 -19.81 -25.29
C VAL A 444 -8.67 -21.25 -24.83
N ILE A 445 -8.31 -21.45 -23.56
CA ILE A 445 -8.17 -22.81 -23.02
C ILE A 445 -9.52 -23.50 -22.96
N LYS A 446 -10.56 -22.78 -22.53
CA LYS A 446 -11.88 -23.39 -22.41
C LYS A 446 -12.41 -23.83 -23.76
N SER A 447 -12.09 -23.11 -24.83
CA SER A 447 -12.50 -23.51 -26.16
C SER A 447 -11.54 -24.52 -26.79
N ASN A 448 -10.41 -24.78 -26.15
CA ASN A 448 -9.33 -25.60 -26.73
C ASN A 448 -8.90 -25.04 -28.08
N GLY A 449 -9.03 -23.74 -28.27
CA GLY A 449 -8.57 -23.13 -29.50
C GLY A 449 -9.04 -21.70 -29.63
N LEU A 450 -8.98 -21.21 -30.85
CA LEU A 450 -9.45 -19.87 -31.18
C LEU A 450 -10.73 -20.01 -31.99
N SER B 8 -24.11 -26.17 41.50
CA SER B 8 -24.49 -27.47 40.95
C SER B 8 -24.39 -27.49 39.43
N LEU B 9 -23.78 -26.45 38.86
CA LEU B 9 -23.77 -26.23 37.41
C LEU B 9 -22.34 -26.40 36.88
N LYS B 10 -22.00 -27.63 36.52
CA LYS B 10 -20.70 -27.90 35.90
C LYS B 10 -20.72 -27.51 34.43
N PHE B 11 -19.55 -27.17 33.91
CA PHE B 11 -19.39 -26.79 32.51
C PHE B 11 -18.58 -27.84 31.76
N PRO B 12 -18.62 -27.85 30.43
CA PRO B 12 -17.76 -28.75 29.66
C PRO B 12 -16.31 -28.60 30.10
N LYS B 13 -15.60 -29.73 30.18
CA LYS B 13 -14.35 -29.69 30.93
C LYS B 13 -13.16 -29.26 30.08
N ASP B 14 -13.38 -28.80 28.84
CA ASP B 14 -12.38 -27.98 28.14
C ASP B 14 -12.97 -26.64 27.74
N PHE B 15 -14.03 -26.22 28.42
CA PHE B 15 -14.61 -24.90 28.25
C PHE B 15 -13.56 -23.82 28.42
N LEU B 16 -13.61 -22.81 27.55
CA LEU B 16 -12.71 -21.67 27.63
C LEU B 16 -13.29 -20.63 28.59
N TRP B 17 -12.55 -20.32 29.64
CA TRP B 17 -12.90 -19.25 30.58
C TRP B 17 -11.94 -18.09 30.35
N GLY B 18 -12.45 -16.98 29.82
CA GLY B 18 -11.58 -15.85 29.52
C GLY B 18 -12.21 -14.48 29.70
N ALA B 19 -11.48 -13.45 29.31
CA ALA B 19 -11.97 -12.09 29.30
C ALA B 19 -11.43 -11.41 28.05
N ALA B 20 -12.11 -10.34 27.62
CA ALA B 20 -11.87 -9.78 26.29
C ALA B 20 -11.49 -8.30 26.36
N THR B 21 -10.62 -7.90 25.43
CA THR B 21 -10.24 -6.50 25.24
C THR B 21 -10.19 -6.21 23.74
N ALA B 22 -9.88 -4.96 23.39
CA ALA B 22 -9.62 -4.59 22.01
C ALA B 22 -8.45 -3.61 22.00
N ALA B 23 -7.67 -3.67 20.91
CA ALA B 23 -6.37 -3.00 20.86
C ALA B 23 -6.47 -1.52 21.21
N TYR B 24 -7.35 -0.78 20.52
CA TYR B 24 -7.40 0.67 20.74
C TYR B 24 -7.98 1.03 22.10
N GLN B 25 -8.74 0.13 22.72
CA GLN B 25 -9.37 0.46 23.98
C GLN B 25 -8.42 0.34 25.17
N ILE B 26 -7.30 -0.38 25.04
CA ILE B 26 -6.44 -0.61 26.20
C ILE B 26 -4.97 -0.28 25.93
N GLU B 27 -4.53 -0.37 24.66
CA GLU B 27 -3.10 -0.38 24.39
C GLU B 27 -2.44 0.97 24.68
N GLY B 28 -3.01 2.04 24.16
CA GLY B 28 -2.26 3.28 24.18
C GLY B 28 -1.05 3.19 23.27
N ALA B 29 -0.03 3.98 23.61
CA ALA B 29 1.18 4.09 22.81
C ALA B 29 0.83 4.33 21.35
N ALA B 30 -0.12 5.24 21.15
CA ALA B 30 -0.76 5.41 19.85
C ALA B 30 0.18 5.99 18.79
N ASN B 31 1.22 6.72 19.20
CA ASN B 31 2.18 7.30 18.28
C ASN B 31 3.61 6.94 18.70
N GLU B 32 3.82 5.68 19.09
CA GLU B 32 5.15 5.18 19.42
C GLU B 32 5.39 3.89 18.64
N ASP B 33 6.68 3.56 18.49
CA ASP B 33 7.11 2.25 18.01
C ASP B 33 6.47 1.90 16.68
N GLY B 34 6.38 2.89 15.80
CA GLY B 34 5.99 2.68 14.43
C GLY B 34 4.51 2.51 14.18
N ARG B 35 3.66 2.86 15.14
CA ARG B 35 2.23 2.72 14.93
C ARG B 35 1.71 3.91 14.15
N GLY B 36 0.84 3.63 13.17
CA GLY B 36 0.18 4.66 12.41
C GLY B 36 -1.17 5.00 13.00
N PRO B 37 -1.76 6.10 12.54
CA PRO B 37 -3.06 6.51 13.08
C PRO B 37 -4.18 5.66 12.48
N SER B 38 -5.12 5.27 13.33
CA SER B 38 -6.35 4.63 12.91
C SER B 38 -7.45 5.68 12.81
N ILE B 39 -8.59 5.26 12.26
CA ILE B 39 -9.73 6.18 12.17
C ILE B 39 -10.25 6.57 13.54
N TRP B 40 -9.97 5.79 14.59
CA TRP B 40 -10.38 6.18 15.92
C TRP B 40 -9.40 7.16 16.57
N ASP B 41 -8.16 7.21 16.09
CA ASP B 41 -7.27 8.30 16.47
C ASP B 41 -7.83 9.62 15.97
N THR B 42 -8.05 9.71 14.67
CA THR B 42 -8.68 10.86 14.05
C THR B 42 -10.01 11.24 14.71
N PHE B 43 -10.84 10.25 14.98
CA PHE B 43 -12.15 10.48 15.58
C PHE B 43 -12.01 11.04 17.00
N SER B 44 -11.16 10.43 17.82
CA SER B 44 -11.05 10.92 19.21
C SER B 44 -10.29 12.24 19.33
N HIS B 45 -9.67 12.71 18.25
CA HIS B 45 -9.06 14.03 18.21
C HIS B 45 -9.93 15.05 17.47
N THR B 46 -11.20 14.74 17.27
CA THR B 46 -12.13 15.66 16.66
C THR B 46 -13.16 16.09 17.70
N PRO B 47 -13.37 17.40 17.88
CA PRO B 47 -14.26 17.84 18.95
C PRO B 47 -15.70 17.40 18.70
N GLY B 48 -16.34 16.92 19.77
CA GLY B 48 -17.74 16.57 19.75
C GLY B 48 -18.05 15.11 19.51
N LYS B 49 -17.04 14.28 19.29
CA LYS B 49 -17.25 12.89 18.88
C LYS B 49 -17.17 11.90 20.03
N VAL B 50 -16.41 12.21 21.06
CA VAL B 50 -16.17 11.29 22.18
C VAL B 50 -16.45 12.04 23.46
N HIS B 51 -17.05 11.35 24.43
CA HIS B 51 -17.38 11.92 25.72
C HIS B 51 -16.16 12.58 26.35
N ASN B 52 -16.32 13.82 26.80
CA ASN B 52 -15.31 14.57 27.54
C ASN B 52 -14.00 14.73 26.76
N GLY B 53 -14.03 14.55 25.45
CA GLY B 53 -12.81 14.70 24.68
C GLY B 53 -11.77 13.66 24.98
N ASP B 54 -12.18 12.47 25.40
CA ASP B 54 -11.23 11.39 25.66
C ASP B 54 -10.68 10.81 24.35
N ASN B 55 -9.54 10.15 24.47
CA ASN B 55 -8.88 9.51 23.33
C ASN B 55 -8.12 8.30 23.85
N GLY B 56 -7.52 7.56 22.91
CA GLY B 56 -6.80 6.36 23.28
C GLY B 56 -5.30 6.53 23.13
N ASP B 57 -4.82 7.76 23.21
CA ASP B 57 -3.37 8.01 23.13
C ASP B 57 -2.62 7.20 24.17
N VAL B 58 -3.14 7.12 25.39
CA VAL B 58 -2.53 6.34 26.45
C VAL B 58 -3.43 5.19 26.87
N ALA B 59 -4.73 5.43 27.00
CA ALA B 59 -5.68 4.41 27.42
C ALA B 59 -5.22 3.74 28.71
N CYS B 60 -5.00 2.42 28.66
CA CYS B 60 -4.57 1.64 29.80
C CYS B 60 -3.07 1.45 29.84
N ASP B 61 -2.34 1.99 28.84
CA ASP B 61 -0.90 1.80 28.72
C ASP B 61 -0.54 0.31 28.66
N HIS B 62 -1.46 -0.50 28.16
CA HIS B 62 -1.25 -1.95 28.12
C HIS B 62 -0.09 -2.33 27.22
N TYR B 63 0.23 -1.49 26.24
CA TYR B 63 1.40 -1.75 25.40
C TYR B 63 2.67 -1.83 26.25
N HIS B 64 2.77 -1.00 27.29
CA HIS B 64 3.93 -1.00 28.16
C HIS B 64 3.75 -1.86 29.39
N ARG B 65 2.52 -2.22 29.75
CA ARG B 65 2.24 -2.91 31.00
C ARG B 65 1.68 -4.31 30.80
N TYR B 66 1.76 -4.85 29.58
CA TYR B 66 1.14 -6.14 29.29
C TYR B 66 1.71 -7.25 30.15
N LYS B 67 3.01 -7.20 30.46
CA LYS B 67 3.59 -8.21 31.34
C LYS B 67 2.87 -8.27 32.67
N GLU B 68 2.58 -7.10 33.24
CA GLU B 68 1.81 -7.05 34.48
C GLU B 68 0.36 -7.50 34.28
N ASP B 69 -0.21 -7.17 33.11
CA ASP B 69 -1.60 -7.54 32.83
C ASP B 69 -1.74 -9.05 32.65
N VAL B 70 -0.75 -9.70 32.05
CA VAL B 70 -0.82 -11.15 31.91
C VAL B 70 -0.75 -11.81 33.28
N GLU B 71 -0.02 -11.22 34.22
CA GLU B 71 0.06 -11.82 35.55
C GLU B 71 -1.29 -11.71 36.25
N LEU B 72 -1.96 -10.56 36.13
CA LEU B 72 -3.34 -10.47 36.61
C LEU B 72 -4.21 -11.55 35.99
N MET B 73 -4.03 -11.80 34.69
CA MET B 73 -4.79 -12.87 34.04
C MET B 73 -4.44 -14.23 34.64
N LYS B 74 -3.17 -14.45 34.99
CA LYS B 74 -2.76 -15.74 35.52
C LYS B 74 -3.31 -15.94 36.94
N GLU B 75 -3.39 -14.86 37.71
CA GLU B 75 -3.96 -14.98 39.04
C GLU B 75 -5.48 -14.98 39.02
N LEU B 76 -6.11 -14.65 37.90
CA LEU B 76 -7.53 -14.90 37.74
C LEU B 76 -7.82 -16.31 37.26
N GLY B 77 -6.84 -17.00 36.70
CA GLY B 77 -7.02 -18.37 36.26
C GLY B 77 -7.63 -18.52 34.88
N LEU B 78 -7.44 -17.54 34.01
CA LEU B 78 -8.08 -17.55 32.70
C LEU B 78 -7.58 -18.70 31.84
N ASN B 79 -8.50 -19.41 31.20
CA ASN B 79 -8.15 -20.34 30.13
C ASN B 79 -7.60 -19.59 28.92
N ALA B 80 -8.31 -18.55 28.49
CA ALA B 80 -7.99 -17.83 27.28
C ALA B 80 -8.12 -16.33 27.54
N TYR B 81 -7.69 -15.55 26.54
CA TYR B 81 -7.74 -14.09 26.61
C TYR B 81 -8.02 -13.59 25.21
N ARG B 82 -9.15 -12.91 25.04
CA ARG B 82 -9.53 -12.35 23.75
C ARG B 82 -8.96 -10.94 23.64
N PHE B 83 -8.08 -10.75 22.67
CA PHE B 83 -7.57 -9.42 22.35
C PHE B 83 -7.60 -9.21 20.84
N SER B 84 -7.35 -7.96 20.46
CA SER B 84 -7.35 -7.50 19.08
C SER B 84 -5.95 -7.08 18.69
N ILE B 85 -5.59 -7.35 17.45
CA ILE B 85 -4.37 -6.79 16.86
C ILE B 85 -4.75 -5.50 16.16
N SER B 86 -3.93 -4.48 16.33
CA SER B 86 -4.18 -3.16 15.73
C SER B 86 -3.48 -3.09 14.38
N TRP B 87 -4.29 -3.12 13.31
CA TRP B 87 -3.78 -2.95 11.95
C TRP B 87 -2.74 -1.84 11.80
N PRO B 88 -2.99 -0.60 12.25
CA PRO B 88 -1.97 0.45 12.06
C PRO B 88 -0.68 0.21 12.85
N ARG B 89 -0.70 -0.66 13.86
CA ARG B 89 0.55 -1.02 14.53
C ARG B 89 1.36 -2.03 13.73
N ILE B 90 0.67 -2.95 13.04
CA ILE B 90 1.35 -3.91 12.17
C ILE B 90 1.74 -3.25 10.85
N LEU B 91 0.81 -2.49 10.27
CA LEU B 91 1.04 -1.80 8.99
C LEU B 91 0.61 -0.34 9.17
N PRO B 92 1.57 0.56 9.37
CA PRO B 92 1.22 1.97 9.64
C PRO B 92 0.24 2.57 8.65
N GLU B 93 0.42 2.29 7.36
CA GLU B 93 -0.44 2.84 6.32
C GLU B 93 -1.46 1.85 5.80
N GLY B 94 -1.64 0.73 6.49
CA GLY B 94 -2.58 -0.29 6.06
C GLY B 94 -2.00 -1.20 5.00
N GLU B 95 -1.06 -0.67 4.21
CA GLU B 95 -0.41 -1.41 3.13
C GLU B 95 1.08 -1.12 3.15
N GLY B 96 1.88 -2.07 2.68
CA GLY B 96 3.29 -1.83 2.48
C GLY B 96 4.22 -2.40 3.52
N LYS B 97 5.02 -1.55 4.16
CA LYS B 97 6.06 -2.01 5.07
C LYS B 97 5.45 -2.42 6.40
N VAL B 98 5.83 -3.61 6.87
CA VAL B 98 5.36 -4.11 8.15
C VAL B 98 6.21 -3.52 9.27
N ASN B 99 5.57 -3.11 10.35
CA ASN B 99 6.27 -2.57 11.51
C ASN B 99 6.79 -3.72 12.36
N GLN B 100 8.12 -3.86 12.43
CA GLN B 100 8.71 -4.99 13.15
C GLN B 100 8.46 -4.90 14.65
N LYS B 101 8.47 -3.68 15.21
CA LYS B 101 8.16 -3.56 16.63
C LYS B 101 6.69 -3.86 16.92
N GLY B 102 5.82 -3.64 15.93
CA GLY B 102 4.45 -4.11 16.06
C GLY B 102 4.37 -5.62 16.15
N LEU B 103 5.10 -6.32 15.28
CA LEU B 103 5.21 -7.77 15.38
C LEU B 103 5.80 -8.18 16.74
N ASP B 104 6.90 -7.52 17.15
CA ASP B 104 7.57 -7.89 18.40
C ASP B 104 6.62 -7.80 19.59
N PHE B 105 5.77 -6.78 19.62
CA PHE B 105 4.85 -6.63 20.74
C PHE B 105 3.91 -7.82 20.84
N TYR B 106 3.21 -8.14 19.76
CA TYR B 106 2.23 -9.22 19.81
C TYR B 106 2.91 -10.57 19.98
N ASN B 107 4.12 -10.74 19.45
CA ASN B 107 4.87 -11.95 19.75
C ASN B 107 5.18 -12.04 21.24
N ASN B 108 5.59 -10.93 21.84
CA ASN B 108 5.88 -10.92 23.27
C ASN B 108 4.62 -11.14 24.10
N LEU B 109 3.51 -10.55 23.68
CA LEU B 109 2.24 -10.76 24.38
C LEU B 109 1.82 -12.22 24.31
N ILE B 110 1.79 -12.78 23.09
CA ILE B 110 1.41 -14.18 22.90
C ILE B 110 2.29 -15.10 23.73
N ASP B 111 3.62 -14.93 23.62
CA ASP B 111 4.53 -15.79 24.36
C ASP B 111 4.32 -15.67 25.86
N GLU B 112 4.12 -14.44 26.35
CA GLU B 112 3.81 -14.24 27.76
C GLU B 112 2.48 -14.90 28.14
N LEU B 113 1.54 -14.96 27.19
CA LEU B 113 0.24 -15.59 27.46
C LEU B 113 0.37 -17.10 27.59
N LEU B 114 1.09 -17.73 26.66
CA LEU B 114 1.18 -19.19 26.66
C LEU B 114 2.05 -19.68 27.81
N GLU B 115 3.05 -18.90 28.21
CA GLU B 115 3.85 -19.28 29.37
C GLU B 115 3.02 -19.35 30.64
N ASN B 116 1.89 -18.63 30.67
CA ASN B 116 0.99 -18.64 31.82
C ASN B 116 -0.26 -19.47 31.59
N GLY B 117 -0.26 -20.33 30.57
CA GLY B 117 -1.37 -21.22 30.32
C GLY B 117 -2.59 -20.57 29.71
N ILE B 118 -2.45 -19.36 29.18
CA ILE B 118 -3.56 -18.59 28.63
C ILE B 118 -3.52 -18.70 27.11
N GLU B 119 -4.59 -19.23 26.52
CA GLU B 119 -4.64 -19.41 25.07
C GLU B 119 -5.07 -18.13 24.38
N PRO B 120 -4.31 -17.64 23.40
CA PRO B 120 -4.71 -16.43 22.67
C PRO B 120 -5.94 -16.68 21.80
N PHE B 121 -6.90 -15.76 21.90
CA PHE B 121 -8.10 -15.74 21.07
C PHE B 121 -8.13 -14.38 20.38
N VAL B 122 -7.77 -14.32 19.10
CA VAL B 122 -7.30 -13.09 18.49
C VAL B 122 -8.34 -12.57 17.47
N THR B 123 -8.73 -11.31 17.66
CA THR B 123 -9.58 -10.59 16.71
C THR B 123 -8.68 -9.80 15.76
N LEU B 124 -8.90 -9.96 14.45
CA LEU B 124 -8.08 -9.26 13.48
C LEU B 124 -8.53 -7.80 13.31
N TYR B 125 -9.83 -7.57 13.29
CA TYR B 125 -10.37 -6.24 13.01
C TYR B 125 -11.34 -5.87 14.13
N HIS B 126 -10.89 -4.99 15.02
CA HIS B 126 -11.77 -4.46 16.05
C HIS B 126 -11.87 -2.95 15.89
N TRP B 127 -12.21 -2.51 14.68
CA TRP B 127 -12.70 -1.17 14.33
C TRP B 127 -11.61 -0.12 14.11
N ASP B 128 -10.32 -0.47 14.15
CA ASP B 128 -9.27 0.52 13.99
C ASP B 128 -8.67 0.44 12.59
N LEU B 129 -9.52 0.77 11.63
CA LEU B 129 -9.06 0.88 10.24
C LEU B 129 -7.93 1.91 10.16
N PRO B 130 -6.79 1.57 9.55
CA PRO B 130 -5.74 2.57 9.34
C PRO B 130 -6.26 3.79 8.60
N GLN B 131 -5.98 4.97 9.16
CA GLN B 131 -6.45 6.22 8.57
C GLN B 131 -6.02 6.36 7.12
N ALA B 132 -4.83 5.88 6.78
CA ALA B 132 -4.35 5.99 5.40
C ALA B 132 -5.27 5.26 4.43
N LEU B 133 -5.89 4.16 4.85
CA LEU B 133 -6.88 3.51 4.00
C LEU B 133 -8.17 4.31 3.93
N GLN B 134 -8.54 4.99 5.02
CA GLN B 134 -9.74 5.83 4.98
C GLN B 134 -9.55 7.02 4.05
N ASP B 135 -8.30 7.45 3.83
CA ASP B 135 -8.06 8.58 2.95
C ASP B 135 -8.42 8.27 1.51
N LYS B 136 -8.36 6.98 1.12
CA LYS B 136 -8.72 6.54 -0.22
C LYS B 136 -10.13 5.96 -0.31
N GLY B 137 -10.94 6.13 0.72
CA GLY B 137 -12.30 5.63 0.72
C GLY B 137 -12.62 4.62 1.80
N GLY B 138 -11.60 4.06 2.47
CA GLY B 138 -11.86 3.09 3.52
C GLY B 138 -12.56 1.87 2.98
N TRP B 139 -13.56 1.41 3.72
CA TRP B 139 -14.27 0.20 3.32
C TRP B 139 -15.17 0.40 2.10
N GLU B 140 -15.34 1.63 1.63
CA GLU B 140 -15.95 1.85 0.33
C GLU B 140 -15.02 1.49 -0.81
N ASN B 141 -13.71 1.43 -0.56
CA ASN B 141 -12.71 1.19 -1.59
C ASN B 141 -12.31 -0.28 -1.61
N ARG B 142 -12.41 -0.90 -2.79
CA ARG B 142 -12.08 -2.31 -2.92
C ARG B 142 -10.63 -2.59 -2.51
N GLU B 143 -9.74 -1.62 -2.70
CA GLU B 143 -8.33 -1.81 -2.31
C GLU B 143 -8.19 -2.11 -0.82
N THR B 144 -9.10 -1.62 0.02
CA THR B 144 -9.05 -1.95 1.45
C THR B 144 -9.23 -3.44 1.66
N VAL B 145 -10.05 -4.09 0.83
CA VAL B 145 -10.21 -5.54 0.89
C VAL B 145 -8.86 -6.24 0.71
N ASP B 146 -8.16 -5.92 -0.38
CA ASP B 146 -6.84 -6.49 -0.61
C ASP B 146 -5.88 -6.12 0.52
N ALA B 147 -5.97 -4.89 1.02
CA ALA B 147 -5.13 -4.49 2.15
C ALA B 147 -5.41 -5.36 3.36
N PHE B 148 -6.68 -5.65 3.63
CA PHE B 148 -7.02 -6.48 4.79
C PHE B 148 -6.55 -7.90 4.60
N ALA B 149 -6.66 -8.42 3.38
CA ALA B 149 -6.19 -9.77 3.09
C ALA B 149 -4.72 -9.91 3.43
N GLU B 150 -3.91 -8.92 3.04
CA GLU B 150 -2.48 -9.00 3.30
C GLU B 150 -2.18 -8.82 4.77
N TYR B 151 -2.90 -7.93 5.44
CA TYR B 151 -2.78 -7.81 6.89
C TYR B 151 -3.08 -9.12 7.58
N ALA B 152 -4.12 -9.84 7.11
CA ALA B 152 -4.47 -11.12 7.72
C ALA B 152 -3.40 -12.16 7.44
N ARG B 153 -2.90 -12.23 6.20
CA ARG B 153 -1.84 -13.18 5.88
C ARG B 153 -0.63 -12.98 6.79
N VAL B 154 -0.26 -11.72 7.03
CA VAL B 154 0.92 -11.42 7.86
C VAL B 154 0.74 -11.98 9.26
N CYS B 155 -0.40 -11.69 9.89
CA CYS B 155 -0.65 -12.15 11.25
C CYS B 155 -0.68 -13.67 11.32
N PHE B 156 -1.22 -14.33 10.29
CA PHE B 156 -1.23 -15.79 10.27
C PHE B 156 0.18 -16.35 10.18
N GLU B 157 1.04 -15.73 9.37
CA GLU B 157 2.41 -16.26 9.22
C GLU B 157 3.22 -16.06 10.51
N ARG B 158 3.17 -14.86 11.09
CA ARG B 158 4.07 -14.59 12.22
C ARG B 158 3.49 -15.11 13.54
N PHE B 159 2.16 -15.11 13.70
CA PHE B 159 1.57 -15.50 14.98
C PHE B 159 0.83 -16.83 14.95
N GLY B 160 0.48 -17.34 13.77
CA GLY B 160 -0.41 -18.48 13.69
C GLY B 160 0.16 -19.78 14.21
N ASP B 161 1.48 -19.87 14.38
CA ASP B 161 2.06 -21.06 14.98
C ASP B 161 1.64 -21.21 16.44
N ARG B 162 1.29 -20.10 17.10
CA ARG B 162 0.94 -20.12 18.50
C ARG B 162 -0.48 -19.65 18.79
N VAL B 163 -1.20 -19.16 17.79
CA VAL B 163 -2.58 -18.73 17.95
C VAL B 163 -3.48 -19.75 17.25
N LYS B 164 -4.41 -20.33 18.00
CA LYS B 164 -5.26 -21.40 17.49
C LYS B 164 -6.72 -20.97 17.32
N TYR B 165 -7.05 -19.72 17.64
CA TYR B 165 -8.39 -19.18 17.44
C TYR B 165 -8.25 -17.79 16.84
N TRP B 166 -9.06 -17.50 15.82
CA TRP B 166 -9.01 -16.21 15.14
C TRP B 166 -10.42 -15.71 14.88
N ILE B 167 -10.54 -14.39 14.85
CA ILE B 167 -11.79 -13.72 14.48
C ILE B 167 -11.42 -12.71 13.41
N THR B 168 -12.09 -12.78 12.25
CA THR B 168 -11.82 -11.79 11.22
C THR B 168 -12.33 -10.43 11.65
N PHE B 169 -13.64 -10.32 11.88
CA PHE B 169 -14.26 -9.04 12.18
C PHE B 169 -15.07 -9.14 13.47
N ASN B 170 -14.94 -8.10 14.29
CA ASN B 170 -15.75 -7.96 15.49
C ASN B 170 -17.00 -7.17 15.11
N GLU B 171 -18.17 -7.79 15.27
CA GLU B 171 -19.46 -7.19 14.99
C GLU B 171 -19.49 -6.37 13.70
N PRO B 172 -19.35 -6.99 12.53
CA PRO B 172 -19.48 -6.20 11.29
C PRO B 172 -20.84 -5.55 11.15
N ASN B 173 -21.90 -6.20 11.66
CA ASN B 173 -23.23 -5.60 11.62
C ASN B 173 -23.27 -4.29 12.39
N VAL B 174 -22.62 -4.23 13.56
CA VAL B 174 -22.69 -3.04 14.40
C VAL B 174 -21.82 -1.92 13.83
N PHE B 175 -20.60 -2.25 13.37
CA PHE B 175 -19.77 -1.23 12.77
C PHE B 175 -20.45 -0.63 11.55
N ALA B 176 -21.12 -1.46 10.75
CA ALA B 176 -21.77 -0.96 9.55
C ALA B 176 -22.85 0.05 9.89
N VAL B 177 -23.66 -0.26 10.89
CA VAL B 177 -24.74 0.65 11.29
C VAL B 177 -24.17 1.94 11.86
N LEU B 178 -23.26 1.83 12.83
CA LEU B 178 -22.75 3.03 13.49
C LEU B 178 -21.80 3.82 12.61
N GLY B 179 -21.11 3.16 11.69
CA GLY B 179 -20.11 3.84 10.88
C GLY B 179 -20.65 4.48 9.61
N TYR B 180 -21.74 3.95 9.05
CA TYR B 180 -22.25 4.43 7.77
C TYR B 180 -23.72 4.80 7.78
N LEU B 181 -24.42 4.65 8.90
CA LEU B 181 -25.85 4.93 8.91
C LEU B 181 -26.24 6.01 9.90
N SER B 182 -25.78 5.89 11.16
CA SER B 182 -26.02 6.95 12.13
C SER B 182 -24.84 7.91 12.28
N GLY B 183 -23.63 7.47 11.94
CA GLY B 183 -22.47 8.35 12.02
C GLY B 183 -21.96 8.62 13.42
N VAL B 184 -22.33 7.82 14.41
CA VAL B 184 -21.81 8.02 15.76
C VAL B 184 -20.42 7.43 15.94
N HIS B 185 -19.99 6.55 15.04
CA HIS B 185 -18.65 5.99 14.98
C HIS B 185 -17.98 6.41 13.69
N PRO B 186 -16.65 6.44 13.64
CA PRO B 186 -15.97 6.70 12.37
C PRO B 186 -16.29 5.61 11.38
N PRO B 187 -16.34 5.94 10.07
CA PRO B 187 -16.02 7.25 9.50
C PRO B 187 -17.19 8.24 9.49
N GLY B 188 -18.22 7.95 10.28
CA GLY B 188 -19.29 8.92 10.50
C GLY B 188 -20.22 9.18 9.34
N MET B 189 -20.33 8.26 8.38
CA MET B 189 -21.28 8.45 7.29
C MET B 189 -22.70 8.19 7.76
N LYS B 190 -23.66 8.68 6.98
CA LYS B 190 -25.08 8.45 7.25
C LYS B 190 -25.78 8.19 5.90
N ASP B 191 -25.30 7.17 5.21
CA ASP B 191 -25.67 6.92 3.81
C ASP B 191 -25.93 5.43 3.62
N LEU B 192 -27.20 5.08 3.37
CA LEU B 192 -27.55 3.67 3.21
C LEU B 192 -26.80 3.03 2.04
N LYS B 193 -26.57 3.80 0.96
CA LYS B 193 -25.84 3.25 -0.18
C LYS B 193 -24.39 2.98 0.18
N LYS B 194 -23.75 3.89 0.89
CA LYS B 194 -22.37 3.67 1.31
C LYS B 194 -22.27 2.47 2.24
N ALA B 195 -23.27 2.27 3.11
CA ALA B 195 -23.28 1.11 3.99
C ALA B 195 -23.28 -0.19 3.19
N PHE B 196 -24.01 -0.23 2.07
CA PHE B 196 -24.03 -1.44 1.25
C PHE B 196 -22.70 -1.65 0.54
N ARG B 197 -22.06 -0.57 0.09
CA ARG B 197 -20.73 -0.72 -0.51
C ARG B 197 -19.72 -1.21 0.52
N ALA B 198 -19.83 -0.74 1.77
CA ALA B 198 -18.88 -1.19 2.79
C ALA B 198 -19.18 -2.63 3.22
N ALA B 199 -20.46 -2.96 3.39
CA ALA B 199 -20.82 -4.33 3.80
C ALA B 199 -20.30 -5.35 2.79
N HIS B 200 -20.50 -5.09 1.50
CA HIS B 200 -19.97 -5.96 0.46
C HIS B 200 -18.45 -6.10 0.60
N ASN B 201 -17.75 -4.99 0.84
CA ASN B 201 -16.30 -5.04 0.94
C ASN B 201 -15.83 -5.71 2.23
N LEU B 202 -16.54 -5.49 3.34
CA LEU B 202 -16.18 -6.19 4.57
C LEU B 202 -16.40 -7.69 4.41
N LEU B 203 -17.50 -8.09 3.78
CA LEU B 203 -17.75 -9.51 3.54
C LEU B 203 -16.69 -10.09 2.62
N LEU B 204 -16.35 -9.37 1.55
CA LEU B 204 -15.25 -9.80 0.70
C LEU B 204 -13.97 -9.97 1.51
N ALA B 205 -13.70 -9.02 2.41
CA ALA B 205 -12.46 -9.08 3.18
C ALA B 205 -12.45 -10.29 4.10
N HIS B 206 -13.59 -10.60 4.72
CA HIS B 206 -13.67 -11.82 5.52
C HIS B 206 -13.42 -13.06 4.68
N ALA B 207 -14.03 -13.13 3.49
CA ALA B 207 -13.79 -14.28 2.61
C ALA B 207 -12.33 -14.39 2.20
N ARG B 208 -11.68 -13.25 1.96
N ARG B 208 -11.67 -13.25 1.99
CA ARG B 208 -10.24 -13.25 1.66
CA ARG B 208 -10.24 -13.29 1.66
C ARG B 208 -9.43 -13.77 2.84
C ARG B 208 -9.40 -13.75 2.84
N ALA B 209 -9.77 -13.34 4.05
CA ALA B 209 -9.00 -13.74 5.23
C ALA B 209 -9.13 -15.23 5.48
N VAL B 210 -10.31 -15.80 5.25
CA VAL B 210 -10.48 -17.24 5.45
C VAL B 210 -9.72 -18.03 4.39
N LYS B 211 -9.63 -17.52 3.17
N LYS B 211 -9.65 -17.50 3.17
CA LYS B 211 -8.82 -18.21 2.17
CA LYS B 211 -8.84 -18.12 2.13
C LYS B 211 -7.35 -18.20 2.58
C LYS B 211 -7.38 -18.18 2.54
N ALA B 212 -6.83 -17.04 2.94
CA ALA B 212 -5.43 -16.97 3.39
C ALA B 212 -5.20 -17.86 4.60
N TYR B 213 -6.18 -17.99 5.49
CA TYR B 213 -5.99 -18.85 6.65
C TYR B 213 -5.99 -20.32 6.25
N ARG B 214 -6.92 -20.71 5.36
CA ARG B 214 -6.93 -22.09 4.89
C ARG B 214 -5.69 -22.41 4.07
N GLU B 215 -5.12 -21.42 3.38
CA GLU B 215 -3.94 -21.67 2.55
C GLU B 215 -2.70 -21.90 3.40
N ILE B 216 -2.53 -21.15 4.49
CA ILE B 216 -1.39 -21.35 5.38
C ILE B 216 -1.55 -22.62 6.21
N SER B 217 -2.77 -23.16 6.30
CA SER B 217 -3.02 -24.55 6.71
C SER B 217 -2.55 -24.82 8.14
N GLN B 218 -2.72 -23.84 9.03
CA GLN B 218 -2.48 -24.09 10.43
C GLN B 218 -3.69 -24.77 11.06
N ASN B 219 -3.43 -25.61 12.06
CA ASN B 219 -4.47 -26.41 12.70
C ASN B 219 -5.21 -25.59 13.76
N GLY B 220 -5.84 -24.51 13.30
CA GLY B 220 -6.61 -23.64 14.18
C GLY B 220 -7.98 -23.34 13.61
N GLN B 221 -8.75 -22.57 14.36
CA GLN B 221 -10.11 -22.24 14.00
C GLN B 221 -10.23 -20.74 13.77
N ILE B 222 -11.00 -20.36 12.76
CA ILE B 222 -11.25 -18.96 12.43
C ILE B 222 -12.75 -18.74 12.37
N GLY B 223 -13.18 -17.58 12.86
CA GLY B 223 -14.60 -17.30 12.93
C GLY B 223 -14.91 -15.82 12.79
N ILE B 224 -16.11 -15.43 13.24
CA ILE B 224 -16.53 -14.04 13.19
C ILE B 224 -17.39 -13.77 14.43
N THR B 225 -17.50 -12.50 14.79
CA THR B 225 -18.25 -12.07 15.96
C THR B 225 -19.46 -11.26 15.54
N LEU B 226 -20.62 -11.58 16.12
CA LEU B 226 -21.84 -10.82 15.89
C LEU B 226 -22.42 -10.34 17.21
N ASN B 227 -23.13 -9.21 17.12
CA ASN B 227 -23.96 -8.70 18.21
C ASN B 227 -25.36 -8.57 17.64
N LEU B 228 -26.20 -9.57 17.92
CA LEU B 228 -27.48 -9.75 17.23
C LEU B 228 -28.65 -9.06 17.95
N SER B 229 -28.38 -8.31 19.01
CA SER B 229 -29.40 -7.50 19.67
C SER B 229 -28.79 -6.17 20.08
N PRO B 230 -28.36 -5.37 19.10
CA PRO B 230 -27.64 -4.14 19.42
C PRO B 230 -28.60 -3.05 19.91
N VAL B 231 -28.05 -2.17 20.74
CA VAL B 231 -28.76 -0.97 21.18
C VAL B 231 -27.95 0.24 20.76
N TYR B 232 -28.64 1.34 20.49
CA TYR B 232 -27.98 2.50 19.92
C TYR B 232 -28.21 3.76 20.76
N ASN B 237 -30.61 14.75 19.83
CA ASN B 237 -31.45 15.26 18.74
C ASN B 237 -32.35 14.16 18.15
N GLU B 238 -33.63 14.17 18.50
CA GLU B 238 -34.57 13.17 18.00
C GLU B 238 -34.71 13.18 16.49
N GLU B 239 -34.18 14.18 15.80
CA GLU B 239 -34.24 14.19 14.34
C GLU B 239 -33.43 13.13 13.69
N GLU B 240 -32.11 13.36 13.73
N GLU B 240 -32.12 13.36 13.73
CA GLU B 240 -31.20 12.38 13.20
CA GLU B 240 -31.22 12.40 13.17
C GLU B 240 -31.44 11.04 13.81
C GLU B 240 -31.42 11.04 13.82
N ASP B 241 -32.00 10.99 15.01
CA ASP B 241 -32.17 9.73 15.72
C ASP B 241 -33.24 8.83 15.09
N LYS B 242 -34.31 9.41 14.54
N LYS B 242 -34.30 9.42 14.52
CA LYS B 242 -35.27 8.57 13.84
CA LYS B 242 -35.30 8.60 13.83
C LYS B 242 -34.80 8.29 12.42
C LYS B 242 -34.96 8.38 12.37
N ALA B 243 -34.22 9.30 11.75
CA ALA B 243 -33.69 9.07 10.42
C ALA B 243 -32.62 7.99 10.43
N ALA B 244 -31.83 7.90 11.50
CA ALA B 244 -30.82 6.86 11.59
C ALA B 244 -31.43 5.52 11.96
N ALA B 245 -32.34 5.50 12.93
CA ALA B 245 -33.08 4.28 13.23
C ALA B 245 -33.81 3.80 11.98
N GLU B 246 -34.35 4.73 11.19
N GLU B 246 -34.31 4.71 11.16
CA GLU B 246 -35.01 4.39 9.94
CA GLU B 246 -35.04 4.27 9.96
C GLU B 246 -34.06 3.62 9.02
C GLU B 246 -34.10 3.66 8.92
N ARG B 247 -32.86 4.16 8.81
CA ARG B 247 -31.90 3.51 7.92
C ARG B 247 -31.40 2.19 8.50
N ALA B 248 -31.16 2.15 9.82
CA ALA B 248 -30.67 0.91 10.42
C ALA B 248 -31.66 -0.23 10.22
N ASP B 249 -32.96 0.05 10.31
CA ASP B 249 -33.95 -1.00 10.08
C ASP B 249 -33.91 -1.50 8.64
N GLN B 250 -33.81 -0.58 7.67
CA GLN B 250 -33.65 -1.00 6.28
C GLN B 250 -32.45 -1.90 6.10
N PHE B 251 -31.30 -1.50 6.67
CA PHE B 251 -30.09 -2.30 6.56
C PHE B 251 -30.24 -3.63 7.29
N ASN B 252 -30.73 -3.60 8.53
CA ASN B 252 -30.86 -4.83 9.31
C ASN B 252 -31.85 -5.79 8.66
N ASN B 253 -33.01 -5.27 8.23
CA ASN B 253 -34.01 -6.11 7.58
C ASN B 253 -33.47 -6.70 6.28
N TRP B 254 -32.55 -6.01 5.63
CA TRP B 254 -31.96 -6.54 4.39
C TRP B 254 -31.19 -7.83 4.68
N PHE B 255 -30.39 -7.84 5.74
CA PHE B 255 -29.64 -9.04 6.10
C PHE B 255 -30.53 -10.08 6.79
N LEU B 256 -31.72 -9.69 7.21
CA LEU B 256 -32.67 -10.60 7.84
C LEU B 256 -33.74 -11.05 6.87
N ASP B 257 -33.43 -11.00 5.58
CA ASP B 257 -34.38 -11.45 4.56
C ASP B 257 -34.66 -12.94 4.75
N PRO B 258 -35.91 -13.37 4.60
CA PRO B 258 -36.26 -14.77 4.88
C PRO B 258 -35.45 -15.78 4.08
N ILE B 259 -35.00 -15.44 2.87
CA ILE B 259 -34.28 -16.40 2.03
C ILE B 259 -32.78 -16.36 2.30
N PHE B 260 -32.16 -15.17 2.28
CA PHE B 260 -30.77 -14.98 2.71
C PHE B 260 -30.78 -14.44 4.13
N LYS B 261 -30.73 -15.32 5.12
CA LYS B 261 -30.59 -14.85 6.49
C LYS B 261 -29.20 -15.15 7.04
N GLY B 262 -28.82 -16.42 7.07
CA GLY B 262 -27.50 -16.80 7.51
C GLY B 262 -26.82 -17.59 6.42
N LYS B 263 -27.32 -17.45 5.20
CA LYS B 263 -26.74 -18.11 4.03
C LYS B 263 -25.88 -17.07 3.33
N TYR B 264 -24.57 -17.13 3.56
CA TYR B 264 -23.65 -16.16 2.98
C TYR B 264 -22.97 -16.67 1.72
N GLU B 265 -23.39 -17.84 1.21
CA GLU B 265 -22.92 -18.27 -0.10
C GLU B 265 -23.28 -17.22 -1.16
N HIS B 266 -24.56 -16.87 -1.24
CA HIS B 266 -25.02 -15.92 -2.24
C HIS B 266 -25.25 -14.52 -1.68
N MET B 267 -25.03 -14.33 -0.38
N MET B 267 -25.04 -14.34 -0.37
CA MET B 267 -25.21 -13.00 0.21
CA MET B 267 -25.20 -13.01 0.22
C MET B 267 -24.23 -12.00 -0.40
C MET B 267 -24.23 -12.01 -0.37
N LEU B 268 -23.02 -12.46 -0.71
CA LEU B 268 -22.04 -11.58 -1.33
C LEU B 268 -22.48 -11.19 -2.74
N GLU B 269 -23.03 -12.14 -3.51
CA GLU B 269 -23.58 -11.81 -4.81
C GLU B 269 -24.81 -10.93 -4.68
N ARG B 270 -25.67 -11.22 -3.71
CA ARG B 270 -26.85 -10.39 -3.49
C ARG B 270 -26.46 -8.95 -3.18
N LEU B 271 -25.37 -8.76 -2.43
CA LEU B 271 -24.93 -7.41 -2.09
C LEU B 271 -24.48 -6.65 -3.33
N GLY B 272 -23.71 -7.31 -4.19
CA GLY B 272 -23.27 -6.66 -5.42
C GLY B 272 -24.42 -6.17 -6.27
N GLU B 273 -25.50 -6.96 -6.37
CA GLU B 273 -26.66 -6.52 -7.12
C GLU B 273 -27.36 -5.35 -6.46
N GLN B 274 -27.35 -5.29 -5.13
CA GLN B 274 -27.92 -4.14 -4.43
C GLN B 274 -27.18 -2.86 -4.78
N ILE B 275 -25.84 -2.90 -4.73
CA ILE B 275 -25.04 -1.76 -5.14
C ILE B 275 -25.36 -1.36 -6.57
N ALA B 276 -25.48 -2.34 -7.47
CA ALA B 276 -25.88 -2.04 -8.84
C ALA B 276 -27.31 -1.50 -8.88
N ALA B 277 -28.20 -2.04 -8.05
CA ALA B 277 -29.54 -1.50 -7.98
C ALA B 277 -29.58 -0.10 -7.38
N ASN B 278 -28.53 0.30 -6.65
CA ASN B 278 -28.44 1.62 -6.03
C ASN B 278 -27.85 2.67 -6.95
N GLY B 279 -27.46 2.30 -8.17
CA GLY B 279 -26.85 3.22 -9.10
C GLY B 279 -25.37 3.00 -9.29
N GLY B 280 -24.76 2.09 -8.53
CA GLY B 280 -23.35 1.80 -8.67
C GLY B 280 -23.10 0.69 -9.67
N GLU B 281 -21.83 0.34 -9.81
CA GLU B 281 -21.42 -0.68 -10.76
C GLU B 281 -21.32 -2.04 -10.07
N LEU B 282 -21.75 -3.07 -10.77
CA LEU B 282 -21.71 -4.43 -10.24
C LEU B 282 -20.26 -4.87 -10.05
N PRO B 283 -19.83 -5.15 -8.82
CA PRO B 283 -18.46 -5.64 -8.63
C PRO B 283 -18.31 -7.05 -9.19
N GLU B 284 -17.07 -7.40 -9.51
N GLU B 284 -17.07 -7.42 -9.47
CA GLU B 284 -16.75 -8.71 -10.04
CA GLU B 284 -16.77 -8.72 -10.06
C GLU B 284 -16.25 -9.61 -8.91
C GLU B 284 -16.16 -9.64 -9.01
N ILE B 285 -16.71 -10.85 -8.93
CA ILE B 285 -16.35 -11.86 -7.93
C ILE B 285 -15.60 -12.97 -8.65
N THR B 286 -14.51 -13.45 -8.04
CA THR B 286 -13.81 -14.60 -8.59
C THR B 286 -14.11 -15.85 -7.77
N ASP B 287 -15.39 -16.16 -7.64
CA ASP B 287 -15.90 -17.28 -6.81
C ASP B 287 -15.09 -17.44 -5.52
N GLU B 288 -14.82 -16.32 -4.86
CA GLU B 288 -14.70 -16.27 -3.41
C GLU B 288 -16.06 -16.26 -2.75
N MET B 289 -17.10 -16.23 -3.58
CA MET B 289 -18.46 -16.51 -3.13
C MET B 289 -18.54 -17.80 -2.35
N GLU B 290 -18.00 -18.88 -2.91
CA GLU B 290 -18.15 -20.17 -2.30
C GLU B 290 -17.01 -20.53 -1.36
N ILE B 291 -16.12 -19.58 -1.07
CA ILE B 291 -15.31 -19.70 0.13
C ILE B 291 -16.16 -19.44 1.35
N LEU B 292 -17.06 -18.46 1.28
CA LEU B 292 -18.04 -18.26 2.31
C LEU B 292 -19.03 -19.43 2.43
N SER B 293 -19.03 -20.34 1.45
N SER B 293 -19.01 -20.36 1.48
CA SER B 293 -19.90 -21.50 1.47
CA SER B 293 -19.75 -21.61 1.66
C SER B 293 -19.37 -22.60 2.38
C SER B 293 -19.14 -22.45 2.78
N ALA B 294 -18.06 -22.68 2.53
N ALA B 294 -17.83 -22.34 3.00
CA ALA B 294 -17.46 -23.57 3.52
CA ALA B 294 -17.16 -22.94 4.15
C ALA B 294 -17.74 -22.99 4.90
C ALA B 294 -16.63 -21.83 5.06
N SER B 295 -18.55 -23.70 5.70
N SER B 295 -17.54 -20.98 5.54
CA SER B 295 -19.01 -23.17 6.98
CA SER B 295 -17.11 -19.70 6.11
C SER B 295 -17.82 -22.81 7.88
C SER B 295 -16.55 -19.81 7.51
N LEU B 296 -17.94 -21.67 8.54
N LEU B 296 -17.10 -20.66 8.39
CA LEU B 296 -16.89 -21.17 9.42
CA LEU B 296 -16.75 -20.54 9.80
C LEU B 296 -16.69 -22.12 10.60
C LEU B 296 -16.62 -21.89 10.51
N ASP B 297 -15.52 -22.03 11.24
CA ASP B 297 -15.26 -23.06 12.24
C ASP B 297 -16.08 -22.84 13.51
N PHE B 298 -16.54 -21.61 13.76
CA PHE B 298 -17.31 -21.29 14.96
C PHE B 298 -17.97 -19.94 14.75
N ILE B 299 -18.85 -19.56 15.69
CA ILE B 299 -19.48 -18.26 15.70
C ILE B 299 -19.33 -17.64 17.10
N GLY B 300 -18.99 -16.36 17.13
CA GLY B 300 -18.91 -15.62 18.37
C GLY B 300 -20.14 -14.75 18.57
N LEU B 301 -20.63 -14.71 19.80
CA LEU B 301 -21.81 -13.93 20.15
C LEU B 301 -21.42 -12.90 21.20
N ASN B 302 -21.62 -11.63 20.88
CA ASN B 302 -21.47 -10.54 21.83
C ASN B 302 -22.86 -10.19 22.34
N TYR B 303 -23.15 -10.55 23.58
CA TYR B 303 -24.47 -10.31 24.17
C TYR B 303 -24.32 -9.41 25.39
N TYR B 304 -25.01 -8.26 25.36
CA TYR B 304 -25.08 -7.32 26.46
C TYR B 304 -26.51 -7.12 26.95
N THR B 305 -27.43 -6.84 26.04
CA THR B 305 -28.84 -6.74 26.32
C THR B 305 -29.58 -7.15 25.05
N SER B 306 -30.89 -6.89 24.99
CA SER B 306 -31.65 -7.29 23.82
C SER B 306 -32.87 -6.41 23.65
N ASN B 307 -33.31 -6.28 22.39
CA ASN B 307 -34.44 -5.45 22.03
C ASN B 307 -35.72 -6.24 21.75
N LEU B 308 -35.62 -7.55 21.52
CA LEU B 308 -36.82 -8.35 21.30
C LEU B 308 -37.70 -8.34 22.54
N VAL B 309 -37.12 -8.63 23.70
CA VAL B 309 -37.87 -8.58 24.96
C VAL B 309 -37.33 -7.45 25.85
N ARG B 327 -33.92 0.17 31.92
N ARG B 327 -34.01 0.48 32.25
CA ARG B 327 -32.59 0.74 32.19
CA ARG B 327 -32.58 0.69 32.14
C ARG B 327 -32.14 0.46 33.63
C ARG B 327 -31.87 0.50 33.49
N THR B 328 -31.70 -0.77 33.89
CA THR B 328 -31.10 -1.12 35.16
C THR B 328 -29.57 -1.19 35.08
N ASP B 329 -29.00 -0.78 33.94
CA ASP B 329 -27.58 -0.72 33.66
C ASP B 329 -27.15 0.75 33.61
N MET B 330 -26.01 1.02 32.98
N MET B 330 -26.01 1.02 32.98
CA MET B 330 -25.63 2.38 32.59
CA MET B 330 -25.63 2.38 32.59
C MET B 330 -26.04 2.66 31.16
C MET B 330 -26.04 2.65 31.15
N GLY B 331 -27.25 2.21 30.81
CA GLY B 331 -27.82 2.40 29.49
C GLY B 331 -28.97 1.46 29.23
N TRP B 332 -28.81 0.18 29.59
CA TRP B 332 -29.55 -0.90 28.95
C TRP B 332 -30.38 -1.69 29.97
N GLU B 333 -31.13 -2.67 29.44
CA GLU B 333 -32.02 -3.52 30.23
C GLU B 333 -31.37 -4.88 30.43
N ILE B 334 -31.03 -5.20 31.67
CA ILE B 334 -30.45 -6.50 31.99
C ILE B 334 -31.50 -7.58 31.81
N TYR B 335 -31.17 -8.58 31.02
CA TYR B 335 -32.14 -9.60 30.67
C TYR B 335 -31.42 -10.86 30.22
N PRO B 336 -31.06 -11.75 31.15
CA PRO B 336 -30.24 -12.92 30.77
C PRO B 336 -31.00 -13.97 29.99
N GLU B 337 -32.32 -14.05 30.11
CA GLU B 337 -33.06 -15.10 29.42
C GLU B 337 -32.91 -14.98 27.91
N GLY B 338 -32.74 -13.76 27.40
CA GLY B 338 -32.54 -13.58 25.96
C GLY B 338 -31.25 -14.18 25.45
N LEU B 339 -30.23 -14.27 26.32
CA LEU B 339 -29.02 -14.98 25.93
C LEU B 339 -29.28 -16.47 25.81
N TYR B 340 -30.20 -17.01 26.61
CA TYR B 340 -30.62 -18.38 26.43
C TYR B 340 -31.41 -18.55 25.13
N ASP B 341 -32.35 -17.65 24.87
CA ASP B 341 -33.14 -17.71 23.65
C ASP B 341 -32.24 -17.59 22.42
N LEU B 342 -31.25 -16.71 22.48
CA LEU B 342 -30.36 -16.52 21.34
C LEU B 342 -29.44 -17.72 21.14
N LEU B 343 -28.99 -18.32 22.23
CA LEU B 343 -28.11 -19.48 22.10
C LEU B 343 -28.86 -20.66 21.48
N LYS B 344 -30.14 -20.81 21.81
CA LYS B 344 -30.94 -21.88 21.20
C LYS B 344 -31.10 -21.64 19.71
N ARG B 345 -31.67 -20.50 19.33
CA ARG B 345 -32.07 -20.31 17.93
C ARG B 345 -30.88 -20.26 16.98
N ILE B 346 -29.72 -19.79 17.44
CA ILE B 346 -28.52 -19.85 16.61
C ILE B 346 -28.07 -21.29 16.44
N HIS B 347 -28.19 -22.10 17.48
CA HIS B 347 -27.72 -23.49 17.41
C HIS B 347 -28.68 -24.37 16.61
N GLU B 348 -29.99 -24.10 16.68
CA GLU B 348 -30.95 -24.91 15.95
C GLU B 348 -30.96 -24.60 14.45
N LYS B 349 -30.46 -23.43 14.04
CA LYS B 349 -30.51 -23.03 12.65
C LYS B 349 -29.15 -22.93 11.98
N TYR B 350 -28.05 -23.11 12.72
CA TYR B 350 -26.72 -23.09 12.12
C TYR B 350 -25.81 -24.20 12.62
N ASN B 351 -26.04 -24.74 13.81
CA ASN B 351 -25.31 -25.91 14.31
C ASN B 351 -23.80 -25.71 14.20
N LEU B 352 -23.34 -24.57 14.71
CA LEU B 352 -21.91 -24.30 14.80
C LEU B 352 -21.52 -24.16 16.26
N PRO B 353 -20.29 -24.51 16.62
CA PRO B 353 -19.81 -24.22 17.98
C PRO B 353 -19.85 -22.72 18.24
N ILE B 354 -20.33 -22.37 19.43
CA ILE B 354 -20.58 -20.98 19.81
C ILE B 354 -19.61 -20.57 20.91
N TYR B 355 -19.02 -19.40 20.76
CA TYR B 355 -18.22 -18.76 21.80
C TYR B 355 -18.90 -17.46 22.20
N ILE B 356 -19.18 -17.30 23.48
CA ILE B 356 -19.65 -16.01 23.98
C ILE B 356 -18.42 -15.11 24.05
N THR B 357 -18.07 -14.48 22.93
CA THR B 357 -16.84 -13.70 22.87
C THR B 357 -16.95 -12.38 23.62
N GLU B 358 -18.15 -11.99 24.07
CA GLU B 358 -18.33 -10.78 24.87
C GLU B 358 -19.61 -10.91 25.67
N ASN B 359 -19.50 -10.70 26.98
CA ASN B 359 -20.64 -10.55 27.88
C ASN B 359 -20.15 -9.75 29.08
N GLY B 360 -20.89 -8.72 29.44
CA GLY B 360 -20.46 -7.88 30.55
C GLY B 360 -21.45 -6.76 30.78
N MET B 361 -21.14 -5.96 31.80
CA MET B 361 -22.02 -4.90 32.24
C MET B 361 -21.21 -3.72 32.74
N ALA B 362 -21.63 -2.53 32.35
CA ALA B 362 -21.05 -1.30 32.87
C ALA B 362 -21.69 -0.96 34.22
N VAL B 363 -20.84 -0.58 35.18
CA VAL B 363 -21.25 -0.26 36.54
C VAL B 363 -20.50 0.99 36.97
N ASP B 364 -21.17 1.87 37.72
CA ASP B 364 -20.52 3.08 38.22
C ASP B 364 -19.61 2.67 39.38
N ASP B 365 -18.41 2.21 39.04
CA ASP B 365 -17.48 1.67 40.02
C ASP B 365 -16.67 2.76 40.69
N GLU B 366 -16.52 2.64 42.01
CA GLU B 366 -15.67 3.54 42.78
C GLU B 366 -14.74 2.71 43.64
N VAL B 367 -13.45 3.07 43.67
CA VAL B 367 -12.50 2.45 44.59
C VAL B 367 -12.71 3.04 45.97
N GLU B 368 -13.15 2.20 46.92
CA GLU B 368 -13.34 2.61 48.31
C GLU B 368 -12.41 1.79 49.18
N ASP B 369 -11.43 2.45 49.81
CA ASP B 369 -10.42 1.81 50.66
C ASP B 369 -9.74 0.65 49.93
N GLY B 370 -9.36 0.90 48.67
CA GLY B 370 -8.60 -0.05 47.89
C GLY B 370 -9.39 -1.19 47.28
N ALA B 371 -10.70 -1.23 47.48
CA ALA B 371 -11.52 -2.32 46.96
C ALA B 371 -12.66 -1.75 46.12
N VAL B 372 -13.20 -2.60 45.25
CA VAL B 372 -14.34 -2.27 44.41
C VAL B 372 -15.40 -3.34 44.64
N HIS B 373 -16.50 -2.97 45.27
CA HIS B 373 -17.58 -3.92 45.59
C HIS B 373 -18.67 -3.86 44.52
N ASP B 374 -18.33 -4.37 43.34
CA ASP B 374 -19.25 -4.36 42.19
C ASP B 374 -20.11 -5.63 42.18
N THR B 375 -20.87 -5.81 43.25
CA THR B 375 -21.70 -7.00 43.38
C THR B 375 -22.75 -7.09 42.27
N ASN B 376 -23.28 -5.95 41.81
CA ASN B 376 -24.30 -6.01 40.77
C ASN B 376 -23.73 -6.44 39.42
N ARG B 377 -22.42 -6.30 39.21
CA ARG B 377 -21.79 -6.94 38.07
C ARG B 377 -21.73 -8.45 38.27
N ILE B 378 -21.50 -8.91 39.50
CA ILE B 378 -21.48 -10.35 39.76
C ILE B 378 -22.85 -10.96 39.48
N ASP B 379 -23.92 -10.29 39.93
CA ASP B 379 -25.28 -10.77 39.64
C ASP B 379 -25.53 -10.83 38.14
N TYR B 380 -25.00 -9.88 37.38
CA TYR B 380 -25.17 -9.90 35.93
C TYR B 380 -24.50 -11.13 35.34
N LEU B 381 -23.20 -11.30 35.62
CA LEU B 381 -22.46 -12.40 35.02
C LEU B 381 -22.93 -13.75 35.53
N LYS B 382 -23.48 -13.81 36.74
CA LYS B 382 -23.97 -15.07 37.26
C LYS B 382 -25.26 -15.47 36.52
N GLU B 383 -26.21 -14.54 36.43
CA GLU B 383 -27.45 -14.81 35.71
C GLU B 383 -27.19 -15.17 34.24
N HIS B 384 -26.17 -14.57 33.63
CA HIS B 384 -25.94 -14.85 32.21
C HIS B 384 -25.22 -16.17 32.00
N LEU B 385 -24.31 -16.55 32.92
CA LEU B 385 -23.70 -17.88 32.84
C LEU B 385 -24.71 -18.97 33.15
N GLU B 386 -25.73 -18.67 33.96
CA GLU B 386 -26.78 -19.65 34.18
C GLU B 386 -27.57 -19.88 32.91
N ALA B 387 -27.88 -18.80 32.18
CA ALA B 387 -28.53 -18.93 30.89
C ALA B 387 -27.66 -19.71 29.92
N VAL B 388 -26.34 -19.45 29.93
CA VAL B 388 -25.42 -20.21 29.10
C VAL B 388 -25.42 -21.68 29.50
N HIS B 389 -25.41 -21.96 30.81
CA HIS B 389 -25.38 -23.34 31.26
C HIS B 389 -26.61 -24.11 30.81
N LYS B 390 -27.79 -23.49 30.91
CA LYS B 390 -29.01 -24.16 30.51
C LYS B 390 -29.01 -24.44 29.00
N ALA B 391 -28.34 -23.58 28.22
CA ALA B 391 -28.20 -23.85 26.80
C ALA B 391 -27.36 -25.11 26.56
N ILE B 392 -26.20 -25.21 27.23
CA ILE B 392 -25.37 -26.39 27.11
C ILE B 392 -26.09 -27.63 27.62
N GLU B 393 -26.92 -27.46 28.66
N GLU B 393 -26.90 -27.46 28.67
CA GLU B 393 -27.69 -28.60 29.17
CA GLU B 393 -27.71 -28.57 29.19
C GLU B 393 -28.67 -29.13 28.14
C GLU B 393 -28.61 -29.13 28.10
N GLU B 394 -29.23 -28.25 27.31
CA GLU B 394 -30.20 -28.65 26.30
C GLU B 394 -29.57 -28.97 24.96
N GLY B 395 -28.24 -28.98 24.87
CA GLY B 395 -27.55 -29.45 23.67
C GLY B 395 -26.76 -28.40 22.91
N VAL B 396 -26.79 -27.12 23.30
CA VAL B 396 -26.08 -26.09 22.56
C VAL B 396 -24.58 -26.27 22.77
N ASN B 397 -23.82 -26.19 21.68
CA ASN B 397 -22.38 -26.46 21.72
C ASN B 397 -21.63 -25.15 21.97
N VAL B 398 -21.82 -24.63 23.18
CA VAL B 398 -21.00 -23.50 23.67
C VAL B 398 -19.69 -24.07 24.18
N ARG B 399 -18.57 -23.52 23.68
CA ARG B 399 -17.26 -24.03 24.03
C ARG B 399 -16.41 -23.03 24.79
N GLY B 400 -16.88 -21.81 24.99
CA GLY B 400 -16.10 -20.80 25.68
C GLY B 400 -16.93 -19.58 26.01
N TYR B 401 -16.40 -18.79 26.94
CA TYR B 401 -17.10 -17.63 27.47
C TYR B 401 -16.06 -16.59 27.84
N PHE B 402 -16.25 -15.35 27.39
CA PHE B 402 -15.32 -14.26 27.63
C PHE B 402 -16.07 -13.09 28.23
N VAL B 403 -15.68 -12.69 29.45
CA VAL B 403 -16.22 -11.48 30.05
C VAL B 403 -15.66 -10.28 29.31
N TRP B 404 -16.53 -9.34 28.96
CA TRP B 404 -16.09 -8.00 28.60
C TRP B 404 -16.31 -7.08 29.80
N SER B 405 -15.24 -6.46 30.27
CA SER B 405 -13.91 -6.64 29.73
C SER B 405 -12.96 -7.00 30.87
N LEU B 406 -11.74 -7.41 30.53
CA LEU B 406 -10.78 -7.76 31.58
C LEU B 406 -10.49 -6.56 32.46
N MET B 407 -10.34 -5.38 31.87
CA MET B 407 -10.07 -4.16 32.61
C MET B 407 -10.96 -3.04 32.08
N ASP B 408 -11.16 -2.02 32.90
CA ASP B 408 -11.78 -0.79 32.42
C ASP B 408 -10.96 -0.22 31.28
N ASN B 409 -11.63 0.40 30.32
CA ASN B 409 -10.94 0.84 29.12
C ASN B 409 -11.71 1.98 28.47
N PHE B 410 -11.25 2.38 27.29
CA PHE B 410 -11.83 3.45 26.48
C PHE B 410 -13.02 2.90 25.70
N GLU B 411 -14.23 3.15 26.20
CA GLU B 411 -15.45 2.60 25.63
C GLU B 411 -15.94 3.45 24.45
N TRP B 412 -15.08 3.49 23.43
CA TRP B 412 -15.38 4.19 22.18
C TRP B 412 -15.93 5.60 22.41
N ALA B 413 -17.13 5.89 21.90
CA ALA B 413 -17.64 7.27 21.98
C ALA B 413 -18.02 7.66 23.41
N ASN B 414 -18.16 6.69 24.32
CA ASN B 414 -18.36 7.00 25.73
C ASN B 414 -17.06 7.34 26.44
N GLY B 415 -15.91 7.13 25.80
CA GLY B 415 -14.65 7.42 26.46
C GLY B 415 -14.45 6.53 27.67
N TYR B 416 -13.89 7.12 28.72
CA TYR B 416 -13.59 6.35 29.92
C TYR B 416 -14.72 6.38 30.94
N SER B 417 -15.84 7.02 30.61
CA SER B 417 -16.98 7.16 31.50
C SER B 417 -17.78 5.88 31.68
N LYS B 418 -17.38 4.77 31.06
N LYS B 418 -17.37 4.78 31.05
CA LYS B 418 -18.11 3.51 31.18
CA LYS B 418 -18.06 3.51 31.13
C LYS B 418 -17.12 2.40 31.50
C LYS B 418 -17.06 2.43 31.53
N ARG B 419 -17.23 1.84 32.70
CA ARG B 419 -16.30 0.85 33.21
C ARG B 419 -16.92 -0.54 33.10
N PHE B 420 -16.40 -1.34 32.18
CA PHE B 420 -16.83 -2.71 31.96
C PHE B 420 -15.91 -3.73 32.60
N GLY B 421 -14.81 -3.29 33.18
CA GLY B 421 -13.74 -4.20 33.51
C GLY B 421 -14.03 -5.10 34.70
N LEU B 422 -13.46 -6.29 34.67
CA LEU B 422 -13.25 -7.05 35.90
C LEU B 422 -12.19 -6.39 36.78
N ILE B 423 -11.32 -5.57 36.19
CA ILE B 423 -10.21 -4.94 36.87
C ILE B 423 -10.37 -3.42 36.74
N TYR B 424 -10.38 -2.73 37.88
CA TYR B 424 -10.44 -1.28 37.87
C TYR B 424 -9.10 -0.69 37.46
N VAL B 425 -9.14 0.35 36.65
CA VAL B 425 -7.94 1.07 36.23
C VAL B 425 -8.10 2.53 36.62
N ASP B 426 -7.20 3.00 37.48
CA ASP B 426 -7.11 4.43 37.75
C ASP B 426 -6.24 5.06 36.68
N TYR B 427 -6.81 5.98 35.91
CA TYR B 427 -6.13 6.44 34.71
C TYR B 427 -5.06 7.50 34.96
N LYS B 428 -4.99 8.07 36.17
CA LYS B 428 -3.90 8.99 36.47
C LYS B 428 -2.66 8.28 36.97
N THR B 429 -2.82 7.16 37.67
CA THR B 429 -1.68 6.38 38.17
C THR B 429 -1.47 5.09 37.38
N GLN B 430 -2.43 4.68 36.56
CA GLN B 430 -2.41 3.41 35.85
C GLN B 430 -2.33 2.21 36.79
N LYS B 431 -2.71 2.39 38.05
CA LYS B 431 -2.80 1.27 38.96
C LYS B 431 -3.99 0.40 38.61
N ARG B 432 -3.79 -0.91 38.64
CA ARG B 432 -4.87 -1.87 38.38
C ARG B 432 -5.35 -2.45 39.70
N THR B 433 -6.64 -2.33 39.97
CA THR B 433 -7.24 -2.91 41.17
C THR B 433 -8.28 -3.95 40.77
N PRO B 434 -8.00 -5.24 40.94
CA PRO B 434 -9.04 -6.25 40.70
C PRO B 434 -10.28 -5.97 41.54
N LYS B 435 -11.44 -6.03 40.90
CA LYS B 435 -12.70 -5.79 41.57
C LYS B 435 -13.19 -7.07 42.24
N LYS B 436 -14.27 -6.93 43.02
CA LYS B 436 -14.90 -8.11 43.62
C LYS B 436 -15.36 -9.12 42.57
N SER B 437 -15.81 -8.64 41.40
CA SER B 437 -16.23 -9.56 40.35
C SER B 437 -15.04 -10.37 39.82
N ALA B 438 -13.83 -9.84 39.92
CA ALA B 438 -12.64 -10.61 39.55
C ALA B 438 -12.47 -11.81 40.49
N TYR B 439 -12.47 -11.56 41.80
CA TYR B 439 -12.32 -12.67 42.74
C TYR B 439 -13.46 -13.66 42.61
N TRP B 440 -14.65 -13.19 42.26
CA TRP B 440 -15.77 -14.11 42.04
C TRP B 440 -15.52 -14.96 40.80
N TYR B 441 -15.12 -14.32 39.69
CA TYR B 441 -14.85 -15.04 38.45
C TYR B 441 -13.74 -16.06 38.64
N ARG B 442 -12.69 -15.70 39.38
CA ARG B 442 -11.62 -16.64 39.70
C ARG B 442 -12.19 -17.90 40.32
N GLU B 443 -13.14 -17.75 41.26
CA GLU B 443 -13.74 -18.92 41.88
C GLU B 443 -14.57 -19.70 40.87
N VAL B 444 -15.31 -18.99 40.01
CA VAL B 444 -16.08 -19.67 38.97
C VAL B 444 -15.16 -20.53 38.11
N ILE B 445 -14.01 -19.99 37.72
CA ILE B 445 -13.13 -20.72 36.81
C ILE B 445 -12.54 -21.95 37.49
N LYS B 446 -11.98 -21.76 38.69
CA LYS B 446 -11.41 -22.91 39.39
C LYS B 446 -12.52 -23.90 39.74
N SER B 447 -13.73 -23.41 40.04
CA SER B 447 -14.88 -24.29 40.22
C SER B 447 -15.39 -24.88 38.92
N ASN B 448 -15.09 -24.25 37.78
CA ASN B 448 -15.65 -24.62 36.48
C ASN B 448 -17.17 -24.65 36.52
N GLY B 449 -17.76 -23.60 37.07
CA GLY B 449 -19.20 -23.50 37.17
C GLY B 449 -19.60 -22.73 38.41
N LEU B 450 -20.91 -22.73 38.66
CA LEU B 450 -21.49 -21.92 39.74
C LEU B 450 -21.95 -22.78 40.91
N LYS C 7 25.39 52.69 -4.21
CA LYS C 7 24.19 53.40 -4.64
C LYS C 7 23.13 53.36 -3.53
N SER C 8 21.86 53.45 -3.93
CA SER C 8 20.75 53.40 -2.97
C SER C 8 19.48 53.09 -3.73
N LEU C 9 18.99 51.85 -3.59
CA LEU C 9 17.78 51.38 -4.26
C LEU C 9 16.60 51.60 -3.32
N LYS C 10 15.80 52.62 -3.59
CA LYS C 10 14.58 52.87 -2.82
C LYS C 10 13.40 52.11 -3.44
N PHE C 11 12.40 51.82 -2.62
CA PHE C 11 11.27 51.03 -3.04
C PHE C 11 10.01 51.88 -3.15
N PRO C 12 9.00 51.41 -3.89
CA PRO C 12 7.78 52.22 -4.06
C PRO C 12 7.20 52.65 -2.73
N LYS C 13 6.45 53.75 -2.76
CA LYS C 13 5.89 54.29 -1.53
C LYS C 13 4.57 53.59 -1.21
N ASP C 14 4.37 53.30 0.07
CA ASP C 14 3.34 52.39 0.57
C ASP C 14 3.59 50.96 0.15
N PHE C 15 4.85 50.62 -0.15
CA PHE C 15 5.26 49.25 -0.38
C PHE C 15 5.05 48.41 0.88
N LEU C 16 4.68 47.15 0.70
CA LEU C 16 4.47 46.25 1.82
C LEU C 16 5.79 45.59 2.18
N TRP C 17 6.22 45.76 3.43
CA TRP C 17 7.39 45.10 3.98
C TRP C 17 6.90 44.13 5.05
N GLY C 18 6.92 42.83 4.74
CA GLY C 18 6.32 41.84 5.61
C GLY C 18 7.20 40.62 5.81
N ALA C 19 6.65 39.69 6.59
CA ALA C 19 7.15 38.33 6.73
C ALA C 19 5.94 37.41 6.74
N ALA C 20 6.17 36.12 6.49
CA ALA C 20 5.07 35.19 6.22
C ALA C 20 5.21 33.90 7.01
N THR C 21 4.07 33.33 7.40
CA THR C 21 3.96 32.06 8.11
C THR C 21 2.79 31.28 7.52
N ALA C 22 2.60 30.06 8.03
CA ALA C 22 1.40 29.29 7.74
C ALA C 22 0.92 28.63 9.03
N ALA C 23 -0.39 28.45 9.13
CA ALA C 23 -1.02 28.10 10.40
C ALA C 23 -0.40 26.85 11.02
N TYR C 24 -0.35 25.75 10.27
CA TYR C 24 0.12 24.50 10.84
C TYR C 24 1.61 24.54 11.15
N GLN C 25 2.37 25.42 10.50
CA GLN C 25 3.81 25.45 10.69
C GLN C 25 4.23 26.14 11.99
N ILE C 26 3.38 26.99 12.57
CA ILE C 26 3.78 27.79 13.73
C ILE C 26 2.82 27.67 14.92
N GLU C 27 1.53 27.45 14.63
CA GLU C 27 0.51 27.66 15.65
C GLU C 27 0.65 26.68 16.81
N GLY C 28 0.78 25.40 16.52
CA GLY C 28 0.64 24.44 17.59
C GLY C 28 -0.81 24.43 18.04
N ALA C 29 -1.00 24.00 19.29
CA ALA C 29 -2.34 23.86 19.86
C ALA C 29 -3.25 23.07 18.91
N ALA C 30 -2.75 21.93 18.42
CA ALA C 30 -3.41 21.19 17.37
C ALA C 30 -4.71 20.53 17.84
N ASN C 31 -4.76 20.09 19.10
CA ASN C 31 -5.93 19.39 19.62
C ASN C 31 -6.48 20.09 20.86
N GLU C 32 -6.63 21.42 20.79
CA GLU C 32 -7.22 22.16 21.90
C GLU C 32 -8.00 23.34 21.35
N ASP C 33 -8.89 23.87 22.19
CA ASP C 33 -9.74 25.01 21.85
C ASP C 33 -10.58 24.77 20.61
N GLY C 34 -10.98 23.51 20.39
CA GLY C 34 -11.97 23.16 19.40
C GLY C 34 -11.43 22.87 18.01
N ARG C 35 -10.11 22.85 17.83
CA ARG C 35 -9.55 22.61 16.51
C ARG C 35 -9.64 21.14 16.14
N GLY C 36 -10.19 20.86 14.96
CA GLY C 36 -10.19 19.53 14.42
C GLY C 36 -8.87 19.19 13.75
N PRO C 37 -8.62 17.90 13.53
CA PRO C 37 -7.36 17.51 12.88
C PRO C 37 -7.39 17.79 11.38
N SER C 38 -6.24 18.15 10.85
CA SER C 38 -6.06 18.31 9.41
C SER C 38 -5.32 17.09 8.86
N ILE C 39 -5.23 17.04 7.52
CA ILE C 39 -4.47 15.96 6.90
C ILE C 39 -2.99 16.04 7.28
N TRP C 40 -2.52 17.18 7.76
CA TRP C 40 -1.13 17.26 8.19
C TRP C 40 -0.94 16.79 9.62
N ASP C 41 -1.97 16.88 10.47
CA ASP C 41 -1.94 16.18 11.75
C ASP C 41 -1.79 14.69 11.52
N THR C 42 -2.60 14.13 10.64
CA THR C 42 -2.52 12.70 10.32
C THR C 42 -1.17 12.35 9.71
N PHE C 43 -0.75 13.14 8.71
CA PHE C 43 0.50 12.87 8.00
C PHE C 43 1.70 12.88 8.94
N SER C 44 1.76 13.86 9.85
CA SER C 44 2.90 13.94 10.77
C SER C 44 2.84 12.93 11.90
N HIS C 45 1.72 12.24 12.11
CA HIS C 45 1.64 11.16 13.08
C HIS C 45 1.75 9.79 12.41
N THR C 46 2.16 9.75 11.15
CA THR C 46 2.34 8.51 10.43
C THR C 46 3.82 8.26 10.25
N PRO C 47 4.34 7.11 10.70
CA PRO C 47 5.78 6.86 10.61
C PRO C 47 6.30 6.93 9.17
N GLY C 48 7.52 7.46 9.02
CA GLY C 48 8.18 7.52 7.74
C GLY C 48 7.82 8.71 6.88
N LYS C 49 6.90 9.57 7.34
CA LYS C 49 6.41 10.67 6.53
C LYS C 49 7.13 11.99 6.76
N VAL C 50 7.63 12.25 7.98
CA VAL C 50 8.28 13.52 8.29
C VAL C 50 9.63 13.24 8.91
N HIS C 51 10.61 14.08 8.58
CA HIS C 51 11.95 13.97 9.15
C HIS C 51 11.93 13.84 10.67
N ASN C 52 12.65 12.85 11.18
CA ASN C 52 12.88 12.65 12.62
C ASN C 52 11.57 12.56 13.41
N GLY C 53 10.48 12.18 12.76
CA GLY C 53 9.22 12.03 13.45
C GLY C 53 8.60 13.31 13.95
N ASP C 54 9.03 14.46 13.44
CA ASP C 54 8.48 15.74 13.86
C ASP C 54 7.01 15.86 13.50
N ASN C 55 6.30 16.68 14.25
CA ASN C 55 4.91 17.01 13.96
C ASN C 55 4.67 18.44 14.43
N GLY C 56 3.47 18.95 14.16
CA GLY C 56 3.15 20.29 14.56
C GLY C 56 2.13 20.36 15.66
N ASP C 57 2.17 19.38 16.59
CA ASP C 57 1.33 19.46 17.77
C ASP C 57 1.59 20.74 18.56
N VAL C 58 2.84 21.19 18.59
CA VAL C 58 3.24 22.36 19.35
C VAL C 58 3.87 23.43 18.48
N ALA C 59 4.76 23.05 17.56
CA ALA C 59 5.39 23.96 16.59
C ALA C 59 6.00 25.13 17.36
N CYS C 60 5.68 26.37 17.01
CA CYS C 60 6.21 27.53 17.71
C CYS C 60 5.33 27.98 18.86
N ASP C 61 4.29 27.22 19.19
CA ASP C 61 3.33 27.59 20.24
C ASP C 61 2.76 28.99 19.97
N HIS C 62 2.68 29.36 18.69
CA HIS C 62 2.27 30.71 18.33
C HIS C 62 0.82 30.97 18.69
N TYR C 63 -0.02 29.94 18.69
CA TYR C 63 -1.39 30.11 19.14
C TYR C 63 -1.47 30.71 20.53
N HIS C 64 -0.50 30.37 21.40
CA HIS C 64 -0.48 30.89 22.76
C HIS C 64 0.40 32.12 22.90
N ARG C 65 1.43 32.25 22.07
CA ARG C 65 2.44 33.29 22.23
C ARG C 65 2.33 34.36 21.15
N TYR C 66 1.13 34.55 20.58
CA TYR C 66 1.01 35.44 19.42
C TYR C 66 1.33 36.89 19.79
N LYS C 67 0.89 37.34 20.96
CA LYS C 67 1.17 38.73 21.34
C LYS C 67 2.66 38.98 21.50
N GLU C 68 3.42 37.98 21.96
CA GLU C 68 4.86 38.11 21.96
C GLU C 68 5.41 38.21 20.54
N ASP C 69 4.83 37.43 19.62
CA ASP C 69 5.33 37.44 18.25
C ASP C 69 4.91 38.70 17.50
N VAL C 70 3.73 39.23 17.79
CA VAL C 70 3.33 40.50 17.17
C VAL C 70 4.21 41.65 17.69
N GLU C 71 4.71 41.52 18.91
CA GLU C 71 5.64 42.54 19.40
C GLU C 71 6.94 42.51 18.61
N LEU C 72 7.49 41.32 18.36
CA LEU C 72 8.73 41.23 17.59
C LEU C 72 8.53 41.79 16.20
N MET C 73 7.34 41.59 15.62
CA MET C 73 7.02 42.20 14.33
C MET C 73 7.11 43.71 14.41
N LYS C 74 6.58 44.30 15.49
CA LYS C 74 6.73 45.74 15.69
C LYS C 74 8.20 46.12 15.81
N GLU C 75 8.98 45.32 16.55
CA GLU C 75 10.41 45.59 16.67
C GLU C 75 11.11 45.49 15.32
N LEU C 76 10.58 44.68 14.40
CA LEU C 76 11.15 44.57 13.07
C LEU C 76 10.69 45.68 12.13
N GLY C 77 9.57 46.34 12.45
CA GLY C 77 9.07 47.39 11.58
C GLY C 77 8.24 46.90 10.43
N LEU C 78 7.70 45.68 10.51
CA LEU C 78 6.81 45.18 9.46
C LEU C 78 5.54 46.03 9.39
N ASN C 79 5.20 46.49 8.19
CA ASN C 79 3.91 47.11 7.95
C ASN C 79 2.88 46.10 7.46
N ALA C 80 3.25 44.82 7.39
CA ALA C 80 2.35 43.78 6.92
C ALA C 80 2.85 42.44 7.43
N TYR C 81 1.92 41.50 7.59
CA TYR C 81 2.24 40.16 8.07
C TYR C 81 1.34 39.17 7.34
N ARG C 82 1.96 38.26 6.59
CA ARG C 82 1.23 37.22 5.90
C ARG C 82 1.09 36.00 6.80
N PHE C 83 -0.15 35.54 6.99
CA PHE C 83 -0.40 34.33 7.73
C PHE C 83 -1.59 33.60 7.12
N SER C 84 -1.75 32.34 7.49
CA SER C 84 -2.87 31.55 6.98
C SER C 84 -3.84 31.25 8.11
N ILE C 85 -5.10 31.09 7.75
CA ILE C 85 -6.13 30.67 8.70
C ILE C 85 -6.24 29.16 8.63
N SER C 86 -6.30 28.52 9.79
CA SER C 86 -6.43 27.07 9.84
C SER C 86 -7.90 26.70 9.67
N TRP C 87 -8.23 26.18 8.49
CA TRP C 87 -9.57 25.64 8.23
C TRP C 87 -10.08 24.74 9.34
N PRO C 88 -9.33 23.74 9.82
CA PRO C 88 -9.88 22.89 10.88
C PRO C 88 -9.99 23.58 12.22
N ARG C 89 -9.28 24.70 12.44
CA ARG C 89 -9.47 25.45 13.67
C ARG C 89 -10.75 26.28 13.62
N ILE C 90 -11.18 26.69 12.43
CA ILE C 90 -12.44 27.41 12.26
C ILE C 90 -13.61 26.45 12.15
N LEU C 91 -13.52 25.48 11.23
CA LEU C 91 -14.54 24.43 11.08
C LEU C 91 -13.86 23.08 11.29
N PRO C 92 -14.08 22.44 12.44
CA PRO C 92 -13.32 21.21 12.74
C PRO C 92 -13.58 20.06 11.77
N GLU C 93 -14.79 19.98 11.20
CA GLU C 93 -15.10 18.97 10.21
C GLU C 93 -15.19 19.56 8.80
N GLY C 94 -14.58 20.72 8.60
CA GLY C 94 -14.60 21.40 7.32
C GLY C 94 -15.89 22.10 6.99
N GLU C 95 -16.99 21.74 7.64
CA GLU C 95 -18.28 22.32 7.33
C GLU C 95 -19.15 22.28 8.58
N GLY C 96 -20.17 23.10 8.58
CA GLY C 96 -21.20 23.02 9.62
C GLY C 96 -20.91 23.95 10.80
N LYS C 97 -20.47 23.37 11.92
N LYS C 97 -20.52 23.37 11.93
CA LYS C 97 -20.39 24.09 13.18
CA LYS C 97 -20.39 24.10 13.18
C LYS C 97 -19.11 24.91 13.26
C LYS C 97 -19.11 24.93 13.18
N VAL C 98 -19.25 26.23 13.39
CA VAL C 98 -18.12 27.14 13.47
C VAL C 98 -17.60 27.19 14.90
N ASN C 99 -16.30 26.99 15.07
CA ASN C 99 -15.67 26.99 16.39
C ASN C 99 -15.48 28.43 16.85
N GLN C 100 -16.19 28.81 17.92
CA GLN C 100 -16.14 30.21 18.36
C GLN C 100 -14.74 30.61 18.79
N LYS C 101 -14.06 29.75 19.55
CA LYS C 101 -12.72 30.10 20.01
C LYS C 101 -11.74 30.14 18.84
N GLY C 102 -12.02 29.43 17.76
CA GLY C 102 -11.23 29.58 16.55
C GLY C 102 -11.34 30.99 15.98
N LEU C 103 -12.56 31.52 15.92
CA LEU C 103 -12.76 32.91 15.50
C LEU C 103 -12.12 33.89 16.50
N ASP C 104 -12.12 33.54 17.78
CA ASP C 104 -11.59 34.45 18.80
C ASP C 104 -10.09 34.66 18.62
N PHE C 105 -9.37 33.58 18.32
CA PHE C 105 -7.92 33.70 18.17
C PHE C 105 -7.57 34.61 17.00
N TYR C 106 -8.13 34.34 15.82
CA TYR C 106 -7.80 35.16 14.66
C TYR C 106 -8.35 36.58 14.80
N ASN C 107 -9.45 36.75 15.52
CA ASN C 107 -9.91 38.10 15.80
C ASN C 107 -8.94 38.83 16.72
N ASN C 108 -8.35 38.10 17.68
CA ASN C 108 -7.36 38.72 18.55
C ASN C 108 -6.05 38.95 17.82
N LEU C 109 -5.64 38.00 16.96
CA LEU C 109 -4.40 38.17 16.22
C LEU C 109 -4.51 39.35 15.26
N ILE C 110 -5.63 39.46 14.55
CA ILE C 110 -5.81 40.57 13.62
C ILE C 110 -5.82 41.90 14.37
N ASP C 111 -6.59 41.98 15.46
CA ASP C 111 -6.65 43.21 16.22
C ASP C 111 -5.27 43.61 16.74
N GLU C 112 -4.51 42.64 17.27
CA GLU C 112 -3.17 42.94 17.76
C GLU C 112 -2.27 43.46 16.65
N LEU C 113 -2.41 42.91 15.45
CA LEU C 113 -1.59 43.37 14.33
C LEU C 113 -1.93 44.79 13.93
N LEU C 114 -3.22 45.14 13.91
CA LEU C 114 -3.62 46.49 13.52
C LEU C 114 -3.16 47.50 14.56
N GLU C 115 -3.20 47.13 15.85
N GLU C 115 -3.21 47.12 15.85
CA GLU C 115 -2.77 48.05 16.90
CA GLU C 115 -2.76 48.00 16.92
C GLU C 115 -1.27 48.32 16.84
C GLU C 115 -1.28 48.34 16.79
N ASN C 116 -0.49 47.45 16.20
CA ASN C 116 0.93 47.66 16.01
C ASN C 116 1.26 48.10 14.58
N GLY C 117 0.27 48.52 13.81
CA GLY C 117 0.51 49.06 12.48
C GLY C 117 0.80 48.03 11.42
N ILE C 118 0.39 46.78 11.61
CA ILE C 118 0.72 45.68 10.72
C ILE C 118 -0.54 45.25 9.99
N GLU C 119 -0.51 45.31 8.66
CA GLU C 119 -1.66 44.94 7.86
C GLU C 119 -1.71 43.43 7.67
N PRO C 120 -2.85 42.79 7.94
CA PRO C 120 -2.95 41.34 7.72
C PRO C 120 -3.03 41.00 6.24
N PHE C 121 -2.27 39.98 5.85
CA PHE C 121 -2.27 39.40 4.51
C PHE C 121 -2.64 37.94 4.70
N VAL C 122 -3.90 37.57 4.46
CA VAL C 122 -4.45 36.33 4.97
C VAL C 122 -4.57 35.30 3.85
N THR C 123 -3.99 34.12 4.07
CA THR C 123 -4.15 32.98 3.18
C THR C 123 -5.24 32.08 3.72
N LEU C 124 -6.21 31.73 2.86
CA LEU C 124 -7.32 30.89 3.27
C LEU C 124 -6.88 29.43 3.43
N TYR C 125 -6.20 28.90 2.43
CA TYR C 125 -5.84 27.48 2.42
C TYR C 125 -4.33 27.36 2.25
N HIS C 126 -3.65 27.05 3.36
CA HIS C 126 -2.24 26.73 3.29
C HIS C 126 -2.02 25.28 3.69
N TRP C 127 -2.70 24.37 2.99
CA TRP C 127 -2.44 22.93 2.92
C TRP C 127 -3.05 22.12 4.07
N ASP C 128 -3.70 22.74 5.05
CA ASP C 128 -4.26 21.99 6.18
C ASP C 128 -5.75 21.74 5.95
N LEU C 129 -6.03 20.92 4.94
CA LEU C 129 -7.39 20.46 4.69
C LEU C 129 -7.90 19.68 5.89
N PRO C 130 -9.11 19.94 6.38
CA PRO C 130 -9.64 19.17 7.51
C PRO C 130 -9.72 17.68 7.18
N GLN C 131 -9.25 16.86 8.11
CA GLN C 131 -9.21 15.42 7.86
C GLN C 131 -10.60 14.85 7.62
N ALA C 132 -11.61 15.43 8.27
CA ALA C 132 -12.99 14.93 8.10
C ALA C 132 -13.44 15.04 6.64
N LEU C 133 -12.97 16.03 5.88
CA LEU C 133 -13.33 16.07 4.48
C LEU C 133 -12.43 15.17 3.63
N GLN C 134 -11.20 14.90 4.08
CA GLN C 134 -10.39 13.90 3.38
C GLN C 134 -11.01 12.51 3.49
N ASP C 135 -11.72 12.23 4.59
CA ASP C 135 -12.35 10.93 4.76
C ASP C 135 -13.40 10.66 3.69
N LYS C 136 -14.00 11.72 3.13
CA LYS C 136 -14.97 11.58 2.06
C LYS C 136 -14.36 11.80 0.69
N GLY C 137 -13.03 11.84 0.61
CA GLY C 137 -12.34 11.95 -0.66
C GLY C 137 -11.55 13.23 -0.85
N GLY C 138 -11.67 14.20 0.08
CA GLY C 138 -10.93 15.44 -0.04
C GLY C 138 -11.25 16.16 -1.34
N TRP C 139 -10.19 16.64 -2.00
CA TRP C 139 -10.38 17.46 -3.20
C TRP C 139 -10.88 16.66 -4.41
N GLU C 140 -10.86 15.34 -4.36
CA GLU C 140 -11.53 14.58 -5.41
C GLU C 140 -13.04 14.59 -5.27
N ASN C 141 -13.55 15.12 -4.16
CA ASN C 141 -14.98 15.16 -3.84
C ASN C 141 -15.46 16.60 -4.02
N ARG C 142 -16.51 16.77 -4.83
N ARG C 142 -16.51 16.77 -4.84
CA ARG C 142 -17.04 18.11 -5.05
CA ARG C 142 -17.07 18.10 -5.06
C ARG C 142 -17.65 18.71 -3.80
C ARG C 142 -17.64 18.71 -3.80
N GLU C 143 -18.01 17.89 -2.81
CA GLU C 143 -18.56 18.41 -1.57
C GLU C 143 -17.56 19.31 -0.85
N THR C 144 -16.26 19.06 -1.01
CA THR C 144 -15.28 19.92 -0.37
C THR C 144 -15.14 21.26 -1.06
N VAL C 145 -15.56 21.38 -2.32
CA VAL C 145 -15.64 22.68 -2.98
C VAL C 145 -16.68 23.55 -2.29
N ASP C 146 -17.86 22.98 -2.01
CA ASP C 146 -18.87 23.72 -1.27
C ASP C 146 -18.41 24.03 0.15
N ALA C 147 -17.74 23.07 0.80
CA ALA C 147 -17.25 23.31 2.15
C ALA C 147 -16.21 24.44 2.17
N PHE C 148 -15.39 24.53 1.13
CA PHE C 148 -14.42 25.62 1.05
C PHE C 148 -15.11 26.97 0.88
N ALA C 149 -16.12 27.02 0.00
CA ALA C 149 -16.87 28.25 -0.19
C ALA C 149 -17.48 28.71 1.13
N GLU C 150 -18.13 27.79 1.85
N GLU C 150 -18.14 27.79 1.84
CA GLU C 150 -18.71 28.16 3.13
CA GLU C 150 -18.71 28.10 3.14
C GLU C 150 -17.65 28.65 4.11
C GLU C 150 -17.65 28.64 4.09
N TYR C 151 -16.49 27.98 4.13
CA TYR C 151 -15.40 28.42 5.00
C TYR C 151 -14.88 29.78 4.59
N ALA C 152 -14.64 29.98 3.30
CA ALA C 152 -14.18 31.29 2.83
C ALA C 152 -15.19 32.37 3.16
N ARG C 153 -16.48 32.07 2.97
N ARG C 153 -16.48 32.07 2.97
CA ARG C 153 -17.52 33.06 3.27
CA ARG C 153 -17.52 33.05 3.27
C ARG C 153 -17.54 33.38 4.77
C ARG C 153 -17.54 33.38 4.76
N VAL C 154 -17.28 32.38 5.61
CA VAL C 154 -17.24 32.63 7.05
C VAL C 154 -16.12 33.60 7.39
N CYS C 155 -14.90 33.34 6.90
CA CYS C 155 -13.78 34.22 7.20
C CYS C 155 -14.02 35.63 6.68
N PHE C 156 -14.60 35.75 5.47
CA PHE C 156 -14.83 37.07 4.90
C PHE C 156 -15.70 37.92 5.80
N GLU C 157 -16.77 37.34 6.37
CA GLU C 157 -17.68 38.13 7.19
C GLU C 157 -17.09 38.42 8.57
N ARG C 158 -16.34 37.49 9.14
CA ARG C 158 -15.81 37.70 10.49
C ARG C 158 -14.56 38.56 10.48
N PHE C 159 -13.71 38.40 9.47
CA PHE C 159 -12.41 39.08 9.45
C PHE C 159 -12.27 40.11 8.35
N GLY C 160 -13.17 40.13 7.37
CA GLY C 160 -12.98 40.98 6.21
C GLY C 160 -13.13 42.46 6.50
N ASP C 161 -13.79 42.83 7.59
CA ASP C 161 -13.88 44.24 7.94
C ASP C 161 -12.53 44.83 8.34
N ARG C 162 -11.51 44.00 8.60
CA ARG C 162 -10.20 44.48 9.00
C ARG C 162 -9.06 43.87 8.19
N VAL C 163 -9.34 43.05 7.18
CA VAL C 163 -8.31 42.45 6.34
C VAL C 163 -8.52 42.91 4.91
N LYS C 164 -7.52 43.61 4.36
N LYS C 164 -7.52 43.59 4.35
CA LYS C 164 -7.60 44.13 3.01
CA LYS C 164 -7.61 44.13 3.00
C LYS C 164 -7.09 43.15 1.96
C LYS C 164 -6.95 43.24 1.95
N TYR C 165 -6.30 42.16 2.34
CA TYR C 165 -5.60 41.30 1.40
C TYR C 165 -5.89 39.84 1.72
N TRP C 166 -6.40 39.11 0.74
CA TRP C 166 -6.75 37.70 0.91
C TRP C 166 -6.09 36.87 -0.17
N ILE C 167 -5.76 35.63 0.19
CA ILE C 167 -5.23 34.64 -0.73
C ILE C 167 -6.07 33.37 -0.58
N THR C 168 -6.62 32.89 -1.70
CA THR C 168 -7.45 31.69 -1.66
C THR C 168 -6.61 30.45 -1.39
N PHE C 169 -5.63 30.17 -2.26
CA PHE C 169 -4.83 28.96 -2.18
C PHE C 169 -3.35 29.30 -2.25
N ASN C 170 -2.57 28.67 -1.39
CA ASN C 170 -1.12 28.78 -1.42
C ASN C 170 -0.54 27.67 -2.28
N GLU C 171 0.06 28.04 -3.41
CA GLU C 171 0.73 27.10 -4.30
C GLU C 171 -0.15 25.89 -4.65
N PRO C 172 -1.30 26.10 -5.28
CA PRO C 172 -2.11 24.93 -5.70
C PRO C 172 -1.33 24.02 -6.62
N ASN C 173 -0.48 24.57 -7.49
CA ASN C 173 0.37 23.75 -8.34
C ASN C 173 1.27 22.83 -7.52
N VAL C 174 1.86 23.35 -6.45
CA VAL C 174 2.78 22.54 -5.65
C VAL C 174 2.01 21.46 -4.91
N PHE C 175 0.94 21.83 -4.21
CA PHE C 175 0.16 20.84 -3.47
C PHE C 175 -0.39 19.75 -4.38
N ALA C 176 -0.93 20.14 -5.54
CA ALA C 176 -1.44 19.13 -6.47
C ALA C 176 -0.34 18.14 -6.87
N VAL C 177 0.86 18.64 -7.16
CA VAL C 177 1.98 17.76 -7.53
C VAL C 177 2.40 16.89 -6.35
N LEU C 178 2.73 17.51 -5.21
CA LEU C 178 3.27 16.75 -4.08
C LEU C 178 2.22 15.83 -3.47
N GLY C 179 0.96 16.26 -3.45
CA GLY C 179 -0.08 15.49 -2.80
C GLY C 179 -0.71 14.41 -3.65
N TYR C 180 -0.64 14.54 -4.98
CA TYR C 180 -1.35 13.64 -5.88
C TYR C 180 -0.49 13.02 -6.98
N LEU C 181 0.71 13.52 -7.23
CA LEU C 181 1.58 12.96 -8.26
C LEU C 181 2.77 12.19 -7.68
N SER C 182 3.52 12.79 -6.76
CA SER C 182 4.61 12.09 -6.10
C SER C 182 4.21 11.54 -4.76
N GLY C 183 3.10 12.00 -4.18
CA GLY C 183 2.64 11.47 -2.91
C GLY C 183 3.54 11.73 -1.74
N VAL C 184 4.44 12.72 -1.83
CA VAL C 184 5.31 13.03 -0.70
C VAL C 184 4.65 13.96 0.31
N HIS C 185 3.53 14.57 -0.05
CA HIS C 185 2.65 15.33 0.82
C HIS C 185 1.30 14.61 0.91
N PRO C 186 0.53 14.86 1.97
CA PRO C 186 -0.83 14.33 2.00
C PRO C 186 -1.67 14.94 0.89
N PRO C 187 -2.62 14.18 0.33
CA PRO C 187 -3.04 12.82 0.71
C PRO C 187 -2.16 11.68 0.18
N GLY C 188 -0.94 11.97 -0.25
CA GLY C 188 -0.03 10.91 -0.65
C GLY C 188 -0.41 10.13 -1.90
N MET C 189 -1.29 10.66 -2.75
CA MET C 189 -1.68 9.95 -3.96
C MET C 189 -0.58 10.01 -5.02
N LYS C 190 -0.62 9.06 -5.95
CA LYS C 190 0.32 9.02 -7.06
C LYS C 190 -0.48 8.66 -8.32
N ASP C 191 -1.35 9.56 -8.74
CA ASP C 191 -2.34 9.28 -9.77
C ASP C 191 -2.61 10.57 -10.54
N LEU C 192 -2.19 10.60 -11.81
CA LEU C 192 -2.42 11.80 -12.63
C LEU C 192 -3.90 12.06 -12.85
N LYS C 193 -4.70 11.01 -13.02
N LYS C 193 -4.70 11.01 -13.03
CA LYS C 193 -6.14 11.19 -13.16
CA LYS C 193 -6.14 11.17 -13.17
C LYS C 193 -6.75 11.82 -11.92
C LYS C 193 -6.74 11.81 -11.93
N LYS C 194 -6.21 11.50 -10.74
CA LYS C 194 -6.73 12.10 -9.52
C LYS C 194 -6.24 13.53 -9.35
N ALA C 195 -5.00 13.82 -9.78
CA ALA C 195 -4.49 15.18 -9.68
C ALA C 195 -5.33 16.13 -10.53
N PHE C 196 -5.72 15.69 -11.73
CA PHE C 196 -6.58 16.51 -12.58
C PHE C 196 -7.95 16.70 -11.96
N ARG C 197 -8.51 15.63 -11.39
CA ARG C 197 -9.79 15.77 -10.68
C ARG C 197 -9.65 16.72 -9.51
N ALA C 198 -8.56 16.63 -8.76
CA ALA C 198 -8.36 17.55 -7.65
C ALA C 198 -8.14 18.96 -8.16
N ALA C 199 -7.35 19.11 -9.23
CA ALA C 199 -7.14 20.43 -9.80
C ALA C 199 -8.45 21.07 -10.21
N HIS C 200 -9.36 20.28 -10.81
CA HIS C 200 -10.65 20.83 -11.22
C HIS C 200 -11.44 21.34 -10.02
N ASN C 201 -11.40 20.63 -8.90
CA ASN C 201 -12.14 21.07 -7.72
C ASN C 201 -11.45 22.25 -7.05
N LEU C 202 -10.12 22.23 -6.96
CA LEU C 202 -9.38 23.40 -6.50
C LEU C 202 -9.75 24.64 -7.30
N LEU C 203 -9.88 24.48 -8.62
CA LEU C 203 -10.22 25.62 -9.46
C LEU C 203 -11.65 26.10 -9.19
N LEU C 204 -12.60 25.16 -9.06
CA LEU C 204 -13.95 25.54 -8.69
C LEU C 204 -13.98 26.26 -7.35
N ALA C 205 -13.23 25.75 -6.38
CA ALA C 205 -13.21 26.34 -5.04
C ALA C 205 -12.62 27.74 -5.06
N HIS C 206 -11.59 27.96 -5.87
CA HIS C 206 -11.04 29.31 -5.98
C HIS C 206 -12.04 30.26 -6.61
N ALA C 207 -12.74 29.81 -7.65
CA ALA C 207 -13.74 30.67 -8.30
C ALA C 207 -14.91 30.94 -7.37
N ARG C 208 -15.31 29.94 -6.58
N ARG C 208 -15.33 29.94 -6.58
CA ARG C 208 -16.42 30.11 -5.64
CA ARG C 208 -16.42 30.14 -5.65
C ARG C 208 -16.05 31.09 -4.54
C ARG C 208 -16.05 31.12 -4.55
N ALA C 209 -14.81 31.02 -4.06
CA ALA C 209 -14.37 31.93 -2.99
C ALA C 209 -14.30 33.38 -3.47
N VAL C 210 -13.74 33.60 -4.66
CA VAL C 210 -13.70 34.95 -5.22
C VAL C 210 -15.12 35.46 -5.45
N LYS C 211 -16.02 34.57 -5.86
CA LYS C 211 -17.42 34.96 -6.04
C LYS C 211 -18.03 35.47 -4.75
N ALA C 212 -17.81 34.74 -3.65
CA ALA C 212 -18.33 35.16 -2.36
C ALA C 212 -17.67 36.45 -1.91
N TYR C 213 -16.37 36.61 -2.17
CA TYR C 213 -15.66 37.80 -1.71
C TYR C 213 -16.16 39.05 -2.43
N ARG C 214 -16.24 39.00 -3.76
N ARG C 214 -16.24 39.00 -3.76
CA ARG C 214 -16.73 40.16 -4.51
CA ARG C 214 -16.73 40.16 -4.51
C ARG C 214 -18.19 40.44 -4.21
C ARG C 214 -18.19 40.44 -4.20
N GLU C 215 -18.96 39.42 -3.81
CA GLU C 215 -20.37 39.60 -3.51
C GLU C 215 -20.58 40.15 -2.10
N ILE C 216 -19.69 39.84 -1.16
CA ILE C 216 -19.73 40.46 0.17
C ILE C 216 -19.33 41.92 0.12
N SER C 217 -18.81 42.39 -1.01
CA SER C 217 -18.74 43.83 -1.30
C SER C 217 -17.82 44.56 -0.34
N GLN C 218 -16.82 43.84 0.18
CA GLN C 218 -15.76 44.51 0.94
C GLN C 218 -14.67 45.02 0.02
N ASN C 219 -14.24 46.26 0.25
CA ASN C 219 -13.33 46.96 -0.65
C ASN C 219 -11.89 46.52 -0.36
N GLY C 220 -11.60 45.28 -0.75
CA GLY C 220 -10.27 44.73 -0.60
C GLY C 220 -9.82 43.97 -1.83
N GLN C 221 -8.68 43.30 -1.73
CA GLN C 221 -8.10 42.58 -2.87
C GLN C 221 -7.95 41.12 -2.50
N ILE C 222 -8.34 40.24 -3.41
CA ILE C 222 -8.20 38.80 -3.25
C ILE C 222 -7.31 38.28 -4.37
N GLY C 223 -6.43 37.34 -4.04
CA GLY C 223 -5.50 36.84 -5.02
C GLY C 223 -5.15 35.39 -4.81
N ILE C 224 -4.12 34.92 -5.52
CA ILE C 224 -3.63 33.56 -5.39
C ILE C 224 -2.12 33.58 -5.37
N THR C 225 -1.52 32.50 -4.90
CA THR C 225 -0.08 32.38 -4.75
C THR C 225 0.43 31.17 -5.53
N LEU C 226 1.58 31.33 -6.18
CA LEU C 226 2.18 30.24 -6.94
C LEU C 226 3.68 30.18 -6.73
N ASN C 227 4.21 28.97 -6.69
CA ASN C 227 5.63 28.71 -6.67
C ASN C 227 5.98 28.15 -8.05
N LEU C 228 6.61 28.99 -8.88
CA LEU C 228 6.90 28.62 -10.26
C LEU C 228 8.28 27.99 -10.43
N SER C 229 8.99 27.75 -9.34
CA SER C 229 10.30 27.09 -9.38
C SER C 229 10.39 26.02 -8.30
N PRO C 230 9.47 25.06 -8.30
CA PRO C 230 9.46 24.07 -7.23
C PRO C 230 10.61 23.09 -7.38
N VAL C 231 11.23 22.75 -6.24
CA VAL C 231 12.28 21.76 -6.18
C VAL C 231 11.76 20.55 -5.42
N TYR C 232 11.89 19.37 -6.03
CA TYR C 232 11.24 18.14 -5.58
C TYR C 232 12.25 17.18 -4.94
N PRO C 233 11.79 16.23 -4.13
CA PRO C 233 12.72 15.34 -3.43
C PRO C 233 13.36 14.31 -4.35
N ALA C 234 14.45 13.71 -3.86
CA ALA C 234 15.18 12.66 -4.56
C ALA C 234 15.12 11.40 -3.70
N SER C 235 14.32 10.43 -4.13
CA SER C 235 14.12 9.21 -3.36
C SER C 235 15.18 8.17 -3.70
N ASP C 236 15.18 7.09 -2.91
CA ASP C 236 16.06 5.97 -3.17
C ASP C 236 15.71 5.28 -4.48
N ASN C 237 14.41 5.09 -4.74
CA ASN C 237 13.95 4.41 -5.94
C ASN C 237 14.01 5.38 -7.12
N GLU C 238 14.99 5.18 -8.00
CA GLU C 238 15.13 6.06 -9.15
C GLU C 238 13.90 6.02 -10.04
N GLU C 239 13.37 4.82 -10.29
CA GLU C 239 12.22 4.70 -11.19
C GLU C 239 11.00 5.41 -10.62
N GLU C 240 10.73 5.21 -9.32
CA GLU C 240 9.64 5.93 -8.67
C GLU C 240 9.78 7.43 -8.86
N ASP C 241 11.01 7.94 -8.72
CA ASP C 241 11.24 9.37 -8.87
C ASP C 241 10.91 9.84 -10.28
N LYS C 242 11.47 9.18 -11.29
CA LYS C 242 11.24 9.63 -12.67
C LYS C 242 9.81 9.32 -13.11
N ALA C 243 9.18 8.29 -12.57
CA ALA C 243 7.75 8.13 -12.76
C ALA C 243 6.99 9.32 -12.19
N ALA C 244 7.38 9.77 -10.99
CA ALA C 244 6.79 11.00 -10.47
C ALA C 244 7.19 12.20 -11.31
N ALA C 245 8.39 12.19 -11.89
CA ALA C 245 8.86 13.34 -12.64
C ALA C 245 8.01 13.55 -13.90
N GLU C 246 7.76 12.48 -14.65
CA GLU C 246 6.98 12.64 -15.88
C GLU C 246 5.50 12.79 -15.61
N ARG C 247 4.99 12.31 -14.47
CA ARG C 247 3.64 12.67 -14.07
C ARG C 247 3.53 14.18 -13.85
N ALA C 248 4.51 14.79 -13.18
CA ALA C 248 4.48 16.23 -12.98
C ALA C 248 4.67 16.98 -14.29
N ASP C 249 5.49 16.44 -15.20
CA ASP C 249 5.72 17.12 -16.47
C ASP C 249 4.42 17.25 -17.24
N GLN C 250 3.67 16.15 -17.37
CA GLN C 250 2.37 16.19 -18.02
C GLN C 250 1.44 17.19 -17.34
N PHE C 251 1.29 17.07 -16.01
CA PHE C 251 0.46 18.00 -15.26
C PHE C 251 0.88 19.44 -15.51
N ASN C 252 2.17 19.74 -15.34
CA ASN C 252 2.64 21.11 -15.52
C ASN C 252 2.48 21.57 -16.95
N ASN C 253 2.85 20.73 -17.92
CA ASN C 253 2.74 21.13 -19.32
C ASN C 253 1.29 21.37 -19.73
N TRP C 254 0.35 20.65 -19.10
CA TRP C 254 -1.06 20.89 -19.37
C TRP C 254 -1.46 22.32 -18.98
N PHE C 255 -1.06 22.76 -17.79
CA PHE C 255 -1.45 24.08 -17.32
C PHE C 255 -0.68 25.19 -18.02
N LEU C 256 0.46 24.88 -18.63
CA LEU C 256 1.21 25.85 -19.41
C LEU C 256 0.97 25.70 -20.90
N ASP C 257 -0.01 24.90 -21.30
CA ASP C 257 -0.19 24.64 -22.73
C ASP C 257 -0.63 25.91 -23.44
N PRO C 258 -0.02 26.24 -24.58
CA PRO C 258 -0.35 27.50 -25.27
C PRO C 258 -1.80 27.60 -25.71
N ILE C 259 -2.50 26.48 -25.90
CA ILE C 259 -3.86 26.52 -26.41
C ILE C 259 -4.77 27.30 -25.47
N PHE C 260 -4.45 27.34 -24.18
CA PHE C 260 -5.30 28.04 -23.22
C PHE C 260 -5.08 29.54 -23.22
N LYS C 261 -3.91 30.01 -23.66
CA LYS C 261 -3.54 31.42 -23.61
C LYS C 261 -3.65 31.97 -22.18
N GLY C 262 -3.33 31.12 -21.20
CA GLY C 262 -3.34 31.52 -19.81
C GLY C 262 -4.69 31.90 -19.26
N LYS C 263 -5.77 31.44 -19.87
CA LYS C 263 -7.13 31.78 -19.45
C LYS C 263 -7.68 30.60 -18.65
N TYR C 264 -7.84 30.81 -17.34
CA TYR C 264 -8.35 29.73 -16.48
C TYR C 264 -9.83 29.48 -16.68
N GLU C 265 -10.54 30.44 -17.28
CA GLU C 265 -11.90 30.19 -17.73
C GLU C 265 -11.96 28.97 -18.64
N HIS C 266 -11.05 28.90 -19.61
CA HIS C 266 -11.06 27.81 -20.59
C HIS C 266 -10.36 26.57 -20.05
N MET C 267 -9.38 26.74 -19.16
N MET C 267 -9.35 26.75 -19.19
CA MET C 267 -8.74 25.59 -18.55
CA MET C 267 -8.74 25.60 -18.54
C MET C 267 -9.74 24.81 -17.69
C MET C 267 -9.77 24.82 -17.73
N LEU C 268 -10.63 25.53 -16.98
CA LEU C 268 -11.66 24.86 -16.21
C LEU C 268 -12.63 24.09 -17.11
N GLU C 269 -13.03 24.70 -18.23
CA GLU C 269 -13.94 24.00 -19.13
C GLU C 269 -13.26 22.80 -19.77
N ARG C 270 -12.01 22.97 -20.19
N ARG C 270 -11.99 22.95 -20.17
CA ARG C 270 -11.26 21.87 -20.76
CA ARG C 270 -11.32 21.81 -20.79
C ARG C 270 -11.07 20.75 -19.75
C ARG C 270 -10.96 20.73 -19.77
N LEU C 271 -10.73 21.12 -18.51
CA LEU C 271 -10.53 20.13 -17.46
C LEU C 271 -11.81 19.34 -17.20
N GLY C 272 -12.96 20.02 -17.26
CA GLY C 272 -14.22 19.35 -16.97
C GLY C 272 -14.56 18.27 -17.96
N GLU C 273 -14.53 18.59 -19.25
CA GLU C 273 -14.79 17.56 -20.25
C GLU C 273 -13.65 16.55 -20.32
N GLN C 274 -12.45 16.91 -19.89
CA GLN C 274 -11.36 15.95 -19.86
C GLN C 274 -11.66 14.81 -18.91
N ILE C 275 -12.03 15.13 -17.66
CA ILE C 275 -12.34 14.09 -16.68
C ILE C 275 -13.58 13.31 -17.12
N ALA C 276 -14.56 14.00 -17.71
CA ALA C 276 -15.72 13.32 -18.26
C ALA C 276 -15.34 12.38 -19.39
N ALA C 277 -14.16 12.57 -20.00
CA ALA C 277 -13.64 11.65 -21.00
C ALA C 277 -12.40 10.93 -20.46
N PRO C 283 -19.71 16.79 -15.08
CA PRO C 283 -19.04 17.95 -14.47
C PRO C 283 -19.78 19.26 -14.76
N GLU C 284 -20.99 19.39 -14.21
N GLU C 284 -20.98 19.39 -14.21
CA GLU C 284 -21.80 20.57 -14.43
CA GLU C 284 -21.79 20.58 -14.45
C GLU C 284 -21.20 21.78 -13.72
C GLU C 284 -21.21 21.78 -13.72
N ILE C 285 -21.34 22.95 -14.34
CA ILE C 285 -20.89 24.22 -13.77
C ILE C 285 -22.04 25.23 -13.86
N THR C 286 -21.82 26.41 -13.29
CA THR C 286 -22.79 27.49 -13.31
C THR C 286 -22.18 28.75 -13.89
N ASP C 287 -21.54 29.56 -13.04
CA ASP C 287 -20.89 30.80 -13.45
C ASP C 287 -19.41 30.84 -13.04
N GLU C 288 -18.82 29.70 -12.75
CA GLU C 288 -17.41 29.67 -12.36
C GLU C 288 -16.52 30.14 -13.50
N MET C 289 -16.88 29.81 -14.74
CA MET C 289 -16.15 30.35 -15.88
C MET C 289 -16.27 31.87 -15.93
N GLU C 290 -17.46 32.39 -15.62
CA GLU C 290 -17.67 33.84 -15.58
C GLU C 290 -16.70 34.51 -14.61
N ILE C 291 -16.60 33.98 -13.38
CA ILE C 291 -15.74 34.61 -12.37
C ILE C 291 -14.27 34.41 -12.72
N LEU C 292 -13.92 33.23 -13.26
CA LEU C 292 -12.53 32.98 -13.63
C LEU C 292 -12.07 33.90 -14.75
N SER C 293 -12.98 34.30 -15.64
CA SER C 293 -12.60 35.23 -16.71
C SER C 293 -12.32 36.61 -16.17
N ALA C 294 -12.95 36.97 -15.04
CA ALA C 294 -12.67 38.26 -14.43
C ALA C 294 -11.25 38.30 -13.89
N SER C 295 -10.67 39.49 -13.90
CA SER C 295 -9.33 39.70 -13.40
C SER C 295 -9.23 39.34 -11.92
N LEU C 296 -8.13 38.70 -11.54
CA LEU C 296 -7.78 38.66 -10.14
C LEU C 296 -7.16 39.99 -9.71
N ASP C 297 -7.22 40.26 -8.41
CA ASP C 297 -6.69 41.53 -7.92
C ASP C 297 -5.16 41.55 -7.98
N PHE C 298 -4.52 40.43 -7.70
CA PHE C 298 -3.07 40.36 -7.73
C PHE C 298 -2.64 38.90 -7.86
N ILE C 299 -1.36 38.71 -8.20
CA ILE C 299 -0.73 37.39 -8.23
C ILE C 299 0.31 37.34 -7.13
N GLY C 300 0.29 36.28 -6.34
CA GLY C 300 1.28 36.05 -5.31
C GLY C 300 2.38 35.11 -5.82
N LEU C 301 3.62 35.53 -5.62
CA LEU C 301 4.78 34.80 -6.13
C LEU C 301 5.66 34.39 -4.94
N ASN C 302 5.75 33.07 -4.71
CA ASN C 302 6.69 32.49 -3.76
C ASN C 302 7.94 32.07 -4.52
N TYR C 303 9.10 32.56 -4.10
CA TYR C 303 10.34 32.25 -4.80
C TYR C 303 11.42 31.89 -3.81
N TYR C 304 12.04 30.72 -4.02
CA TYR C 304 13.18 30.28 -3.22
C TYR C 304 14.40 30.00 -4.08
N THR C 305 14.30 29.04 -5.00
CA THR C 305 15.39 28.69 -5.89
C THR C 305 14.87 28.70 -7.33
N SER C 306 15.74 28.40 -8.28
CA SER C 306 15.38 28.39 -9.69
C SER C 306 15.95 27.15 -10.35
N ASN C 307 15.07 26.31 -10.90
CA ASN C 307 15.50 25.08 -11.57
C ASN C 307 16.35 25.40 -12.80
N GLU C 333 21.83 26.54 -6.95
CA GLU C 333 20.68 26.60 -6.05
C GLU C 333 20.14 28.02 -5.94
N ILE C 334 21.02 28.97 -5.63
CA ILE C 334 20.64 30.34 -5.36
C ILE C 334 20.85 31.14 -6.65
N TYR C 335 19.75 31.65 -7.20
CA TYR C 335 19.76 32.33 -8.49
C TYR C 335 18.84 33.53 -8.40
N PRO C 336 19.34 34.64 -7.85
CA PRO C 336 18.48 35.83 -7.70
C PRO C 336 18.05 36.41 -9.04
N GLU C 337 18.86 36.26 -10.08
CA GLU C 337 18.43 36.68 -11.41
C GLU C 337 17.18 35.94 -11.86
N GLY C 338 16.97 34.72 -11.32
CA GLY C 338 15.81 33.94 -11.71
C GLY C 338 14.51 34.55 -11.25
N LEU C 339 14.52 35.19 -10.08
CA LEU C 339 13.31 35.84 -9.58
C LEU C 339 12.96 37.06 -10.43
N TYR C 340 13.97 37.80 -10.89
CA TYR C 340 13.70 38.92 -11.77
C TYR C 340 13.07 38.45 -13.08
N ASP C 341 13.64 37.38 -13.68
CA ASP C 341 13.09 36.84 -14.92
C ASP C 341 11.66 36.36 -14.73
N LEU C 342 11.38 35.73 -13.58
CA LEU C 342 10.02 35.27 -13.31
C LEU C 342 9.05 36.44 -13.22
N LEU C 343 9.46 37.53 -12.55
CA LEU C 343 8.60 38.71 -12.43
C LEU C 343 8.29 39.31 -13.79
N LYS C 344 9.29 39.44 -14.65
CA LYS C 344 9.06 39.99 -15.98
C LYS C 344 8.10 39.11 -16.79
N ARG C 345 8.24 37.80 -16.69
CA ARG C 345 7.42 36.91 -17.50
C ARG C 345 5.97 36.92 -17.03
N ILE C 346 5.76 36.81 -15.72
CA ILE C 346 4.39 36.82 -15.22
C ILE C 346 3.75 38.18 -15.45
N HIS C 347 4.53 39.25 -15.37
CA HIS C 347 4.00 40.58 -15.64
C HIS C 347 3.50 40.71 -17.08
N GLU C 348 4.32 40.28 -18.04
CA GLU C 348 3.89 40.31 -19.43
C GLU C 348 2.69 39.40 -19.66
N LYS C 349 2.70 38.22 -19.05
CA LYS C 349 1.62 37.25 -19.26
C LYS C 349 0.29 37.71 -18.69
N TYR C 350 0.31 38.50 -17.61
CA TYR C 350 -0.95 38.80 -16.94
C TYR C 350 -1.18 40.29 -16.68
N ASN C 351 -0.10 41.06 -16.50
CA ASN C 351 -0.20 42.51 -16.31
C ASN C 351 -1.09 42.85 -15.10
N LEU C 352 -0.67 42.38 -13.93
CA LEU C 352 -1.37 42.60 -12.68
C LEU C 352 -0.35 42.92 -11.61
N PRO C 353 -0.75 43.61 -10.54
CA PRO C 353 0.18 43.81 -9.41
C PRO C 353 0.61 42.48 -8.82
N ILE C 354 1.89 42.39 -8.45
CA ILE C 354 2.50 41.17 -7.95
C ILE C 354 3.01 41.43 -6.55
N TYR C 355 2.73 40.50 -5.64
CA TYR C 355 3.30 40.50 -4.30
C TYR C 355 4.26 39.32 -4.17
N ILE C 356 5.49 39.59 -3.77
CA ILE C 356 6.44 38.53 -3.43
C ILE C 356 6.01 37.96 -2.09
N THR C 357 5.12 36.96 -2.13
CA THR C 357 4.52 36.46 -0.90
C THR C 357 5.43 35.52 -0.12
N GLU C 358 6.51 35.02 -0.72
CA GLU C 358 7.48 34.20 0.00
C GLU C 358 8.84 34.33 -0.66
N ASN C 359 9.87 34.50 0.16
CA ASN C 359 11.25 34.56 -0.28
C ASN C 359 12.13 34.38 0.94
N GLY C 360 13.06 33.43 0.88
CA GLY C 360 13.90 33.14 2.02
C GLY C 360 14.83 31.98 1.73
N MET C 361 15.70 31.72 2.69
CA MET C 361 16.70 30.67 2.59
C MET C 361 16.79 29.92 3.90
N ALA C 362 16.94 28.59 3.80
CA ALA C 362 17.18 27.75 4.94
C ALA C 362 18.67 27.82 5.25
N VAL C 363 19.02 28.43 6.36
CA VAL C 363 20.40 28.45 6.82
C VAL C 363 20.49 27.56 8.01
N ASP C 364 21.73 27.24 8.39
CA ASP C 364 21.86 26.24 9.42
C ASP C 364 22.30 26.91 10.71
N ASP C 365 21.34 27.58 11.32
CA ASP C 365 21.59 28.56 12.36
C ASP C 365 21.94 27.91 13.70
N GLU C 366 22.97 28.46 14.35
CA GLU C 366 23.34 28.09 15.71
C GLU C 366 23.37 29.34 16.56
N VAL C 367 22.73 29.28 17.73
CA VAL C 367 22.85 30.37 18.68
C VAL C 367 24.24 30.32 19.32
N GLU C 368 25.00 31.41 19.19
CA GLU C 368 26.33 31.53 19.76
C GLU C 368 26.33 32.74 20.69
N ASP C 369 26.34 32.48 22.01
CA ASP C 369 26.29 33.53 23.02
C ASP C 369 25.08 34.44 22.79
N GLY C 370 23.91 33.82 22.65
CA GLY C 370 22.67 34.55 22.47
C GLY C 370 22.50 35.22 21.13
N ALA C 371 23.35 34.95 20.15
CA ALA C 371 23.29 35.59 18.85
C ALA C 371 23.30 34.55 17.75
N VAL C 372 22.66 34.89 16.62
CA VAL C 372 22.65 34.06 15.43
C VAL C 372 23.19 34.90 14.28
N HIS C 373 24.39 34.57 13.80
CA HIS C 373 25.06 35.35 12.76
C HIS C 373 24.80 34.72 11.39
N ASP C 374 23.57 34.89 10.91
CA ASP C 374 23.16 34.31 9.63
C ASP C 374 23.46 35.29 8.50
N THR C 375 24.77 35.50 8.29
CA THR C 375 25.23 36.49 7.33
C THR C 375 24.88 36.11 5.89
N ASN C 376 24.72 34.82 5.59
CA ASN C 376 24.36 34.44 4.23
C ASN C 376 22.86 34.57 3.97
N ARG C 377 22.02 34.51 5.00
CA ARG C 377 20.62 34.87 4.78
C ARG C 377 20.48 36.34 4.43
N ILE C 378 21.34 37.20 4.98
CA ILE C 378 21.31 38.60 4.59
C ILE C 378 21.76 38.76 3.15
N ASP C 379 22.84 38.06 2.78
CA ASP C 379 23.30 38.08 1.40
C ASP C 379 22.20 37.62 0.44
N TYR C 380 21.46 36.57 0.84
CA TYR C 380 20.39 36.05 -0.01
C TYR C 380 19.26 37.07 -0.16
N LEU C 381 18.78 37.61 0.97
CA LEU C 381 17.68 38.56 0.94
C LEU C 381 18.08 39.85 0.25
N LYS C 382 19.32 40.28 0.44
CA LYS C 382 19.79 41.50 -0.23
C LYS C 382 19.82 41.30 -1.74
N GLU C 383 20.44 40.22 -2.22
CA GLU C 383 20.56 40.01 -3.65
C GLU C 383 19.23 39.70 -4.31
N HIS C 384 18.25 39.19 -3.57
CA HIS C 384 16.94 38.96 -4.14
C HIS C 384 16.07 40.21 -4.12
N LEU C 385 16.35 41.14 -3.20
CA LEU C 385 15.61 42.39 -3.19
C LEU C 385 16.04 43.30 -4.35
N GLU C 386 17.34 43.33 -4.65
CA GLU C 386 17.78 44.13 -5.79
C GLU C 386 17.32 43.54 -7.11
N ALA C 387 17.07 42.23 -7.17
CA ALA C 387 16.40 41.67 -8.35
C ALA C 387 14.96 42.12 -8.42
N VAL C 388 14.26 42.15 -7.28
CA VAL C 388 12.90 42.67 -7.23
C VAL C 388 12.88 44.13 -7.64
N HIS C 389 13.85 44.91 -7.15
CA HIS C 389 13.90 46.33 -7.46
C HIS C 389 14.12 46.57 -8.94
N LYS C 390 15.01 45.77 -9.55
CA LYS C 390 15.24 45.93 -10.99
C LYS C 390 13.97 45.66 -11.78
N ALA C 391 13.18 44.67 -11.34
CA ALA C 391 11.92 44.39 -12.01
C ALA C 391 10.94 45.56 -11.87
N ILE C 392 10.94 46.21 -10.71
CA ILE C 392 10.11 47.39 -10.52
C ILE C 392 10.58 48.52 -11.42
N GLU C 393 11.89 48.64 -11.61
CA GLU C 393 12.42 49.65 -12.54
C GLU C 393 11.84 49.47 -13.93
N GLU C 394 11.75 48.22 -14.39
CA GLU C 394 11.37 47.90 -15.76
C GLU C 394 9.87 47.74 -15.94
N GLY C 395 9.07 48.15 -14.96
CA GLY C 395 7.63 48.24 -15.13
C GLY C 395 6.82 47.18 -14.45
N VAL C 396 7.44 46.21 -13.78
CA VAL C 396 6.68 45.21 -13.05
C VAL C 396 6.08 45.87 -11.81
N ASN C 397 4.81 45.60 -11.55
CA ASN C 397 4.08 46.26 -10.47
C ASN C 397 4.15 45.43 -9.18
N VAL C 398 5.36 45.29 -8.66
CA VAL C 398 5.57 44.61 -7.38
C VAL C 398 5.14 45.54 -6.26
N ARG C 399 4.13 45.14 -5.49
CA ARG C 399 3.54 46.01 -4.48
C ARG C 399 3.89 45.60 -3.05
N GLY C 400 4.64 44.51 -2.87
CA GLY C 400 4.99 44.08 -1.53
C GLY C 400 5.92 42.88 -1.57
N TYR C 401 6.60 42.67 -0.44
CA TYR C 401 7.63 41.64 -0.34
C TYR C 401 7.61 41.03 1.06
N PHE C 402 7.42 39.71 1.14
CA PHE C 402 7.30 39.02 2.42
C PHE C 402 8.40 37.97 2.53
N VAL C 403 9.25 38.09 3.55
CA VAL C 403 10.29 37.11 3.80
C VAL C 403 9.66 35.83 4.35
N TRP C 404 10.07 34.68 3.81
CA TRP C 404 9.81 33.40 4.46
C TRP C 404 11.08 33.01 5.23
N SER C 405 10.96 32.93 6.55
CA SER C 405 9.71 33.22 7.25
C SER C 405 9.99 34.12 8.45
N LEU C 406 8.93 34.53 9.14
CA LEU C 406 9.10 35.37 10.32
C LEU C 406 9.95 34.68 11.39
N MET C 407 9.73 33.38 11.59
CA MET C 407 10.42 32.58 12.58
C MET C 407 10.66 31.19 12.03
N ASP C 408 11.68 30.52 12.58
CA ASP C 408 11.85 29.10 12.29
C ASP C 408 10.57 28.35 12.62
N ASN C 409 10.28 27.29 11.88
CA ASN C 409 8.99 26.63 12.06
C ASN C 409 9.06 25.20 11.52
N PHE C 410 7.88 24.58 11.40
CA PHE C 410 7.74 23.19 10.97
C PHE C 410 7.71 23.17 9.43
N GLU C 411 8.83 22.81 8.82
CA GLU C 411 8.96 22.86 7.36
C GLU C 411 8.49 21.54 6.75
N TRP C 412 7.18 21.31 6.89
CA TRP C 412 6.46 20.20 6.26
C TRP C 412 7.24 18.90 6.48
N ALA C 413 7.55 18.14 5.42
CA ALA C 413 8.23 16.85 5.58
C ALA C 413 9.67 16.99 6.06
N ASN C 414 10.26 18.17 5.92
CA ASN C 414 11.58 18.40 6.51
C ASN C 414 11.54 18.62 8.02
N GLY C 415 10.35 18.64 8.63
CA GLY C 415 10.27 18.83 10.06
C GLY C 415 10.87 20.15 10.49
N TYR C 416 11.57 20.14 11.62
CA TYR C 416 12.21 21.35 12.15
C TYR C 416 13.66 21.47 11.73
N SER C 417 14.12 20.61 10.82
CA SER C 417 15.50 20.57 10.39
C SER C 417 15.85 21.62 9.34
N LYS C 418 14.91 22.47 8.94
CA LYS C 418 15.15 23.54 7.97
C LYS C 418 14.64 24.83 8.58
N ARG C 419 15.57 25.74 8.92
CA ARG C 419 15.23 26.98 9.57
C ARG C 419 15.25 28.11 8.53
N PHE C 420 14.08 28.74 8.35
CA PHE C 420 13.92 29.84 7.41
C PHE C 420 13.74 31.18 8.11
N GLY C 421 13.60 31.19 9.42
CA GLY C 421 13.10 32.39 10.09
C GLY C 421 14.10 33.52 10.14
N LEU C 422 13.57 34.74 10.14
CA LEU C 422 14.35 35.89 10.60
C LEU C 422 14.61 35.80 12.10
N ILE C 423 13.84 34.98 12.80
CA ILE C 423 13.92 34.83 14.25
C ILE C 423 14.17 33.36 14.56
N TYR C 424 15.17 33.10 15.40
CA TYR C 424 15.47 31.75 15.84
C TYR C 424 14.46 31.32 16.91
N VAL C 425 13.98 30.09 16.78
CA VAL C 425 13.07 29.50 17.76
C VAL C 425 13.74 28.28 18.36
N ASP C 426 14.00 28.33 19.66
CA ASP C 426 14.47 27.17 20.40
C ASP C 426 13.25 26.38 20.87
N TYR C 427 13.10 25.14 20.38
CA TYR C 427 11.84 24.44 20.54
C TYR C 427 11.61 23.86 21.95
N LYS C 428 12.65 23.71 22.77
CA LYS C 428 12.37 23.33 24.16
C LYS C 428 11.97 24.54 25.00
N THR C 429 12.74 25.62 24.91
CA THR C 429 12.42 26.85 25.64
C THR C 429 11.25 27.61 25.02
N GLN C 430 10.98 27.40 23.72
CA GLN C 430 10.10 28.25 22.92
C GLN C 430 10.57 29.70 22.92
N LYS C 431 11.86 29.90 23.16
CA LYS C 431 12.44 31.24 23.18
C LYS C 431 12.70 31.73 21.77
N ARG C 432 12.34 32.98 21.51
CA ARG C 432 12.59 33.65 20.24
C ARG C 432 13.85 34.50 20.35
N THR C 433 14.82 34.24 19.49
CA THR C 433 16.04 35.04 19.41
C THR C 433 16.20 35.62 18.02
N PRO C 434 15.95 36.92 17.82
CA PRO C 434 16.06 37.50 16.48
C PRO C 434 17.47 37.34 15.93
N LYS C 435 17.56 36.80 14.72
CA LYS C 435 18.83 36.57 14.06
C LYS C 435 19.39 37.89 13.53
N LYS C 436 20.65 37.83 13.07
CA LYS C 436 21.25 39.04 12.52
C LYS C 436 20.46 39.58 11.32
N SER C 437 19.85 38.70 10.53
CA SER C 437 19.06 39.17 9.40
C SER C 437 17.83 39.97 9.86
N ALA C 438 17.31 39.70 11.06
CA ALA C 438 16.16 40.46 11.53
C ALA C 438 16.54 41.92 11.80
N TYR C 439 17.77 42.16 12.24
CA TYR C 439 18.22 43.53 12.43
C TYR C 439 18.59 44.19 11.11
N TRP C 440 19.08 43.40 10.14
CA TRP C 440 19.33 43.92 8.81
C TRP C 440 18.02 44.29 8.12
N TYR C 441 17.03 43.39 8.17
CA TYR C 441 15.74 43.68 7.57
C TYR C 441 15.08 44.89 8.19
N ARG C 442 15.27 45.10 9.49
CA ARG C 442 14.69 46.25 10.16
C ARG C 442 15.16 47.55 9.51
N GLU C 443 16.46 47.65 9.21
CA GLU C 443 16.96 48.88 8.60
C GLU C 443 16.60 48.94 7.11
N VAL C 444 16.40 47.79 6.47
CA VAL C 444 15.85 47.79 5.12
C VAL C 444 14.50 48.50 5.11
N ILE C 445 13.59 48.09 6.01
CA ILE C 445 12.27 48.69 6.03
C ILE C 445 12.34 50.15 6.47
N LYS C 446 13.27 50.49 7.36
CA LYS C 446 13.40 51.88 7.78
C LYS C 446 13.92 52.75 6.64
N SER C 447 14.81 52.21 5.81
CA SER C 447 15.30 52.93 4.63
C SER C 447 14.32 52.89 3.47
N ASN C 448 13.24 52.11 3.59
CA ASN C 448 12.36 51.77 2.46
C ASN C 448 13.16 51.37 1.22
N GLY C 449 14.22 50.62 1.43
CA GLY C 449 15.03 50.17 0.32
C GLY C 449 16.34 49.61 0.80
N LEU C 450 17.15 49.23 -0.17
CA LEU C 450 18.50 48.81 0.12
C LEU C 450 19.27 50.08 0.35
#